data_5X7P
#
_entry.id   5X7P
#
_cell.length_a   184.287
_cell.length_b   271.517
_cell.length_c   133.630
_cell.angle_alpha   90.00
_cell.angle_beta   90.00
_cell.angle_gamma   90.00
#
_symmetry.space_group_name_H-M   'C 2 2 21'
#
loop_
_entity.id
_entity.type
_entity.pdbx_description
1 polymer 'Glycoside hydrolase family 31 alpha-glucosidase'
2 branched 4,6-dideoxy-4-{[(1S,4R,5S,6S)-4,5,6-trihydroxy-3-(hydroxymethyl)cyclohex-2-en-1-yl]amino}-alpha-D-glucopyranose-(1-4)-alpha-D-glucopyranose-(1-4)-alpha-D-glucopyranose
3 branched alpha-D-glucopyranose-(1-4)-alpha-D-glucopyranose
4 branched 4,6-dideoxy-4-{[(1S,4R,5S,6S)-4,5,6-trihydroxy-3-(hydroxymethyl)cyclohex-2-en-1-yl]amino}-alpha-D-glucopyranose-(1-4)-alpha-D-glucopyranose
5 non-polymer 'CALCIUM ION'
6 non-polymer 'NICKEL (II) ION'
7 non-polymer 'MAGNESIUM ION'
8 non-polymer 'SULFATE ION'
9 non-polymer '2-(N-MORPHOLINO)-ETHANESULFONIC ACID'
10 non-polymer 1,2-ETHANEDIOL
11 water water
#
_entity_poly.entity_id   1
_entity_poly.type   'polypeptide(L)'
_entity_poly.pdbx_seq_one_letter_code
;HHHHHHSSGLVPRGSHMAGLGNVTGAVASGDSLTLTLDNGTSASDILELDVLSEELLRVDYRPSGAAPSPSTPMIDPDAS
WDAVGATIDTSGDPIVVTTPRMRIEIARTPARMTIKKADGTTLLWEPASGGVFEDGVRFQRGSTDNIYGIRSFNAQEDVG
GLLRNSSDHPAHAGQQGDAGGPFMWSTAGYGVLVDSDGGYPYTDTTGKLEFYYGGTPTEGRRYTKTNVEYYIMVGEPKEI
MASYAQVTGTAPMLPKWSLGFMNFEWGIDQDELEAHVDGYRARNIPIDAFALDYDWMDYGEDNYGEFRWNTDNFPDAATT
QLKEDMEAEGIRLIGIRKPRIITRDFANQRTQQYYDADSNGYFYPGHNEYTDYFIPVTVRSFDPYQQASRDWWWQHSIDA
FDKGIVGWWNDETDKVDSGSAQYWFGNFSTGFTSQAMYDGQRDYTNDGVRVWQTARSYYPGAQRYATTLWSGDIGTQFYK
GELFNWAPGMQEQPRIMLSSANLGQPKWGMDTGGFNSLGGASGPNPSPELYTRWMQFGAFTPVFRVHGNYNQQRQPWLYG
ATAEEASKAVMHTRYSLLPYMYAYEREASETGLGLIKPLLFDYPNDPQAADYTEAWMFGDWLLVSPVLGEAQHSKQIYLP
AGTWIDYHRGQTYSGGQTIHYPVNADTWTDVPLFVKQGAIIPNQQVLDYVDQQSVTTVNVDIFPSASETSFTYYEDDGSS
YDYESGSSFEQRLAAQDLSSSVRVEVGAGSGSYTPDVQHYVLKIHGRAGSAVTAGGSALTGYGDLQALQAASGSGWASGR
DIYGDVTYVKLPAASGSATVVEVSGSAPSAATHAIYEVEDASRSGATPTTRAGINTNHSGYSGSGFVDKLDVPGAAVTVY
ANAPVSGDYPVELRYANGSGSAKTLSVYVNAARVQQLSLADTGAWSQWGTQTTTLPLTAGQNIITYKYDSDAGDTGGVNL
DYIRVPFAPTQAEYAAESAKLWGGAGTSQDHWFYKGAAFVDNLTGVGAEASFDVYAPSAGTYNLSLRYANGTGSTKTLSA
IVNGGAASTVTLTSPGMNWNLWNEHTMTATLTAGRNTISFRRNSGNSGNVNLDRLAVSASAITTLASERNLLDNGDFERD
TTYNSNWTQWQPSGQPSAFGIDSGNALHPPEGPARRNQRAYFHSDNAYQQSIHQVVDVPVNNATYRLEAKVRMKNTTPTT
ARAEVQGHGGSPIYANISNDGVWKTIVIDNINVTSGSVDVGFYVDSPGYTTLHIDEVTLTRAP
;
_entity_poly.pdbx_strand_id   A,B
#
# COMPACT_ATOMS: atom_id res chain seq x y z
N MET A 17 18.23 39.29 -6.03
CA MET A 17 19.55 38.81 -5.52
C MET A 17 20.54 39.96 -5.29
N ALA A 18 20.14 40.93 -4.45
CA ALA A 18 20.91 42.17 -4.19
C ALA A 18 20.83 42.64 -2.73
N GLY A 19 21.95 43.20 -2.25
CA GLY A 19 22.10 43.53 -0.83
C GLY A 19 21.50 44.86 -0.47
N LEU A 20 21.56 45.24 0.80
CA LEU A 20 20.99 46.51 1.28
C LEU A 20 21.74 47.71 0.75
N GLY A 21 21.04 48.84 0.81
CA GLY A 21 21.61 50.14 0.41
C GLY A 21 22.16 50.87 1.62
N ASN A 22 22.51 52.13 1.40
CA ASN A 22 23.25 52.89 2.41
C ASN A 22 22.34 53.26 3.56
N VAL A 23 22.93 53.37 4.75
CA VAL A 23 22.19 53.92 5.89
C VAL A 23 21.94 55.41 5.64
N THR A 24 20.70 55.84 5.84
CA THR A 24 20.31 57.25 5.78
C THR A 24 19.73 57.76 7.12
N GLY A 25 19.58 56.87 8.09
CA GLY A 25 19.15 57.26 9.42
C GLY A 25 19.28 56.11 10.44
N ALA A 26 19.71 56.49 11.64
CA ALA A 26 19.92 55.57 12.74
C ALA A 26 19.33 56.22 13.99
N VAL A 27 18.41 55.52 14.64
CA VAL A 27 17.67 56.02 15.79
C VAL A 27 17.80 54.97 16.88
N ALA A 28 18.65 55.27 17.86
CA ALA A 28 18.83 54.42 19.02
C ALA A 28 17.80 54.75 20.06
N SER A 29 17.39 53.76 20.86
CA SER A 29 16.40 53.93 21.92
C SER A 29 16.39 52.68 22.81
N GLY A 30 16.94 52.76 24.02
CA GLY A 30 17.11 51.61 24.88
C GLY A 30 17.98 50.56 24.20
N ASP A 31 17.47 49.33 24.18
CA ASP A 31 18.16 48.22 23.48
C ASP A 31 17.81 48.10 21.99
N SER A 32 16.99 49.00 21.46
CA SER A 32 16.63 48.95 20.04
C SER A 32 17.44 49.95 19.20
N LEU A 33 17.74 49.55 17.97
CA LEU A 33 18.35 50.41 16.97
C LEU A 33 17.50 50.25 15.72
N THR A 34 17.04 51.37 15.15
CA THR A 34 16.25 51.32 13.92
C THR A 34 16.99 52.03 12.81
N LEU A 35 17.18 51.33 11.71
CA LEU A 35 17.92 51.84 10.56
C LEU A 35 16.99 52.00 9.34
N THR A 36 17.14 53.12 8.65
CA THR A 36 16.42 53.44 7.43
C THR A 36 17.45 53.26 6.32
N LEU A 37 17.14 52.43 5.30
CA LEU A 37 18.09 52.20 4.21
C LEU A 37 17.59 52.73 2.88
N ASP A 38 18.51 53.34 2.15
CA ASP A 38 18.23 53.83 0.81
C ASP A 38 17.97 52.65 -0.12
N ASN A 39 16.84 52.69 -0.82
CA ASN A 39 16.52 51.77 -1.91
C ASN A 39 16.18 52.55 -3.23
N GLY A 40 16.48 53.85 -3.24
CA GLY A 40 16.15 54.75 -4.37
C GLY A 40 14.71 55.23 -4.53
N THR A 41 13.85 55.04 -3.52
CA THR A 41 12.41 55.44 -3.56
C THR A 41 12.00 56.18 -2.30
N SER A 42 10.86 56.86 -2.35
CA SER A 42 10.35 57.56 -1.14
C SER A 42 10.07 56.63 0.03
N ALA A 43 9.68 55.38 -0.26
CA ALA A 43 9.47 54.34 0.79
C ALA A 43 10.75 53.52 1.03
N SER A 44 11.56 54.05 1.96
CA SER A 44 12.82 53.42 2.30
C SER A 44 12.59 52.10 3.07
N ASP A 45 13.60 51.22 2.98
CA ASP A 45 13.65 50.03 3.78
C ASP A 45 13.91 50.39 5.23
N ILE A 46 13.36 49.58 6.13
CA ILE A 46 13.71 49.58 7.55
C ILE A 46 14.49 48.29 7.95
N LEU A 47 15.38 48.43 8.93
CA LEU A 47 16.04 47.32 9.62
C LEU A 47 16.04 47.58 11.12
N GLU A 48 15.15 46.92 11.85
CA GLU A 48 15.09 47.08 13.29
C GLU A 48 15.94 45.97 13.95
N LEU A 49 16.95 46.37 14.73
CA LEU A 49 17.71 45.47 15.56
C LEU A 49 17.22 45.64 16.97
N ASP A 50 16.97 44.52 17.68
CA ASP A 50 16.72 44.56 19.12
C ASP A 50 17.69 43.63 19.86
N VAL A 51 18.34 44.15 20.89
CA VAL A 51 19.20 43.36 21.76
C VAL A 51 18.30 42.80 22.83
N LEU A 52 18.17 41.47 22.84
CA LEU A 52 17.23 40.77 23.69
C LEU A 52 17.87 40.32 24.98
N SER A 53 19.07 39.77 24.85
CA SER A 53 19.93 39.41 25.96
C SER A 53 21.31 39.85 25.52
N GLU A 54 22.22 39.85 26.49
CA GLU A 54 23.65 40.04 26.24
C GLU A 54 24.22 39.26 25.04
N GLU A 55 23.64 38.08 24.74
CA GLU A 55 24.18 37.20 23.69
C GLU A 55 23.19 36.84 22.59
N LEU A 56 22.09 37.59 22.53
CA LEU A 56 20.98 37.36 21.59
C LEU A 56 20.42 38.67 20.96
N LEU A 57 20.54 38.74 19.64
CA LEU A 57 20.11 39.85 18.83
C LEU A 57 18.92 39.47 17.95
N ARG A 58 17.85 40.27 17.99
CA ARG A 58 16.78 40.17 16.98
C ARG A 58 17.03 41.16 15.82
N VAL A 59 16.72 40.78 14.59
CA VAL A 59 16.84 41.62 13.40
C VAL A 59 15.56 41.42 12.61
N ASP A 60 14.87 42.50 12.27
CA ASP A 60 13.63 42.46 11.45
C ASP A 60 13.80 43.42 10.29
N TYR A 61 13.89 42.85 9.07
CA TYR A 61 14.09 43.60 7.83
C TYR A 61 12.72 43.76 7.17
N ARG A 62 12.29 45.00 6.99
CA ARG A 62 10.99 45.33 6.45
C ARG A 62 11.23 46.10 5.18
N PRO A 63 11.21 45.41 4.02
CA PRO A 63 11.42 46.14 2.77
C PRO A 63 10.33 47.22 2.55
N SER A 64 10.77 48.39 2.08
CA SER A 64 9.94 49.59 1.94
C SER A 64 9.24 50.03 3.22
N GLY A 65 9.85 49.70 4.37
CA GLY A 65 9.29 50.03 5.67
C GLY A 65 7.89 49.57 5.93
N ALA A 66 7.41 48.58 5.15
CA ALA A 66 6.06 48.07 5.33
C ALA A 66 5.99 47.30 6.66
N ALA A 67 4.78 47.18 7.20
CA ALA A 67 4.57 46.49 8.46
C ALA A 67 4.96 44.99 8.33
N PRO A 68 5.61 44.41 9.36
CA PRO A 68 5.97 42.98 9.31
C PRO A 68 4.72 42.09 9.28
N SER A 69 4.84 40.90 8.67
CA SER A 69 3.79 39.93 8.68
C SER A 69 3.77 39.30 10.07
N PRO A 70 2.70 38.60 10.43
CA PRO A 70 2.76 37.91 11.72
C PRO A 70 3.88 36.85 11.74
N SER A 71 4.46 36.67 12.92
CA SER A 71 5.47 35.66 13.15
C SER A 71 4.81 34.28 13.02
N THR A 72 5.51 33.30 12.44
CA THR A 72 5.01 31.91 12.34
C THR A 72 4.91 31.35 13.76
N PRO A 73 4.34 30.13 13.93
CA PRO A 73 4.39 29.52 15.26
C PRO A 73 5.74 29.05 15.73
N MET A 74 6.80 29.17 14.94
CA MET A 74 8.13 28.95 15.51
C MET A 74 8.34 29.76 16.79
N ILE A 75 7.88 31.00 16.76
CA ILE A 75 8.23 31.96 17.77
C ILE A 75 7.33 31.80 18.98
N ASP A 76 7.92 31.79 20.16
CA ASP A 76 7.10 31.73 21.36
C ASP A 76 6.27 33.03 21.46
N PRO A 77 4.92 32.92 21.41
CA PRO A 77 4.16 34.19 21.48
C PRO A 77 4.38 34.97 22.77
N ASP A 78 4.69 34.25 23.87
CA ASP A 78 4.92 34.84 25.20
C ASP A 78 6.38 35.20 25.56
N ALA A 79 7.37 35.02 24.69
CA ALA A 79 8.76 35.33 25.08
C ALA A 79 8.93 36.76 25.66
N SER A 80 9.87 36.87 26.58
CA SER A 80 10.10 38.07 27.36
C SER A 80 11.52 38.07 27.93
N TRP A 81 12.25 39.15 27.70
CA TRP A 81 13.57 39.34 28.27
C TRP A 81 13.68 40.55 29.24
N ASP A 82 14.51 40.40 30.28
CA ASP A 82 15.01 41.52 31.07
C ASP A 82 15.66 42.58 30.13
N ALA A 83 15.57 43.85 30.50
CA ALA A 83 16.33 44.90 29.82
C ALA A 83 17.84 44.60 29.86
N VAL A 84 18.54 44.72 28.74
CA VAL A 84 19.98 44.39 28.68
C VAL A 84 20.85 45.61 28.97
N GLY A 85 20.39 46.80 28.56
CA GLY A 85 21.20 48.02 28.66
C GLY A 85 22.40 48.05 27.73
N ALA A 86 22.19 47.76 26.46
CA ALA A 86 23.30 47.65 25.51
C ALA A 86 23.78 49.03 25.07
N THR A 87 25.01 49.09 24.58
CA THR A 87 25.65 50.34 24.22
C THR A 87 25.57 50.45 22.72
N ILE A 88 24.91 51.49 22.26
CA ILE A 88 24.70 51.71 20.84
C ILE A 88 25.30 53.07 20.47
N ASP A 89 26.31 53.05 19.60
CA ASP A 89 27.10 54.21 19.20
C ASP A 89 26.80 54.48 17.74
N THR A 90 25.97 55.50 17.50
CA THR A 90 25.56 55.92 16.17
C THR A 90 26.45 57.03 15.60
N SER A 91 27.46 57.48 16.37
CA SER A 91 28.34 58.59 15.97
C SER A 91 29.20 58.32 14.72
N GLY A 92 29.71 57.10 14.56
CA GLY A 92 30.76 56.81 13.57
C GLY A 92 30.34 55.88 12.45
N ASP A 93 31.32 55.46 11.65
CA ASP A 93 31.21 54.39 10.67
C ASP A 93 32.30 53.36 11.00
N PRO A 94 31.89 52.17 11.49
CA PRO A 94 30.51 51.67 11.58
C PRO A 94 29.72 52.14 12.80
N ILE A 95 28.41 51.91 12.75
CA ILE A 95 27.54 51.98 13.92
C ILE A 95 27.91 50.75 14.75
N VAL A 96 27.77 50.82 16.08
CA VAL A 96 28.36 49.80 16.98
C VAL A 96 27.47 49.52 18.20
N VAL A 97 26.90 48.31 18.25
CA VAL A 97 26.17 47.82 19.43
C VAL A 97 27.10 46.89 20.23
N THR A 98 27.25 47.12 21.52
CA THR A 98 28.09 46.26 22.35
C THR A 98 27.32 45.80 23.56
N THR A 99 27.65 44.59 24.01
CA THR A 99 27.25 44.08 25.32
C THR A 99 28.55 43.54 25.89
N PRO A 100 28.52 43.06 27.14
CA PRO A 100 29.70 42.29 27.61
C PRO A 100 30.05 41.06 26.77
N ARG A 101 29.07 40.43 26.09
CA ARG A 101 29.31 39.17 25.36
C ARG A 101 29.46 39.29 23.84
N MET A 102 28.91 40.33 23.24
CA MET A 102 29.05 40.53 21.80
C MET A 102 29.19 41.98 21.37
N ARG A 103 29.65 42.10 20.15
CA ARG A 103 29.88 43.36 19.49
C ARG A 103 29.26 43.28 18.08
N ILE A 104 28.27 44.13 17.78
CA ILE A 104 27.64 44.15 16.45
C ILE A 104 28.03 45.45 15.77
N GLU A 105 28.67 45.32 14.60
CA GLU A 105 29.05 46.42 13.72
C GLU A 105 28.20 46.46 12.46
N ILE A 106 27.61 47.61 12.16
CA ILE A 106 26.88 47.83 10.91
C ILE A 106 27.60 48.96 10.14
N ALA A 107 28.31 48.59 9.08
CA ALA A 107 28.88 49.57 8.15
C ALA A 107 27.72 50.32 7.45
N ARG A 108 27.98 51.58 7.05
CA ARG A 108 26.89 52.45 6.53
C ARG A 108 26.77 52.45 5.01
N THR A 109 27.88 52.17 4.30
CA THR A 109 27.96 52.36 2.84
C THR A 109 28.55 51.13 2.05
N PRO A 110 27.71 50.12 1.69
CA PRO A 110 26.28 49.94 1.99
C PRO A 110 26.10 49.33 3.37
N ALA A 111 24.86 49.21 3.86
CA ALA A 111 24.64 48.59 5.18
C ALA A 111 25.00 47.08 5.19
N ARG A 112 25.92 46.71 6.07
CA ARG A 112 26.43 45.35 6.18
C ARG A 112 26.71 45.07 7.61
N MET A 113 26.18 43.95 8.14
CA MET A 113 26.41 43.57 9.55
C MET A 113 27.60 42.65 9.74
N THR A 114 28.46 42.99 10.69
CA THR A 114 29.48 42.11 11.20
C THR A 114 29.19 41.82 12.67
N ILE A 115 29.24 40.53 13.03
CA ILE A 115 29.00 40.07 14.40
C ILE A 115 30.31 39.51 14.94
N LYS A 116 30.60 39.94 16.17
CA LYS A 116 31.82 39.68 16.85
C LYS A 116 31.56 39.39 18.31
N LYS A 117 32.54 38.74 18.92
CA LYS A 117 32.56 38.61 20.37
C LYS A 117 32.96 39.96 20.96
N ALA A 118 32.72 40.14 22.26
CA ALA A 118 33.12 41.37 22.98
C ALA A 118 34.60 41.70 22.76
N ASP A 119 35.39 40.65 22.63
CA ASP A 119 36.84 40.76 22.50
C ASP A 119 37.32 41.06 21.08
N GLY A 120 36.38 41.27 20.14
CA GLY A 120 36.72 41.69 18.79
C GLY A 120 36.83 40.54 17.81
N THR A 121 36.75 39.28 18.28
CA THR A 121 36.85 38.12 17.35
C THR A 121 35.65 38.12 16.41
N THR A 122 35.97 37.97 15.13
CA THR A 122 34.96 37.99 14.11
C THR A 122 34.30 36.59 14.09
N LEU A 123 32.97 36.56 14.24
CA LEU A 123 32.19 35.32 14.20
C LEU A 123 31.54 35.11 12.81
N LEU A 124 30.69 36.05 12.38
CA LEU A 124 30.23 36.08 11.01
C LEU A 124 29.84 37.47 10.54
N TRP A 125 29.74 37.60 9.23
CA TRP A 125 29.47 38.89 8.61
C TRP A 125 28.70 38.74 7.30
N GLU A 126 27.97 39.78 6.93
CA GLU A 126 27.31 39.84 5.62
C GLU A 126 28.35 40.27 4.60
N PRO A 127 28.49 39.53 3.48
CA PRO A 127 29.55 39.89 2.54
C PRO A 127 29.21 41.13 1.69
N ALA A 128 30.22 41.68 1.03
CA ALA A 128 30.04 42.84 0.14
C ALA A 128 28.95 42.58 -0.87
N SER A 129 29.02 41.42 -1.54
CA SER A 129 28.02 41.00 -2.53
C SER A 129 26.57 41.03 -2.08
N GLY A 130 26.27 40.99 -0.76
CA GLY A 130 24.88 41.02 -0.28
C GLY A 130 24.60 40.18 0.97
N GLY A 131 23.91 40.77 1.95
CA GLY A 131 23.48 40.06 3.14
C GLY A 131 21.98 39.83 3.11
N VAL A 132 21.29 40.27 4.17
CA VAL A 132 19.85 40.22 4.22
C VAL A 132 19.22 40.85 2.97
N PHE A 133 18.15 40.24 2.50
CA PHE A 133 17.37 40.75 1.40
C PHE A 133 15.92 40.28 1.61
N GLU A 134 15.08 40.59 0.64
CA GLU A 134 13.62 40.35 0.69
C GLU A 134 13.19 38.89 0.92
N ASP A 135 14.08 37.96 0.58
CA ASP A 135 13.81 36.55 0.58
C ASP A 135 14.84 35.75 1.41
N GLY A 136 15.59 36.41 2.30
CA GLY A 136 16.44 35.67 3.25
C GLY A 136 17.62 36.37 3.84
N VAL A 137 18.55 35.57 4.36
CA VAL A 137 19.74 36.08 5.03
C VAL A 137 20.94 35.45 4.36
N ARG A 138 22.04 36.16 4.37
CA ARG A 138 23.26 35.69 3.71
C ARG A 138 24.45 36.16 4.48
N PHE A 139 25.15 35.17 5.04
CA PHE A 139 26.36 35.37 5.81
C PHE A 139 27.58 34.63 5.22
N GLN A 140 28.74 35.02 5.73
CA GLN A 140 30.00 34.41 5.44
C GLN A 140 30.66 34.26 6.82
N ARG A 141 31.40 33.16 6.99
CA ARG A 141 32.06 32.86 8.25
C ARG A 141 33.30 32.06 7.98
N GLY A 142 34.08 31.73 9.01
CA GLY A 142 35.27 30.90 8.83
C GLY A 142 34.92 29.60 8.14
N SER A 143 35.66 29.29 7.08
CA SER A 143 35.36 28.14 6.25
C SER A 143 35.57 26.79 6.96
N THR A 144 36.44 26.73 7.97
CA THR A 144 36.64 25.52 8.77
C THR A 144 35.68 25.38 9.98
N ASP A 145 34.77 26.35 10.16
CA ASP A 145 33.79 26.25 11.22
C ASP A 145 32.91 25.07 10.98
N ASN A 146 32.62 24.35 12.04
CA ASN A 146 31.67 23.26 11.98
C ASN A 146 30.25 23.73 12.25
N ILE A 147 29.32 23.31 11.37
CA ILE A 147 27.93 23.78 11.40
C ILE A 147 27.01 22.64 11.82
N TYR A 148 25.95 22.96 12.57
CA TYR A 148 24.97 21.99 13.11
C TYR A 148 23.59 22.55 12.93
N GLY A 149 22.61 21.66 13.02
CA GLY A 149 21.23 22.00 12.92
C GLY A 149 20.66 21.60 11.59
N ILE A 150 19.70 22.39 11.12
CA ILE A 150 19.03 22.26 9.84
C ILE A 150 18.10 21.07 9.75
N ARG A 151 18.68 19.90 10.02
CA ARG A 151 18.05 18.65 9.65
C ARG A 151 18.52 17.48 10.48
N SER A 152 17.69 16.44 10.44
CA SER A 152 18.02 15.11 10.88
C SER A 152 17.75 14.09 9.74
N PHE A 153 17.49 12.82 10.08
CA PHE A 153 17.20 11.80 9.07
C PHE A 153 16.01 10.92 9.47
N ASN A 154 15.30 10.45 8.47
CA ASN A 154 14.09 9.72 8.73
C ASN A 154 14.31 8.23 8.61
N ALA A 155 13.28 7.45 8.84
CA ALA A 155 13.38 6.00 8.83
C ALA A 155 13.36 5.40 7.41
N GLN A 156 13.51 6.23 6.39
CA GLN A 156 13.59 5.77 5.00
C GLN A 156 14.82 6.31 4.31
N GLU A 157 15.71 6.95 5.06
CA GLU A 157 16.80 7.71 4.47
C GLU A 157 18.11 7.13 4.90
N ASP A 158 19.14 7.36 4.07
CA ASP A 158 20.52 7.22 4.53
C ASP A 158 20.74 8.19 5.67
N VAL A 159 21.40 7.71 6.71
CA VAL A 159 21.62 8.48 7.91
C VAL A 159 23.05 9.00 7.91
N GLY A 160 23.19 10.31 7.77
CA GLY A 160 24.49 11.03 7.88
C GLY A 160 24.96 11.16 9.31
N GLY A 161 25.82 12.16 9.56
CA GLY A 161 26.28 12.48 10.90
C GLY A 161 25.64 13.78 11.37
N LEU A 162 26.37 14.49 12.23
CA LEU A 162 25.90 15.76 12.80
C LEU A 162 26.32 16.96 11.98
N LEU A 163 27.49 16.90 11.36
CA LEU A 163 28.02 17.98 10.54
C LEU A 163 27.11 18.36 9.38
N ARG A 164 26.98 19.67 9.15
CA ARG A 164 26.16 20.24 8.12
C ARG A 164 27.01 21.28 7.36
N ASN A 165 28.22 20.87 6.97
CA ASN A 165 29.21 21.81 6.43
C ASN A 165 29.05 22.01 4.93
N SER A 166 28.29 21.13 4.29
CA SER A 166 28.00 21.21 2.87
C SER A 166 26.54 20.91 2.68
N SER A 167 25.64 21.71 3.25
CA SER A 167 24.20 21.38 3.27
C SER A 167 23.36 22.23 2.32
N ASP A 168 22.45 21.57 1.61
CA ASP A 168 21.36 22.24 0.89
C ASP A 168 20.02 21.55 1.08
N HIS A 169 19.87 20.76 2.16
CA HIS A 169 18.61 20.06 2.45
C HIS A 169 17.62 21.11 2.91
N PRO A 170 16.34 21.01 2.54
CA PRO A 170 15.37 21.98 3.06
C PRO A 170 15.21 21.91 4.56
N ALA A 171 14.72 23.01 5.14
CA ALA A 171 14.28 23.04 6.54
C ALA A 171 12.82 22.61 6.55
N HIS A 172 12.55 21.46 7.13
CA HIS A 172 11.17 21.00 7.26
C HIS A 172 10.99 20.07 8.46
N ALA A 173 9.76 19.94 8.93
CA ALA A 173 9.41 18.91 9.90
C ALA A 173 9.73 17.52 9.35
N GLY A 174 9.35 17.29 8.09
CA GLY A 174 9.60 16.03 7.37
C GLY A 174 8.61 14.96 7.78
N GLN A 175 9.07 13.70 7.69
CA GLN A 175 8.28 12.52 8.08
C GLN A 175 9.15 11.41 8.69
N GLN A 176 8.50 10.40 9.26
CA GLN A 176 9.17 9.19 9.70
C GLN A 176 10.39 9.48 10.60
N GLY A 177 10.19 10.32 11.62
CA GLY A 177 11.22 10.63 12.63
C GLY A 177 12.21 11.73 12.28
N ASP A 178 11.95 12.40 11.17
CA ASP A 178 12.76 13.53 10.76
C ASP A 178 12.51 14.67 11.69
N ALA A 179 13.47 15.57 11.66
CA ALA A 179 13.35 16.82 12.31
C ALA A 179 14.14 17.83 11.51
N GLY A 180 13.72 19.08 11.57
CA GLY A 180 14.50 20.12 10.90
C GLY A 180 13.94 21.47 11.20
N GLY A 181 14.67 22.48 10.75
CA GLY A 181 14.19 23.86 10.82
C GLY A 181 15.22 24.86 10.42
N PRO A 182 14.89 26.15 10.44
CA PRO A 182 15.77 27.23 9.97
C PRO A 182 16.73 27.64 11.08
N PHE A 183 17.60 26.70 11.43
CA PHE A 183 18.44 26.85 12.63
C PHE A 183 19.75 26.18 12.22
N MET A 184 20.75 27.04 11.99
CA MET A 184 22.10 26.70 11.64
C MET A 184 22.97 27.34 12.73
N TRP A 185 23.81 26.53 13.39
CA TRP A 185 24.74 27.10 14.37
C TRP A 185 26.07 26.38 14.37
N SER A 186 27.09 27.03 14.93
CA SER A 186 28.47 26.52 14.98
C SER A 186 29.10 26.47 16.38
N THR A 187 29.96 25.48 16.54
CA THR A 187 30.81 25.38 17.70
C THR A 187 31.88 26.51 17.72
N ALA A 188 32.13 27.15 16.56
CA ALA A 188 32.95 28.36 16.51
C ALA A 188 32.32 29.60 17.23
N GLY A 189 31.11 29.53 17.72
CA GLY A 189 30.61 30.51 18.67
C GLY A 189 29.37 31.35 18.32
N TYR A 190 28.66 30.97 17.26
CA TYR A 190 27.49 31.70 16.80
C TYR A 190 26.40 30.78 16.36
N GLY A 191 25.18 31.33 16.31
CA GLY A 191 24.03 30.63 15.78
C GLY A 191 23.09 31.58 15.08
N VAL A 192 22.34 31.06 14.11
CA VAL A 192 21.39 31.83 13.32
C VAL A 192 20.07 31.10 13.20
N LEU A 193 19.00 31.80 13.56
CA LEU A 193 17.65 31.29 13.53
C LEU A 193 16.73 32.25 12.74
N VAL A 194 16.03 31.70 11.74
CA VAL A 194 15.13 32.50 10.91
C VAL A 194 13.68 32.08 11.10
N ASP A 195 12.80 33.05 11.34
CA ASP A 195 11.37 32.72 11.43
C ASP A 195 10.85 32.46 10.05
N SER A 196 10.48 31.22 9.79
CA SER A 196 10.03 30.82 8.47
C SER A 196 9.20 29.59 8.56
N ASP A 197 8.33 29.41 7.56
CA ASP A 197 7.53 28.20 7.32
C ASP A 197 8.22 27.48 6.15
N GLY A 198 9.12 26.57 6.47
CA GLY A 198 9.88 25.86 5.48
C GLY A 198 10.94 26.79 4.98
N GLY A 199 11.62 26.35 3.94
CA GLY A 199 12.71 27.13 3.38
C GLY A 199 13.96 26.33 3.14
N TYR A 200 15.00 27.02 2.68
CA TYR A 200 16.19 26.37 2.10
C TYR A 200 17.48 26.94 2.71
N PRO A 201 18.00 26.28 3.78
CA PRO A 201 19.28 26.68 4.32
C PRO A 201 20.39 26.25 3.37
N TYR A 202 21.48 27.03 3.32
CA TYR A 202 22.63 26.70 2.50
C TYR A 202 23.95 26.97 3.18
N THR A 203 24.79 25.94 3.22
CA THR A 203 26.19 26.06 3.65
C THR A 203 27.10 25.37 2.64
N ASP A 204 28.34 25.86 2.60
CA ASP A 204 29.41 25.23 1.82
C ASP A 204 30.76 25.54 2.48
N THR A 205 31.79 24.87 2.02
CA THR A 205 33.11 24.99 2.65
C THR A 205 33.94 26.16 2.13
N THR A 206 33.35 27.04 1.32
CA THR A 206 33.93 28.40 1.13
C THR A 206 33.56 29.33 2.29
N GLY A 207 32.62 28.91 3.16
CA GLY A 207 32.26 29.70 4.35
C GLY A 207 30.88 30.29 4.35
N LYS A 208 30.04 29.88 3.41
CA LYS A 208 28.74 30.50 3.25
C LYS A 208 27.80 29.97 4.29
N LEU A 209 26.90 30.84 4.73
CA LEU A 209 25.87 30.44 5.64
C LEU A 209 24.61 31.26 5.35
N GLU A 210 23.67 30.65 4.64
CA GLU A 210 22.57 31.36 4.02
C GLU A 210 21.24 30.68 4.35
N PHE A 211 20.13 31.44 4.26
CA PHE A 211 18.82 30.88 4.30
C PHE A 211 17.94 31.63 3.33
N TYR A 212 17.21 30.89 2.50
CA TYR A 212 16.27 31.42 1.51
C TYR A 212 14.84 30.94 1.73
N TYR A 213 13.90 31.87 1.72
CA TYR A 213 12.50 31.49 1.76
C TYR A 213 12.14 30.59 0.59
N GLY A 214 12.58 30.97 -0.60
CA GLY A 214 12.43 30.14 -1.83
C GLY A 214 10.98 29.94 -2.27
N GLY A 215 10.76 29.06 -3.23
CA GLY A 215 9.36 28.75 -3.63
C GLY A 215 8.62 27.88 -2.60
N THR A 216 7.30 27.75 -2.75
CA THR A 216 6.52 26.87 -1.90
C THR A 216 7.22 25.48 -1.82
N PRO A 217 7.53 25.02 -0.61
CA PRO A 217 8.15 23.72 -0.51
C PRO A 217 7.09 22.62 -0.61
N THR A 218 7.54 21.40 -0.85
CA THR A 218 6.69 20.22 -0.95
C THR A 218 5.58 20.11 0.13
N GLU A 219 5.95 20.45 1.36
CA GLU A 219 5.00 20.42 2.49
C GLU A 219 3.92 21.53 2.49
N GLY A 220 4.01 22.48 1.57
CA GLY A 220 3.08 23.58 1.53
C GLY A 220 3.69 24.71 2.35
N ARG A 221 3.12 25.89 2.21
CA ARG A 221 3.50 27.03 3.03
C ARG A 221 2.22 27.78 3.38
N ARG A 222 1.85 27.85 4.65
CA ARG A 222 0.63 28.59 5.04
C ARG A 222 0.90 29.82 5.89
N TYR A 223 2.18 30.10 6.19
CA TYR A 223 2.57 31.33 6.83
C TYR A 223 3.58 31.95 5.88
N THR A 224 3.15 32.97 5.15
CA THR A 224 4.06 33.78 4.38
C THR A 224 4.43 35.06 5.13
N LYS A 225 5.64 35.53 4.85
CA LYS A 225 6.18 36.69 5.50
C LYS A 225 6.81 37.64 4.48
N THR A 226 6.32 38.88 4.51
CA THR A 226 6.85 39.96 3.67
C THR A 226 8.15 40.47 4.25
N ASN A 227 8.28 40.45 5.58
CA ASN A 227 9.57 40.72 6.26
C ASN A 227 10.50 39.50 6.42
N VAL A 228 11.73 39.78 6.87
CA VAL A 228 12.73 38.76 7.30
C VAL A 228 13.11 39.04 8.75
N GLU A 229 12.66 38.15 9.64
CA GLU A 229 12.86 38.20 11.06
C GLU A 229 13.90 37.14 11.39
N TYR A 230 15.02 37.55 11.97
CA TYR A 230 16.07 36.61 12.32
C TYR A 230 16.68 36.89 13.69
N TYR A 231 17.37 35.89 14.20
CA TYR A 231 18.01 35.99 15.52
C TYR A 231 19.49 35.55 15.38
N ILE A 232 20.39 36.31 16.01
CA ILE A 232 21.78 35.95 16.04
C ILE A 232 22.16 35.67 17.47
N MET A 233 22.64 34.45 17.71
CA MET A 233 23.10 33.99 19.02
C MET A 233 24.60 34.03 18.98
N VAL A 234 25.20 34.30 20.13
CA VAL A 234 26.65 34.26 20.37
C VAL A 234 26.94 33.44 21.64
N GLY A 235 27.91 32.53 21.55
CA GLY A 235 28.32 31.74 22.72
C GLY A 235 28.74 30.31 22.42
N GLU A 236 29.01 29.58 23.49
CA GLU A 236 29.20 28.14 23.45
C GLU A 236 27.87 27.44 23.15
N PRO A 237 27.91 26.19 22.65
CA PRO A 237 26.69 25.48 22.26
C PRO A 237 25.60 25.50 23.30
N LYS A 238 25.92 25.31 24.59
CA LYS A 238 24.86 25.38 25.64
C LYS A 238 24.13 26.72 25.66
N GLU A 239 24.84 27.80 25.35
CA GLU A 239 24.26 29.15 25.46
C GLU A 239 23.44 29.42 24.22
N ILE A 240 23.97 28.99 23.08
CA ILE A 240 23.22 28.96 21.83
C ILE A 240 21.89 28.26 21.99
N MET A 241 21.88 27.06 22.56
CA MET A 241 20.65 26.29 22.69
C MET A 241 19.68 26.93 23.67
N ALA A 242 20.21 27.47 24.76
CA ALA A 242 19.38 28.23 25.71
C ALA A 242 18.68 29.42 25.04
N SER A 243 19.41 30.09 24.17
CA SER A 243 18.84 31.22 23.46
C SER A 243 17.79 30.75 22.44
N TYR A 244 18.04 29.64 21.78
CA TYR A 244 17.07 29.08 20.85
C TYR A 244 15.73 28.82 21.57
N ALA A 245 15.82 28.37 22.82
CA ALA A 245 14.65 28.06 23.61
C ALA A 245 14.03 29.31 24.25
N GLN A 246 14.80 30.38 24.46
CA GLN A 246 14.16 31.67 24.83
C GLN A 246 13.25 32.13 23.67
N VAL A 247 13.76 32.03 22.43
CA VAL A 247 13.04 32.51 21.26
C VAL A 247 11.85 31.60 20.91
N THR A 248 12.10 30.29 20.80
CA THR A 248 11.10 29.35 20.28
C THR A 248 10.29 28.66 21.35
N GLY A 249 10.75 28.71 22.59
CA GLY A 249 10.04 28.12 23.73
C GLY A 249 10.80 27.03 24.46
N THR A 250 10.64 26.99 25.77
CA THR A 250 11.19 25.90 26.56
C THR A 250 10.17 24.77 26.65
N ALA A 251 10.63 23.60 27.06
CA ALA A 251 9.76 22.45 27.15
C ALA A 251 9.06 22.39 28.53
N PRO A 252 7.73 22.35 28.55
CA PRO A 252 7.08 22.04 29.83
C PRO A 252 7.52 20.65 30.36
N MET A 253 7.51 20.48 31.68
CA MET A 253 7.89 19.22 32.28
C MET A 253 6.85 18.15 32.04
N LEU A 254 7.36 17.01 31.59
CA LEU A 254 6.59 15.84 31.39
C LEU A 254 6.28 15.21 32.77
N PRO A 255 5.30 14.32 32.82
CA PRO A 255 5.09 13.62 34.08
C PRO A 255 6.30 12.76 34.40
N LYS A 256 6.59 12.60 35.70
CA LYS A 256 7.76 11.88 36.14
C LYS A 256 7.75 10.46 35.56
N TRP A 257 6.57 9.82 35.51
CA TRP A 257 6.47 8.45 35.03
C TRP A 257 7.01 8.35 33.60
N SER A 258 7.04 9.48 32.89
CA SER A 258 7.55 9.50 31.54
C SER A 258 9.04 9.14 31.46
N LEU A 259 9.76 9.24 32.61
CA LEU A 259 11.17 8.80 32.66
C LEU A 259 11.34 7.32 32.75
N GLY A 260 10.22 6.61 32.95
CA GLY A 260 10.22 5.17 33.12
C GLY A 260 10.18 4.46 31.78
N PHE A 261 10.27 3.15 31.82
CA PHE A 261 10.21 2.32 30.64
C PHE A 261 8.77 2.24 30.21
N MET A 262 8.54 2.22 28.90
CA MET A 262 7.21 2.07 28.33
C MET A 262 7.20 0.94 27.31
N ASN A 263 6.12 0.17 27.27
CA ASN A 263 5.93 -0.91 26.30
C ASN A 263 4.86 -0.45 25.31
N PHE A 264 5.26 -0.07 24.08
CA PHE A 264 4.28 0.28 23.04
C PHE A 264 3.91 -1.04 22.39
N GLU A 265 2.64 -1.16 21.98
CA GLU A 265 2.20 -2.42 21.38
C GLU A 265 0.98 -2.29 20.48
N TRP A 266 1.06 -2.99 19.36
CA TRP A 266 -0.01 -3.13 18.38
C TRP A 266 -0.34 -4.62 18.30
N GLY A 267 -1.58 -4.92 18.63
CA GLY A 267 -2.04 -6.29 18.71
C GLY A 267 -2.10 -6.62 20.19
N ILE A 268 -3.19 -6.22 20.84
CA ILE A 268 -3.30 -6.31 22.27
C ILE A 268 -4.73 -6.03 22.78
N ASP A 269 -5.13 -6.73 23.83
CA ASP A 269 -6.45 -6.58 24.47
C ASP A 269 -6.26 -6.61 25.99
N GLN A 270 -7.34 -6.45 26.75
CA GLN A 270 -7.23 -6.34 28.22
C GLN A 270 -6.63 -7.55 28.88
N ASP A 271 -6.90 -8.75 28.39
CA ASP A 271 -6.30 -9.93 29.03
C ASP A 271 -4.79 -9.94 28.86
N GLU A 272 -4.34 -9.60 27.63
CA GLU A 272 -2.94 -9.65 27.26
C GLU A 272 -2.17 -8.55 28.02
N LEU A 273 -2.71 -7.33 28.01
CA LEU A 273 -2.21 -6.23 28.81
C LEU A 273 -1.93 -6.68 30.24
N GLU A 274 -2.92 -7.28 30.88
CA GLU A 274 -2.82 -7.77 32.28
C GLU A 274 -1.76 -8.86 32.47
N ALA A 275 -1.65 -9.77 31.51
CA ALA A 275 -0.58 -10.75 31.53
C ALA A 275 0.76 -10.07 31.41
N HIS A 276 0.88 -9.13 30.47
CA HIS A 276 2.14 -8.42 30.28
C HIS A 276 2.55 -7.69 31.56
N VAL A 277 1.64 -6.95 32.20
CA VAL A 277 2.01 -6.22 33.42
C VAL A 277 2.42 -7.17 34.56
N ASP A 278 1.63 -8.23 34.80
CA ASP A 278 2.02 -9.32 35.70
C ASP A 278 3.46 -9.85 35.44
N GLY A 279 3.79 -10.11 34.18
CA GLY A 279 5.11 -10.63 33.80
C GLY A 279 6.24 -9.70 34.25
N TYR A 280 6.06 -8.40 34.03
CA TYR A 280 7.03 -7.40 34.42
C TYR A 280 7.13 -7.35 35.96
N ARG A 281 6.00 -7.35 36.66
CA ARG A 281 5.98 -7.13 38.11
C ARG A 281 6.50 -8.34 38.86
N ALA A 282 6.13 -9.51 38.37
CA ALA A 282 6.63 -10.78 38.92
C ALA A 282 8.16 -10.86 38.88
N ARG A 283 8.77 -10.27 37.87
CA ARG A 283 10.21 -10.36 37.70
C ARG A 283 10.96 -9.15 38.20
N ASN A 284 10.27 -8.23 38.89
CA ASN A 284 10.83 -6.93 39.33
C ASN A 284 11.59 -6.19 38.16
N ILE A 285 11.01 -6.25 36.96
CA ILE A 285 11.52 -5.48 35.84
C ILE A 285 10.68 -4.23 35.81
N PRO A 286 11.26 -3.08 36.12
CA PRO A 286 10.36 -1.90 36.15
C PRO A 286 9.74 -1.55 34.82
N ILE A 287 8.60 -0.90 34.94
CA ILE A 287 7.80 -0.40 33.84
C ILE A 287 6.71 0.55 34.41
N ASP A 288 6.59 1.73 33.80
CA ASP A 288 5.57 2.75 34.11
C ASP A 288 4.36 2.91 33.17
N ALA A 289 4.45 2.42 31.92
CA ALA A 289 3.39 2.65 30.93
C ALA A 289 3.35 1.65 29.80
N PHE A 290 2.13 1.41 29.32
CA PHE A 290 1.89 0.73 28.09
C PHE A 290 1.24 1.74 27.15
N ALA A 291 1.61 1.67 25.89
CA ALA A 291 0.95 2.47 24.84
C ALA A 291 0.22 1.51 23.93
N LEU A 292 -1.04 1.83 23.70
CA LEU A 292 -1.94 1.02 22.94
C LEU A 292 -2.14 1.62 21.55
N ASP A 293 -1.97 0.78 20.54
CA ASP A 293 -2.19 1.15 19.12
C ASP A 293 -3.73 1.11 18.77
N TYR A 294 -4.12 0.82 17.51
CA TYR A 294 -5.58 0.81 17.09
C TYR A 294 -6.48 0.09 18.06
N ASP A 295 -5.95 -1.00 18.61
CA ASP A 295 -6.69 -1.85 19.55
C ASP A 295 -7.54 -1.01 20.52
N TRP A 296 -7.00 0.08 21.01
CA TRP A 296 -7.69 0.81 22.08
C TRP A 296 -8.97 1.47 21.66
N MET A 297 -9.07 1.84 20.40
CA MET A 297 -10.19 2.66 19.91
C MET A 297 -11.08 1.94 18.92
N ASP A 298 -12.28 2.51 18.72
CA ASP A 298 -13.27 1.96 17.76
C ASP A 298 -13.09 2.63 16.40
N TYR A 299 -11.84 2.62 15.95
CA TYR A 299 -11.47 3.25 14.72
C TYR A 299 -12.18 2.49 13.64
N GLY A 300 -12.78 3.26 12.74
CA GLY A 300 -13.62 2.74 11.68
C GLY A 300 -15.11 2.98 11.90
N GLU A 301 -15.51 3.35 13.11
CA GLU A 301 -16.91 3.39 13.42
C GLU A 301 -17.46 4.80 13.47
N ASP A 302 -18.79 4.83 13.36
CA ASP A 302 -19.60 6.04 13.40
C ASP A 302 -19.50 6.55 14.83
N ASN A 303 -19.99 7.77 15.00
CA ASN A 303 -20.07 8.47 16.28
C ASN A 303 -18.70 8.62 16.91
N TYR A 304 -17.73 9.10 16.13
CA TYR A 304 -16.43 9.43 16.68
C TYR A 304 -15.75 8.17 17.24
N GLY A 305 -15.86 7.08 16.49
CA GLY A 305 -15.23 5.79 16.84
C GLY A 305 -13.71 5.87 17.09
N GLU A 306 -13.05 6.78 16.37
CA GLU A 306 -11.62 7.03 16.46
C GLU A 306 -11.21 7.94 17.62
N PHE A 307 -12.15 8.16 18.53
CA PHE A 307 -11.92 8.80 19.82
C PHE A 307 -12.42 8.00 20.99
N ARG A 308 -13.09 6.88 20.76
CA ARG A 308 -13.74 6.19 21.87
C ARG A 308 -13.14 4.81 22.07
N TRP A 309 -13.14 4.44 23.33
CA TRP A 309 -12.52 3.21 23.76
C TRP A 309 -13.21 2.01 23.13
N ASN A 310 -12.44 1.06 22.62
CA ASN A 310 -12.99 -0.18 22.05
C ASN A 310 -13.24 -1.06 23.27
N THR A 311 -14.51 -1.24 23.66
CA THR A 311 -14.83 -2.04 24.83
C THR A 311 -14.93 -3.53 24.51
N ASP A 312 -14.72 -3.95 23.26
CA ASP A 312 -14.60 -5.37 22.93
C ASP A 312 -13.21 -5.80 23.36
N ASN A 313 -12.22 -4.99 23.02
CA ASN A 313 -10.83 -5.27 23.37
C ASN A 313 -10.56 -4.95 24.88
N PHE A 314 -11.18 -3.88 25.41
CA PHE A 314 -10.98 -3.41 26.78
C PHE A 314 -12.32 -3.15 27.48
N PRO A 315 -13.01 -4.22 27.89
CA PRO A 315 -14.31 -4.11 28.58
C PRO A 315 -14.37 -3.17 29.75
N ASP A 316 -13.34 -3.16 30.57
CA ASP A 316 -13.38 -2.35 31.77
C ASP A 316 -13.11 -0.86 31.48
N ALA A 317 -12.77 -0.56 30.22
CA ALA A 317 -12.75 0.82 29.74
C ALA A 317 -14.16 1.40 29.46
N ALA A 318 -15.20 0.58 29.58
CA ALA A 318 -16.57 1.12 29.66
C ALA A 318 -16.68 2.22 30.75
N THR A 319 -16.05 2.02 31.90
CA THR A 319 -16.00 3.06 32.94
C THR A 319 -14.54 3.48 33.16
N THR A 320 -14.29 4.17 34.27
CA THR A 320 -12.95 4.44 34.73
C THR A 320 -12.25 3.23 35.36
N GLN A 321 -12.87 2.07 35.41
CA GLN A 321 -12.29 0.94 36.11
C GLN A 321 -10.90 0.51 35.57
N LEU A 322 -10.76 0.38 34.25
CA LEU A 322 -9.46 0.03 33.66
C LEU A 322 -8.37 1.05 34.03
N LYS A 323 -8.72 2.33 33.98
CA LYS A 323 -7.78 3.35 34.34
C LYS A 323 -7.23 3.09 35.75
N GLU A 324 -8.17 2.85 36.66
CA GLU A 324 -7.91 2.86 38.08
C GLU A 324 -7.21 1.59 38.52
N ASP A 325 -7.63 0.45 37.98
CA ASP A 325 -6.90 -0.81 38.15
C ASP A 325 -5.43 -0.74 37.64
N MET A 326 -5.18 -0.12 36.48
CA MET A 326 -3.81 -0.02 35.98
C MET A 326 -3.02 0.97 36.85
N GLU A 327 -3.65 2.10 37.23
CA GLU A 327 -3.05 3.01 38.22
C GLU A 327 -2.56 2.23 39.44
N ALA A 328 -3.43 1.41 40.03
CA ALA A 328 -3.07 0.59 41.20
C ALA A 328 -1.87 -0.35 40.96
N GLU A 329 -1.67 -0.85 39.73
CA GLU A 329 -0.47 -1.65 39.37
C GLU A 329 0.74 -0.78 38.89
N GLY A 330 0.63 0.53 38.97
CA GLY A 330 1.67 1.44 38.50
C GLY A 330 1.78 1.66 37.01
N ILE A 331 0.72 1.38 36.24
CA ILE A 331 0.71 1.53 34.78
C ILE A 331 -0.15 2.71 34.35
N ARG A 332 0.47 3.67 33.65
CA ARG A 332 -0.27 4.68 32.91
C ARG A 332 -0.48 4.18 31.51
N LEU A 333 -1.58 4.62 30.88
CA LEU A 333 -1.86 4.28 29.48
C LEU A 333 -1.72 5.42 28.47
N ILE A 334 -1.09 5.05 27.35
CA ILE A 334 -0.92 5.91 26.22
C ILE A 334 -1.73 5.36 25.09
N GLY A 335 -2.32 6.24 24.29
CA GLY A 335 -3.19 5.83 23.18
C GLY A 335 -2.79 6.51 21.88
N ILE A 336 -2.68 5.74 20.81
CA ILE A 336 -2.37 6.27 19.49
C ILE A 336 -3.56 7.13 18.97
N ARG A 337 -3.21 8.22 18.30
CA ARG A 337 -4.10 9.17 17.65
C ARG A 337 -3.59 9.41 16.19
N LYS A 338 -4.51 9.43 15.23
CA LYS A 338 -4.16 9.73 13.84
C LYS A 338 -4.87 11.04 13.60
N PRO A 339 -4.25 11.95 12.87
CA PRO A 339 -4.88 13.27 12.73
C PRO A 339 -5.88 13.24 11.57
N ARG A 340 -6.89 12.40 11.67
CA ARG A 340 -7.81 12.19 10.58
C ARG A 340 -9.02 11.55 11.16
N ILE A 341 -10.13 11.69 10.43
CA ILE A 341 -11.38 11.04 10.79
C ILE A 341 -11.83 10.12 9.67
N ILE A 342 -12.51 9.07 10.11
CA ILE A 342 -13.20 8.17 9.23
C ILE A 342 -14.45 8.89 8.74
N THR A 343 -14.53 9.09 7.43
CA THR A 343 -15.68 9.73 6.80
C THR A 343 -16.76 8.72 6.32
N ARG A 344 -16.47 7.41 6.33
CA ARG A 344 -17.42 6.33 5.94
C ARG A 344 -17.27 5.15 6.88
N ASP A 345 -18.37 4.68 7.47
CA ASP A 345 -18.29 3.55 8.40
C ASP A 345 -18.14 2.23 7.61
N PHE A 346 -17.96 1.13 8.33
CA PHE A 346 -17.80 -0.18 7.67
C PHE A 346 -19.03 -0.56 6.82
N ALA A 347 -20.20 -0.02 7.19
CA ALA A 347 -21.43 -0.11 6.38
C ALA A 347 -21.54 0.90 5.22
N ASN A 348 -20.47 1.62 4.90
CA ASN A 348 -20.47 2.67 3.86
C ASN A 348 -21.42 3.88 4.05
N GLN A 349 -21.76 4.19 5.32
CA GLN A 349 -22.59 5.35 5.66
C GLN A 349 -21.73 6.53 6.13
N ARG A 350 -21.99 7.72 5.60
CA ARG A 350 -21.39 8.94 6.12
C ARG A 350 -21.47 8.99 7.61
N THR A 351 -20.34 9.31 8.24
CA THR A 351 -20.26 9.37 9.70
C THR A 351 -20.64 10.74 10.26
N GLN A 352 -21.13 10.75 11.48
CA GLN A 352 -21.37 11.98 12.23
C GLN A 352 -20.12 12.89 12.24
N GLN A 353 -18.95 12.28 12.39
CA GLN A 353 -17.72 13.08 12.49
C GLN A 353 -17.43 13.79 11.15
N TYR A 354 -17.76 13.14 10.04
CA TYR A 354 -17.69 13.75 8.70
C TYR A 354 -18.54 15.01 8.64
N TYR A 355 -19.81 14.86 8.94
CA TYR A 355 -20.74 15.98 8.87
C TYR A 355 -20.23 17.14 9.72
N ASP A 356 -19.76 16.85 10.94
CA ASP A 356 -19.28 17.95 11.81
C ASP A 356 -18.06 18.64 11.20
N ALA A 357 -17.15 17.83 10.64
CA ALA A 357 -15.92 18.36 10.10
C ALA A 357 -16.17 19.10 8.78
N ASP A 358 -16.99 18.53 7.91
CA ASP A 358 -17.27 19.14 6.61
C ASP A 358 -17.96 20.50 6.85
N SER A 359 -19.03 20.52 7.64
CA SER A 359 -19.79 21.74 7.90
C SER A 359 -18.97 22.90 8.49
N ASN A 360 -18.00 22.60 9.34
CA ASN A 360 -17.20 23.65 10.00
C ASN A 360 -15.83 23.90 9.35
N GLY A 361 -15.53 23.24 8.22
CA GLY A 361 -14.25 23.44 7.47
C GLY A 361 -13.00 22.92 8.19
N TYR A 362 -13.13 21.81 8.93
CA TYR A 362 -12.00 21.29 9.69
C TYR A 362 -11.09 20.33 8.92
N PHE A 363 -11.26 20.11 7.62
CA PHE A 363 -10.31 19.26 6.89
C PHE A 363 -9.03 19.98 6.49
N TYR A 364 -7.90 19.26 6.58
CA TYR A 364 -6.59 19.82 6.15
C TYR A 364 -6.72 20.33 4.71
N PRO A 365 -6.32 21.60 4.46
CA PRO A 365 -6.45 22.13 3.08
C PRO A 365 -5.62 21.38 2.02
N GLY A 366 -6.25 21.03 0.90
CA GLY A 366 -5.59 20.21 -0.13
C GLY A 366 -5.65 18.69 0.08
N HIS A 367 -6.11 18.23 1.23
CA HIS A 367 -6.21 16.80 1.52
C HIS A 367 -7.69 16.45 1.28
N ASN A 368 -7.95 15.65 0.25
CA ASN A 368 -9.28 15.10 0.04
C ASN A 368 -9.39 13.77 0.76
N GLU A 369 -10.59 13.20 0.79
CA GLU A 369 -10.85 11.84 1.23
C GLU A 369 -9.98 10.87 0.52
N TYR A 370 -9.68 9.75 1.17
CA TYR A 370 -8.84 8.76 0.55
C TYR A 370 -9.06 7.46 1.25
N THR A 371 -8.76 6.39 0.53
CA THR A 371 -9.04 5.03 0.98
C THR A 371 -7.79 4.48 1.58
N ASP A 372 -7.90 4.09 2.84
CA ASP A 372 -6.83 3.49 3.63
C ASP A 372 -7.27 2.03 3.89
N TYR A 373 -6.35 1.22 4.40
CA TYR A 373 -6.62 -0.13 4.88
C TYR A 373 -6.08 -0.20 6.28
N PHE A 374 -6.63 -1.04 7.15
CA PHE A 374 -6.04 -1.07 8.51
C PHE A 374 -6.01 -2.38 9.30
N ILE A 375 -6.74 -3.43 8.88
CA ILE A 375 -6.60 -4.74 9.49
C ILE A 375 -5.67 -5.59 8.66
N PRO A 376 -4.48 -5.89 9.18
CA PRO A 376 -3.62 -6.78 8.45
C PRO A 376 -3.97 -8.24 8.62
N VAL A 377 -3.48 -9.00 7.65
CA VAL A 377 -3.65 -10.45 7.54
C VAL A 377 -2.38 -10.98 6.87
N THR A 378 -2.03 -12.22 7.17
CA THR A 378 -0.79 -12.81 6.63
C THR A 378 -1.17 -13.86 5.62
N VAL A 379 -0.60 -13.74 4.44
CA VAL A 379 -0.95 -14.61 3.35
C VAL A 379 0.31 -15.16 2.74
N ARG A 380 0.17 -16.21 1.94
CA ARG A 380 1.23 -16.73 1.14
C ARG A 380 0.68 -17.41 -0.13
N SER A 381 1.30 -17.12 -1.27
CA SER A 381 0.96 -17.69 -2.53
C SER A 381 0.99 -19.24 -2.62
N PHE A 382 -0.03 -19.81 -3.29
CA PHE A 382 -0.07 -21.22 -3.63
C PHE A 382 0.57 -21.46 -4.98
N ASP A 383 1.13 -22.65 -5.16
CA ASP A 383 1.73 -23.12 -6.42
C ASP A 383 0.73 -23.96 -7.27
N PRO A 384 0.15 -23.36 -8.32
CA PRO A 384 -0.74 -24.19 -9.13
C PRO A 384 0.01 -25.12 -10.09
N TYR A 385 1.34 -25.07 -10.13
CA TYR A 385 2.08 -25.89 -11.10
C TYR A 385 2.06 -27.38 -10.79
N GLN A 386 1.87 -27.73 -9.52
CA GLN A 386 1.91 -29.12 -9.05
C GLN A 386 0.52 -29.73 -9.19
N GLN A 387 0.42 -30.91 -9.79
CA GLN A 387 -0.86 -31.69 -9.85
C GLN A 387 -1.52 -31.85 -8.49
N ALA A 388 -0.73 -32.30 -7.50
CA ALA A 388 -1.30 -32.51 -6.14
C ALA A 388 -1.78 -31.18 -5.47
N SER A 389 -1.16 -30.05 -5.83
CA SER A 389 -1.58 -28.73 -5.36
C SER A 389 -2.91 -28.37 -5.98
N ARG A 390 -2.98 -28.59 -7.29
CA ARG A 390 -4.23 -28.38 -8.00
C ARG A 390 -5.38 -29.23 -7.47
N ASP A 391 -5.14 -30.52 -7.24
CA ASP A 391 -6.23 -31.37 -6.65
C ASP A 391 -6.77 -30.85 -5.35
N TRP A 392 -5.85 -30.52 -4.44
CA TRP A 392 -6.19 -29.94 -3.16
C TRP A 392 -7.02 -28.62 -3.29
N TRP A 393 -6.59 -27.75 -4.23
CA TRP A 393 -7.27 -26.45 -4.45
C TRP A 393 -8.73 -26.68 -4.87
N TRP A 394 -8.90 -27.57 -5.85
CA TRP A 394 -10.22 -27.98 -6.30
C TRP A 394 -11.06 -28.59 -5.18
N GLN A 395 -10.47 -29.54 -4.42
CA GLN A 395 -11.24 -30.32 -3.41
C GLN A 395 -11.84 -29.36 -2.37
N HIS A 396 -11.08 -28.33 -1.98
CA HIS A 396 -11.63 -27.35 -1.02
C HIS A 396 -12.54 -26.36 -1.67
N SER A 397 -12.61 -26.35 -3.01
CA SER A 397 -13.55 -25.49 -3.74
C SER A 397 -14.96 -26.08 -3.96
N ILE A 398 -15.10 -27.41 -3.83
CA ILE A 398 -16.34 -28.14 -4.15
C ILE A 398 -17.56 -27.61 -3.38
N ASP A 399 -17.39 -27.36 -2.10
CA ASP A 399 -18.52 -26.93 -1.31
C ASP A 399 -19.07 -25.58 -1.84
N ALA A 400 -18.15 -24.66 -2.19
CA ALA A 400 -18.56 -23.36 -2.73
C ALA A 400 -19.31 -23.52 -4.06
N PHE A 401 -18.89 -24.47 -4.89
CA PHE A 401 -19.50 -24.74 -6.18
C PHE A 401 -20.94 -25.31 -6.07
N ASP A 402 -21.14 -26.30 -5.19
CA ASP A 402 -22.49 -26.83 -4.88
C ASP A 402 -23.45 -25.77 -4.33
N LYS A 403 -22.90 -24.76 -3.66
CA LYS A 403 -23.71 -23.66 -3.11
C LYS A 403 -23.72 -22.46 -4.00
N GLY A 404 -23.26 -22.63 -5.24
CA GLY A 404 -23.56 -21.66 -6.33
C GLY A 404 -22.48 -20.82 -6.97
N ILE A 405 -21.26 -20.89 -6.49
CA ILE A 405 -20.15 -20.30 -7.25
C ILE A 405 -19.89 -21.22 -8.44
N VAL A 406 -20.40 -20.86 -9.62
CA VAL A 406 -20.24 -21.66 -10.86
C VAL A 406 -19.33 -21.02 -11.94
N GLY A 407 -18.87 -19.80 -11.69
CA GLY A 407 -17.78 -19.20 -12.48
C GLY A 407 -16.69 -18.73 -11.52
N TRP A 408 -15.44 -18.82 -11.98
CA TRP A 408 -14.28 -18.56 -11.17
C TRP A 408 -13.51 -17.31 -11.68
N TRP A 409 -13.63 -16.23 -10.90
CA TRP A 409 -12.94 -14.97 -11.12
C TRP A 409 -11.57 -15.07 -10.48
N ASN A 410 -10.61 -15.56 -11.27
CA ASN A 410 -9.27 -15.88 -10.78
C ASN A 410 -8.42 -14.64 -10.84
N ASP A 411 -8.33 -13.96 -9.72
CA ASP A 411 -7.66 -12.67 -9.67
C ASP A 411 -6.19 -12.82 -9.21
N GLU A 412 -5.37 -11.84 -9.59
CA GLU A 412 -4.03 -11.69 -9.03
C GLU A 412 -3.19 -12.97 -9.18
N THR A 413 -3.26 -13.59 -10.37
CA THR A 413 -2.47 -14.78 -10.71
C THR A 413 -1.19 -14.40 -11.45
N ASP A 414 -0.73 -13.19 -11.22
CA ASP A 414 0.28 -12.57 -12.07
C ASP A 414 1.42 -11.98 -11.25
N LYS A 415 1.08 -11.08 -10.33
CA LYS A 415 2.00 -10.35 -9.52
C LYS A 415 1.37 -9.96 -8.18
N VAL A 416 2.11 -10.17 -7.11
CA VAL A 416 1.84 -9.63 -5.78
C VAL A 416 2.50 -8.25 -5.68
N ASP A 417 1.74 -7.24 -5.25
CA ASP A 417 2.24 -5.87 -5.06
C ASP A 417 1.74 -5.31 -3.71
N SER A 418 2.55 -5.45 -2.68
CA SER A 418 2.09 -5.22 -1.33
C SER A 418 3.26 -5.05 -0.36
N GLY A 419 3.62 -3.78 -0.11
CA GLY A 419 4.73 -3.43 0.78
C GLY A 419 6.09 -3.95 0.34
N SER A 420 6.73 -4.78 1.16
CA SER A 420 8.03 -5.44 0.80
C SER A 420 7.82 -6.70 -0.06
N ALA A 421 6.56 -7.16 -0.20
CA ALA A 421 6.24 -8.28 -1.10
C ALA A 421 6.00 -7.82 -2.55
N GLN A 422 7.01 -7.99 -3.38
CA GLN A 422 6.93 -7.79 -4.83
C GLN A 422 7.32 -9.15 -5.41
N TYR A 423 6.35 -10.00 -5.69
CA TYR A 423 6.62 -11.37 -6.12
C TYR A 423 5.90 -11.60 -7.41
N TRP A 424 6.58 -12.27 -8.34
CA TRP A 424 6.00 -12.61 -9.63
C TRP A 424 5.55 -14.07 -9.67
N PHE A 425 4.34 -14.28 -10.18
CA PHE A 425 3.91 -15.62 -10.58
C PHE A 425 4.48 -15.92 -11.95
N GLY A 426 4.71 -17.20 -12.26
CA GLY A 426 5.34 -17.59 -13.53
C GLY A 426 4.32 -17.54 -14.67
N ASN A 427 4.82 -17.66 -15.90
CA ASN A 427 3.96 -17.50 -17.06
C ASN A 427 2.84 -18.54 -17.23
N PHE A 428 2.95 -19.70 -16.58
CA PHE A 428 1.90 -20.69 -16.66
C PHE A 428 0.92 -20.67 -15.48
N SER A 429 1.01 -19.65 -14.60
CA SER A 429 0.16 -19.58 -13.40
C SER A 429 -1.30 -19.46 -13.71
N THR A 430 -1.63 -18.69 -14.73
CA THR A 430 -3.02 -18.51 -15.14
C THR A 430 -3.56 -19.79 -15.78
N GLY A 431 -2.78 -20.41 -16.64
CA GLY A 431 -3.20 -21.68 -17.18
C GLY A 431 -3.41 -22.76 -16.14
N PHE A 432 -2.45 -22.89 -15.24
CA PHE A 432 -2.51 -23.95 -14.21
C PHE A 432 -3.56 -23.69 -13.15
N THR A 433 -3.73 -22.44 -12.74
CA THR A 433 -4.84 -22.11 -11.85
C THR A 433 -6.16 -22.49 -12.52
N SER A 434 -6.20 -22.27 -13.85
CA SER A 434 -7.43 -22.50 -14.61
C SER A 434 -7.63 -23.99 -14.76
N GLN A 435 -6.55 -24.73 -15.04
CA GLN A 435 -6.58 -26.19 -15.09
C GLN A 435 -7.12 -26.78 -13.79
N ALA A 436 -6.74 -26.22 -12.65
CA ALA A 436 -7.22 -26.77 -11.38
C ALA A 436 -8.71 -26.83 -11.33
N MET A 437 -9.30 -25.70 -11.68
CA MET A 437 -10.73 -25.57 -11.64
C MET A 437 -11.43 -26.37 -12.73
N TYR A 438 -10.80 -26.48 -13.88
CA TYR A 438 -11.32 -27.19 -15.07
C TYR A 438 -11.28 -28.74 -15.02
N ASP A 439 -10.10 -29.34 -14.91
CA ASP A 439 -9.97 -30.79 -14.65
C ASP A 439 -10.87 -31.14 -13.45
N GLY A 440 -10.79 -30.32 -12.39
CA GLY A 440 -11.60 -30.52 -11.20
C GLY A 440 -13.11 -30.51 -11.41
N GLN A 441 -13.64 -29.43 -11.98
CA GLN A 441 -15.11 -29.31 -12.13
C GLN A 441 -15.61 -30.32 -13.16
N ARG A 442 -14.78 -30.61 -14.15
CA ARG A 442 -15.12 -31.62 -15.17
C ARG A 442 -15.25 -33.06 -14.58
N ASP A 443 -14.35 -33.41 -13.68
CA ASP A 443 -14.34 -34.74 -13.05
C ASP A 443 -15.57 -34.92 -12.14
N TYR A 444 -15.72 -33.94 -11.26
CA TYR A 444 -16.79 -33.89 -10.27
C TYR A 444 -18.20 -33.90 -10.85
N THR A 445 -18.42 -33.18 -11.95
CA THR A 445 -19.75 -33.09 -12.57
C THR A 445 -19.93 -34.06 -13.73
N ASN A 446 -18.94 -34.90 -14.00
CA ASN A 446 -18.95 -35.84 -15.13
C ASN A 446 -19.31 -35.10 -16.38
N ASP A 447 -18.44 -34.17 -16.76
CA ASP A 447 -18.56 -33.39 -17.98
C ASP A 447 -19.96 -32.75 -18.13
N GLY A 448 -20.68 -32.56 -17.03
CA GLY A 448 -22.07 -32.12 -17.05
C GLY A 448 -22.32 -30.63 -16.81
N VAL A 449 -21.34 -29.91 -16.24
CA VAL A 449 -21.42 -28.41 -16.13
C VAL A 449 -20.18 -27.73 -16.73
N ARG A 450 -20.40 -26.91 -17.75
CA ARG A 450 -19.28 -26.21 -18.43
C ARG A 450 -18.64 -25.22 -17.48
N VAL A 451 -17.33 -25.10 -17.68
CA VAL A 451 -16.47 -24.30 -16.85
C VAL A 451 -16.54 -22.88 -17.42
N TRP A 452 -16.63 -21.87 -16.56
CA TRP A 452 -16.36 -20.46 -16.94
C TRP A 452 -15.38 -19.88 -15.93
N GLN A 453 -14.32 -19.25 -16.45
CA GLN A 453 -13.34 -18.51 -15.62
C GLN A 453 -12.89 -17.18 -16.25
N THR A 454 -12.32 -16.29 -15.44
CA THR A 454 -11.60 -15.14 -15.98
C THR A 454 -10.35 -14.93 -15.16
N ALA A 455 -9.35 -14.40 -15.83
CA ALA A 455 -8.04 -14.11 -15.25
C ALA A 455 -7.59 -12.80 -15.82
N ARG A 456 -6.57 -12.17 -15.22
CA ARG A 456 -6.06 -10.92 -15.76
C ARG A 456 -4.66 -11.00 -16.41
N SER A 457 -4.29 -12.19 -16.87
CA SER A 457 -3.16 -12.38 -17.77
C SER A 457 -3.49 -13.53 -18.69
N TYR A 458 -2.74 -13.61 -19.78
CA TYR A 458 -2.82 -14.70 -20.74
C TYR A 458 -1.42 -14.98 -21.30
N TYR A 459 -1.10 -16.27 -21.37
CA TYR A 459 0.08 -16.79 -22.03
C TYR A 459 -0.42 -18.01 -22.86
N PRO A 460 0.25 -18.35 -23.97
CA PRO A 460 -0.28 -19.42 -24.81
C PRO A 460 -0.44 -20.76 -24.08
N GLY A 461 -1.53 -21.45 -24.42
CA GLY A 461 -1.96 -22.68 -23.77
C GLY A 461 -3.05 -22.48 -22.76
N ALA A 462 -3.09 -21.32 -22.11
CA ALA A 462 -4.01 -21.15 -21.01
C ALA A 462 -5.47 -21.32 -21.39
N GLN A 463 -5.77 -21.06 -22.67
CA GLN A 463 -7.13 -21.20 -23.24
C GLN A 463 -7.76 -22.60 -23.20
N ARG A 464 -6.93 -23.65 -23.09
CA ARG A 464 -7.40 -25.04 -22.99
C ARG A 464 -8.24 -25.29 -21.77
N TYR A 465 -8.13 -24.47 -20.73
CA TYR A 465 -8.76 -24.69 -19.41
C TYR A 465 -9.92 -23.72 -19.16
N ALA A 466 -10.37 -23.08 -20.24
CA ALA A 466 -11.63 -22.39 -20.28
C ALA A 466 -11.59 -21.14 -19.41
N THR A 467 -10.74 -20.24 -19.83
CA THR A 467 -10.61 -18.94 -19.21
C THR A 467 -10.70 -17.81 -20.24
N THR A 468 -11.47 -16.80 -19.86
CA THR A 468 -11.43 -15.50 -20.47
C THR A 468 -10.25 -14.67 -19.93
N LEU A 469 -10.16 -13.44 -20.41
CA LEU A 469 -9.13 -12.49 -20.02
C LEU A 469 -9.81 -11.15 -19.75
N TRP A 470 -9.57 -10.48 -18.63
CA TRP A 470 -10.08 -9.07 -18.52
C TRP A 470 -8.91 -8.10 -18.39
N SER A 471 -9.11 -6.83 -18.75
CA SER A 471 -7.99 -5.90 -18.90
C SER A 471 -7.43 -5.29 -17.61
N GLY A 472 -7.84 -5.79 -16.46
CA GLY A 472 -7.30 -5.35 -15.19
C GLY A 472 -7.91 -4.04 -14.68
N ASP A 473 -7.19 -3.37 -13.81
CA ASP A 473 -7.69 -2.22 -13.05
C ASP A 473 -7.61 -0.91 -13.82
N ILE A 474 -8.34 -0.83 -14.90
CA ILE A 474 -8.27 0.34 -15.77
C ILE A 474 -8.95 1.56 -15.14
N GLY A 475 -8.64 2.71 -15.72
CA GLY A 475 -9.08 3.96 -15.13
C GLY A 475 -10.44 4.40 -15.61
N THR A 476 -11.21 4.99 -14.71
CA THR A 476 -12.48 5.62 -14.97
C THR A 476 -12.20 6.99 -15.58
N GLN A 477 -11.89 6.96 -16.87
CA GLN A 477 -11.68 8.17 -17.66
C GLN A 477 -11.80 7.82 -19.14
N PHE A 478 -11.92 8.85 -19.99
CA PHE A 478 -12.01 8.65 -21.44
C PHE A 478 -10.73 8.09 -22.05
N TYR A 479 -9.57 8.51 -21.53
CA TYR A 479 -8.28 8.11 -22.06
C TYR A 479 -7.19 8.39 -21.04
N LYS A 480 -6.01 7.82 -21.27
CA LYS A 480 -4.86 7.93 -20.36
C LYS A 480 -4.45 9.39 -20.27
N GLY A 481 -4.51 9.95 -19.06
CA GLY A 481 -4.12 11.33 -18.82
C GLY A 481 -5.27 12.33 -18.85
N GLU A 482 -6.49 11.93 -19.17
CA GLU A 482 -7.61 12.85 -19.09
C GLU A 482 -7.70 13.38 -17.68
N LEU A 483 -7.81 12.45 -16.72
CA LEU A 483 -7.96 12.76 -15.31
C LEU A 483 -6.70 12.44 -14.50
N PHE A 484 -5.99 11.40 -14.87
CA PHE A 484 -4.73 11.03 -14.23
C PHE A 484 -3.99 10.12 -15.17
N ASN A 485 -2.69 9.95 -14.99
CA ASN A 485 -1.86 9.38 -16.05
C ASN A 485 -1.37 7.98 -15.80
N TRP A 486 -1.66 7.43 -14.62
CA TRP A 486 -1.12 6.12 -14.20
C TRP A 486 -1.96 4.87 -14.62
N ALA A 487 -3.12 5.07 -15.26
CA ALA A 487 -3.85 3.96 -15.89
C ALA A 487 -4.52 4.42 -17.16
N PRO A 488 -4.68 3.53 -18.11
CA PRO A 488 -5.40 3.92 -19.31
C PRO A 488 -6.88 3.94 -19.00
N GLY A 489 -7.64 4.53 -19.90
CA GLY A 489 -9.10 4.57 -19.78
C GLY A 489 -9.80 3.84 -20.89
N MET A 490 -10.97 4.36 -21.26
CA MET A 490 -11.87 3.66 -22.18
C MET A 490 -11.30 3.55 -23.60
N GLN A 491 -10.78 4.67 -24.12
CA GLN A 491 -10.32 4.74 -25.50
C GLN A 491 -9.18 3.78 -25.85
N GLU A 492 -8.42 3.31 -24.86
CA GLU A 492 -7.30 2.46 -25.10
C GLU A 492 -7.72 1.03 -25.24
N GLN A 493 -8.90 0.72 -24.72
CA GLN A 493 -9.31 -0.65 -24.56
C GLN A 493 -9.49 -1.47 -25.84
N PRO A 494 -9.98 -0.87 -26.92
CA PRO A 494 -10.04 -1.64 -28.14
C PRO A 494 -8.66 -2.15 -28.57
N ARG A 495 -7.60 -1.39 -28.29
CA ARG A 495 -6.23 -1.78 -28.64
C ARG A 495 -5.77 -2.96 -27.82
N ILE A 496 -6.22 -3.01 -26.56
CA ILE A 496 -5.92 -4.15 -25.68
C ILE A 496 -6.66 -5.42 -26.16
N MET A 497 -7.96 -5.27 -26.38
CA MET A 497 -8.84 -6.30 -26.91
C MET A 497 -8.30 -6.89 -28.20
N LEU A 498 -8.02 -6.02 -29.18
CA LEU A 498 -7.52 -6.51 -30.46
C LEU A 498 -6.09 -7.13 -30.36
N SER A 499 -5.25 -6.61 -29.44
CA SER A 499 -3.91 -7.23 -29.18
C SER A 499 -4.06 -8.63 -28.55
N SER A 500 -5.07 -8.79 -27.66
CA SER A 500 -5.37 -10.10 -27.11
C SER A 500 -5.81 -11.05 -28.21
N ALA A 501 -6.64 -10.55 -29.12
CA ALA A 501 -7.09 -11.35 -30.23
C ALA A 501 -5.94 -11.82 -31.14
N ASN A 502 -4.96 -10.94 -31.40
CA ASN A 502 -3.81 -11.30 -32.22
C ASN A 502 -2.88 -12.32 -31.53
N LEU A 503 -3.09 -12.52 -30.23
CA LEU A 503 -2.36 -13.52 -29.44
C LEU A 503 -3.12 -14.83 -29.26
N GLY A 504 -4.29 -14.92 -29.90
CA GLY A 504 -5.10 -16.14 -29.83
C GLY A 504 -6.01 -16.24 -28.61
N GLN A 505 -6.25 -15.08 -27.95
CA GLN A 505 -7.14 -14.98 -26.82
C GLN A 505 -8.21 -13.96 -27.15
N PRO A 506 -9.20 -14.37 -27.97
CA PRO A 506 -10.24 -13.45 -28.32
C PRO A 506 -11.35 -13.35 -27.27
N LYS A 507 -11.30 -14.15 -26.21
CA LYS A 507 -12.37 -14.12 -25.22
C LYS A 507 -12.03 -13.12 -24.13
N TRP A 508 -12.38 -11.86 -24.40
CA TRP A 508 -11.81 -10.70 -23.73
C TRP A 508 -12.91 -9.82 -23.21
N GLY A 509 -12.71 -9.28 -22.02
CA GLY A 509 -13.51 -8.14 -21.60
C GLY A 509 -12.75 -7.14 -20.75
N MET A 510 -13.51 -6.17 -20.27
CA MET A 510 -12.96 -5.05 -19.52
C MET A 510 -13.93 -4.70 -18.44
N ASP A 511 -13.46 -3.90 -17.49
CA ASP A 511 -14.29 -3.34 -16.43
C ASP A 511 -15.04 -2.17 -17.03
N THR A 512 -16.24 -2.39 -17.55
CA THR A 512 -16.96 -1.26 -18.17
C THR A 512 -17.34 -0.29 -17.04
N GLY A 513 -16.90 0.94 -17.20
CA GLY A 513 -17.14 1.99 -16.21
C GLY A 513 -15.83 2.35 -15.51
N GLY A 514 -14.84 1.48 -15.64
CA GLY A 514 -13.53 1.68 -15.05
C GLY A 514 -13.50 1.23 -13.60
N PHE A 515 -12.31 0.86 -13.16
CA PHE A 515 -12.04 0.44 -11.81
C PHE A 515 -11.46 1.55 -10.95
N ASN A 516 -10.44 2.23 -11.43
CA ASN A 516 -9.70 3.19 -10.62
C ASN A 516 -10.07 4.66 -10.84
N SER A 517 -10.04 5.41 -9.75
CA SER A 517 -10.14 6.86 -9.79
C SER A 517 -9.13 7.54 -8.87
N LEU A 518 -8.93 8.85 -9.07
CA LEU A 518 -8.19 9.67 -8.11
C LEU A 518 -8.82 9.52 -6.72
N GLY A 519 -7.99 9.24 -5.74
CA GLY A 519 -8.45 8.95 -4.39
C GLY A 519 -8.91 7.52 -4.11
N GLY A 520 -8.65 6.60 -5.05
CA GLY A 520 -9.11 5.21 -4.89
C GLY A 520 -10.63 5.00 -4.85
N ALA A 521 -11.07 4.06 -4.01
CA ALA A 521 -12.49 3.67 -3.99
C ALA A 521 -13.46 4.87 -3.76
N SER A 522 -13.10 5.80 -2.87
CA SER A 522 -13.89 7.05 -2.66
C SER A 522 -13.93 8.05 -3.84
N GLY A 523 -13.00 7.91 -4.78
CA GLY A 523 -12.96 8.68 -6.05
C GLY A 523 -14.20 8.52 -6.93
N PRO A 524 -14.34 9.41 -7.96
CA PRO A 524 -15.59 9.45 -8.71
C PRO A 524 -15.86 8.22 -9.55
N ASN A 525 -17.16 7.94 -9.62
CA ASN A 525 -17.73 7.09 -10.63
C ASN A 525 -17.57 7.75 -12.00
N PRO A 526 -17.81 6.96 -13.06
CA PRO A 526 -17.81 7.56 -14.37
C PRO A 526 -18.96 8.55 -14.53
N SER A 527 -18.72 9.61 -15.28
CA SER A 527 -19.81 10.49 -15.77
C SER A 527 -20.88 9.67 -16.51
N PRO A 528 -22.14 10.14 -16.50
CA PRO A 528 -23.18 9.47 -17.30
C PRO A 528 -22.78 9.28 -18.77
N GLU A 529 -22.09 10.27 -19.34
CA GLU A 529 -21.62 10.15 -20.71
C GLU A 529 -20.64 9.01 -20.86
N LEU A 530 -19.65 8.95 -19.98
CA LEU A 530 -18.58 7.94 -20.06
C LEU A 530 -19.15 6.54 -19.86
N TYR A 531 -20.06 6.40 -18.89
CA TYR A 531 -20.75 5.15 -18.59
C TYR A 531 -21.57 4.72 -19.80
N THR A 532 -22.37 5.63 -20.36
CA THR A 532 -23.23 5.25 -21.50
C THR A 532 -22.41 4.76 -22.67
N ARG A 533 -21.41 5.56 -23.04
CA ARG A 533 -20.54 5.18 -24.16
C ARG A 533 -19.83 3.82 -23.92
N TRP A 534 -19.41 3.59 -22.67
CA TRP A 534 -18.68 2.38 -22.32
C TRP A 534 -19.57 1.15 -22.40
N MET A 535 -20.83 1.25 -21.97
CA MET A 535 -21.81 0.13 -22.14
C MET A 535 -22.09 -0.17 -23.62
N GLN A 536 -22.21 0.89 -24.43
CA GLN A 536 -22.43 0.72 -25.87
C GLN A 536 -21.25 -0.06 -26.49
N PHE A 537 -20.05 0.34 -26.06
CA PHE A 537 -18.83 -0.32 -26.43
C PHE A 537 -18.83 -1.77 -25.96
N GLY A 538 -19.03 -2.01 -24.68
CA GLY A 538 -18.90 -3.38 -24.15
C GLY A 538 -19.95 -4.37 -24.62
N ALA A 539 -21.13 -3.87 -24.97
CA ALA A 539 -22.13 -4.71 -25.61
C ALA A 539 -21.66 -5.30 -26.90
N PHE A 540 -20.58 -4.77 -27.50
CA PHE A 540 -20.02 -5.36 -28.72
C PHE A 540 -18.62 -5.89 -28.52
N THR A 541 -18.36 -6.35 -27.31
CA THR A 541 -17.16 -7.08 -26.98
C THR A 541 -17.54 -8.43 -26.40
N PRO A 542 -16.55 -9.32 -26.20
CA PRO A 542 -16.98 -10.69 -25.93
C PRO A 542 -17.47 -11.00 -24.53
N VAL A 543 -16.81 -10.46 -23.49
CA VAL A 543 -17.17 -10.71 -22.10
C VAL A 543 -17.68 -9.40 -21.59
N PHE A 544 -18.99 -9.30 -21.49
CA PHE A 544 -19.65 -8.01 -21.32
C PHE A 544 -20.01 -7.83 -19.86
N ARG A 545 -19.23 -7.01 -19.15
CA ARG A 545 -19.36 -6.87 -17.71
C ARG A 545 -19.01 -5.48 -17.21
N VAL A 546 -19.76 -5.01 -16.22
CA VAL A 546 -19.36 -3.87 -15.44
C VAL A 546 -18.57 -4.32 -14.19
N HIS A 547 -17.72 -3.42 -13.72
CA HIS A 547 -17.05 -3.62 -12.46
C HIS A 547 -16.68 -2.26 -11.93
N GLY A 548 -16.39 -2.20 -10.65
CA GLY A 548 -15.83 -1.01 -10.08
C GLY A 548 -15.17 -1.29 -8.77
N ASN A 549 -14.65 -0.22 -8.17
CA ASN A 549 -13.90 -0.33 -6.93
C ASN A 549 -14.87 -0.56 -5.74
N TYR A 550 -14.30 -0.73 -4.56
CA TYR A 550 -15.02 -1.08 -3.33
C TYR A 550 -16.12 -0.08 -3.04
N ASN A 551 -17.33 -0.61 -2.89
CA ASN A 551 -18.52 0.17 -2.59
C ASN A 551 -18.90 1.15 -3.71
N GLN A 552 -18.39 0.89 -4.93
CA GLN A 552 -18.84 1.65 -6.10
C GLN A 552 -19.95 0.88 -6.73
N GLN A 553 -20.91 1.59 -7.34
CA GLN A 553 -22.08 0.95 -8.00
C GLN A 553 -22.09 1.15 -9.53
N ARG A 554 -22.48 0.12 -10.29
CA ARG A 554 -22.41 0.18 -11.75
C ARG A 554 -23.71 -0.13 -12.46
N GLN A 555 -24.83 -0.05 -11.74
CA GLN A 555 -26.14 -0.31 -12.32
C GLN A 555 -26.58 0.89 -13.18
N PRO A 556 -27.04 0.59 -14.42
CA PRO A 556 -27.31 1.70 -15.37
C PRO A 556 -28.34 2.73 -14.89
N TRP A 557 -29.32 2.33 -14.10
CA TRP A 557 -30.30 3.36 -13.62
C TRP A 557 -29.75 4.49 -12.75
N LEU A 558 -28.60 4.24 -12.11
CA LEU A 558 -27.98 5.21 -11.21
C LEU A 558 -27.35 6.39 -11.95
N TYR A 559 -27.11 6.20 -13.25
CA TYR A 559 -26.47 7.23 -14.05
C TYR A 559 -27.45 8.11 -14.81
N GLY A 560 -28.74 8.07 -14.43
CA GLY A 560 -29.79 8.89 -15.06
C GLY A 560 -30.43 8.28 -16.32
N ALA A 561 -31.50 8.90 -16.81
CA ALA A 561 -32.33 8.22 -17.79
C ALA A 561 -31.67 7.93 -19.14
N THR A 562 -30.78 8.81 -19.60
CA THR A 562 -30.14 8.50 -20.85
C THR A 562 -29.30 7.21 -20.74
N ALA A 563 -28.45 7.15 -19.71
CA ALA A 563 -27.63 6.00 -19.50
C ALA A 563 -28.49 4.74 -19.29
N GLU A 564 -29.58 4.86 -18.57
CA GLU A 564 -30.45 3.71 -18.35
C GLU A 564 -30.99 3.21 -19.71
N GLU A 565 -31.61 4.12 -20.43
CA GLU A 565 -32.34 3.77 -21.64
C GLU A 565 -31.43 3.32 -22.77
N ALA A 566 -30.28 4.01 -22.90
CA ALA A 566 -29.30 3.69 -23.98
C ALA A 566 -28.62 2.39 -23.71
N SER A 567 -28.37 2.13 -22.44
CA SER A 567 -27.79 0.87 -22.02
C SER A 567 -28.78 -0.26 -22.25
N LYS A 568 -29.99 -0.12 -21.75
CA LYS A 568 -31.06 -1.07 -22.02
C LYS A 568 -31.09 -1.35 -23.52
N ALA A 569 -31.11 -0.29 -24.32
CA ALA A 569 -31.26 -0.39 -25.78
C ALA A 569 -30.18 -1.25 -26.44
N VAL A 570 -28.93 -1.00 -26.07
CA VAL A 570 -27.85 -1.76 -26.68
C VAL A 570 -27.80 -3.20 -26.12
N MET A 571 -28.26 -3.37 -24.87
CA MET A 571 -28.39 -4.69 -24.31
C MET A 571 -29.45 -5.52 -25.05
N HIS A 572 -30.59 -4.91 -25.39
CA HIS A 572 -31.56 -5.57 -26.28
C HIS A 572 -30.93 -6.00 -27.65
N THR A 573 -30.14 -5.14 -28.26
CA THR A 573 -29.47 -5.54 -29.48
C THR A 573 -28.55 -6.75 -29.27
N ARG A 574 -27.79 -6.76 -28.19
CA ARG A 574 -26.88 -7.90 -27.96
C ARG A 574 -27.65 -9.19 -27.76
N TYR A 575 -28.63 -9.17 -26.86
CA TYR A 575 -29.41 -10.36 -26.55
C TYR A 575 -30.22 -10.81 -27.77
N SER A 576 -30.76 -9.88 -28.57
CA SER A 576 -31.38 -10.32 -29.83
C SER A 576 -30.40 -11.09 -30.73
N LEU A 577 -29.10 -10.85 -30.58
CA LEU A 577 -28.12 -11.50 -31.43
C LEU A 577 -27.54 -12.77 -30.79
N LEU A 578 -28.17 -13.30 -29.74
CA LEU A 578 -27.70 -14.58 -29.13
C LEU A 578 -27.33 -15.69 -30.12
N PRO A 579 -28.23 -16.04 -31.07
CA PRO A 579 -27.88 -17.16 -32.00
C PRO A 579 -26.72 -16.82 -32.94
N TYR A 580 -26.59 -15.55 -33.30
CA TYR A 580 -25.44 -15.11 -34.09
C TYR A 580 -24.21 -15.30 -33.29
N MET A 581 -24.20 -14.70 -32.09
CA MET A 581 -23.02 -14.74 -31.22
C MET A 581 -22.59 -16.17 -30.95
N TYR A 582 -23.53 -17.02 -30.61
CA TYR A 582 -23.19 -18.30 -30.01
C TYR A 582 -22.48 -19.21 -31.01
N ALA A 583 -22.79 -19.04 -32.29
CA ALA A 583 -22.08 -19.74 -33.35
C ALA A 583 -20.57 -19.45 -33.29
N TYR A 584 -20.19 -18.23 -32.90
CA TYR A 584 -18.78 -17.89 -32.71
C TYR A 584 -18.15 -18.60 -31.50
N GLU A 585 -18.90 -18.80 -30.42
CA GLU A 585 -18.40 -19.58 -29.27
C GLU A 585 -18.03 -21.03 -29.72
N ARG A 586 -18.89 -21.59 -30.56
CA ARG A 586 -18.66 -22.88 -31.19
C ARG A 586 -17.37 -22.86 -32.03
N GLU A 587 -17.22 -21.87 -32.91
CA GLU A 587 -16.01 -21.72 -33.76
C GLU A 587 -14.75 -21.71 -32.96
N ALA A 588 -14.77 -21.08 -31.78
CA ALA A 588 -13.59 -21.00 -30.92
C ALA A 588 -13.16 -22.37 -30.42
N SER A 589 -14.11 -23.32 -30.33
CA SER A 589 -13.79 -24.70 -29.97
C SER A 589 -13.22 -25.49 -31.11
N GLU A 590 -13.36 -25.02 -32.33
CA GLU A 590 -12.78 -25.70 -33.51
C GLU A 590 -11.47 -25.03 -34.01
N THR A 591 -11.44 -23.70 -34.08
CA THR A 591 -10.28 -22.96 -34.61
C THR A 591 -9.67 -21.91 -33.68
N GLY A 592 -10.25 -21.69 -32.51
CA GLY A 592 -9.81 -20.65 -31.61
C GLY A 592 -10.28 -19.22 -31.92
N LEU A 593 -10.86 -18.98 -33.11
CA LEU A 593 -11.37 -17.65 -33.47
C LEU A 593 -12.67 -17.41 -32.73
N GLY A 594 -12.89 -16.21 -32.25
CA GLY A 594 -14.07 -15.94 -31.46
C GLY A 594 -14.91 -14.83 -32.02
N LEU A 595 -15.57 -14.13 -31.11
CA LEU A 595 -16.65 -13.25 -31.50
C LEU A 595 -16.16 -11.94 -32.08
N ILE A 596 -14.95 -11.54 -31.72
CA ILE A 596 -14.38 -10.33 -32.28
C ILE A 596 -13.09 -10.64 -33.05
N LYS A 597 -12.75 -9.70 -33.93
CA LYS A 597 -11.49 -9.72 -34.63
C LYS A 597 -11.23 -8.40 -35.23
N PRO A 598 -9.95 -8.12 -35.48
CA PRO A 598 -9.60 -6.85 -36.11
C PRO A 598 -9.77 -6.95 -37.61
N LEU A 599 -9.92 -5.81 -38.25
CA LEU A 599 -10.21 -5.78 -39.68
C LEU A 599 -9.12 -6.48 -40.51
N LEU A 600 -7.89 -6.45 -40.01
CA LEU A 600 -6.74 -7.01 -40.72
C LEU A 600 -6.83 -8.52 -40.87
N PHE A 601 -7.61 -9.17 -39.99
CA PHE A 601 -7.92 -10.57 -40.17
C PHE A 601 -8.58 -10.78 -41.54
N ASP A 602 -9.54 -9.92 -41.92
CA ASP A 602 -10.31 -10.07 -43.16
C ASP A 602 -9.67 -9.34 -44.31
N TYR A 603 -8.83 -8.34 -44.02
CA TYR A 603 -8.19 -7.46 -45.02
C TYR A 603 -6.66 -7.42 -44.85
N PRO A 604 -6.02 -8.58 -44.91
CA PRO A 604 -4.59 -8.65 -44.66
C PRO A 604 -3.73 -7.79 -45.57
N ASN A 605 -4.22 -7.38 -46.74
CA ASN A 605 -3.44 -6.55 -47.66
C ASN A 605 -3.88 -5.06 -47.66
N ASP A 606 -4.83 -4.67 -46.82
CA ASP A 606 -5.26 -3.26 -46.79
C ASP A 606 -4.36 -2.49 -45.80
N PRO A 607 -3.55 -1.52 -46.33
CA PRO A 607 -2.74 -0.72 -45.40
C PRO A 607 -3.56 0.09 -44.41
N GLN A 608 -4.80 0.42 -44.72
CA GLN A 608 -5.62 1.18 -43.74
C GLN A 608 -6.20 0.30 -42.60
N ALA A 609 -6.10 -1.03 -42.71
CA ALA A 609 -6.50 -1.93 -41.64
C ALA A 609 -5.34 -2.37 -40.78
N ALA A 610 -4.12 -2.05 -41.21
CA ALA A 610 -2.89 -2.62 -40.65
C ALA A 610 -2.81 -2.40 -39.15
N ASP A 611 -3.22 -1.21 -38.74
CA ASP A 611 -3.17 -0.77 -37.36
C ASP A 611 -4.55 -0.24 -36.88
N TYR A 612 -5.63 -0.60 -37.59
CA TYR A 612 -6.93 -0.04 -37.29
C TYR A 612 -7.59 -0.70 -36.05
N THR A 613 -7.99 0.12 -35.09
CA THR A 613 -8.62 -0.34 -33.87
C THR A 613 -9.91 0.41 -33.45
N GLU A 614 -10.24 1.52 -34.09
CA GLU A 614 -11.44 2.30 -33.73
C GLU A 614 -12.74 1.61 -34.20
N ALA A 615 -12.58 0.59 -35.04
CA ALA A 615 -13.66 -0.28 -35.42
C ALA A 615 -13.18 -1.71 -35.48
N TRP A 616 -14.11 -2.64 -35.33
CA TRP A 616 -13.78 -4.04 -35.41
C TRP A 616 -15.00 -4.87 -35.80
N MET A 617 -14.72 -6.10 -36.21
CA MET A 617 -15.75 -7.06 -36.59
C MET A 617 -16.32 -7.75 -35.37
N PHE A 618 -17.65 -7.87 -35.36
CA PHE A 618 -18.38 -8.56 -34.31
C PHE A 618 -19.03 -9.70 -35.06
N GLY A 619 -18.50 -10.92 -34.91
CA GLY A 619 -18.83 -12.05 -35.80
C GLY A 619 -18.30 -11.75 -37.20
N ASP A 620 -18.79 -12.41 -38.23
CA ASP A 620 -18.24 -12.22 -39.57
C ASP A 620 -18.85 -11.07 -40.34
N TRP A 621 -20.00 -10.53 -39.86
CA TRP A 621 -20.94 -9.80 -40.70
C TRP A 621 -21.36 -8.45 -40.19
N LEU A 622 -20.71 -8.00 -39.11
CA LEU A 622 -21.01 -6.71 -38.52
C LEU A 622 -19.72 -5.99 -38.18
N LEU A 623 -19.58 -4.77 -38.68
CA LEU A 623 -18.49 -3.88 -38.32
C LEU A 623 -19.05 -2.81 -37.39
N VAL A 624 -18.45 -2.70 -36.19
CA VAL A 624 -18.94 -1.77 -35.16
C VAL A 624 -17.88 -0.73 -34.87
N SER A 625 -18.28 0.51 -34.64
CA SER A 625 -17.33 1.59 -34.27
C SER A 625 -17.95 2.52 -33.23
N PRO A 626 -17.86 2.18 -31.93
CA PRO A 626 -18.54 2.91 -30.85
C PRO A 626 -18.08 4.35 -30.70
N VAL A 627 -19.00 5.23 -30.34
CA VAL A 627 -18.63 6.60 -30.00
C VAL A 627 -17.89 6.62 -28.65
N LEU A 628 -16.57 6.83 -28.71
CA LEU A 628 -15.72 6.83 -27.51
C LEU A 628 -15.27 8.23 -27.09
N GLY A 629 -15.57 9.24 -27.91
CA GLY A 629 -15.15 10.61 -27.65
C GLY A 629 -16.10 11.35 -26.74
N GLU A 630 -15.53 12.05 -25.78
CA GLU A 630 -16.30 13.00 -25.01
C GLU A 630 -16.87 14.06 -25.99
N ALA A 631 -18.15 14.40 -25.84
CA ALA A 631 -18.82 15.49 -26.60
C ALA A 631 -18.60 15.38 -28.13
N GLN A 632 -18.51 14.16 -28.61
CA GLN A 632 -18.29 13.88 -30.00
C GLN A 632 -19.59 14.06 -30.84
N HIS A 633 -19.49 14.88 -31.87
CA HIS A 633 -20.60 15.15 -32.80
C HIS A 633 -20.54 14.32 -34.11
N SER A 634 -19.40 13.72 -34.42
CA SER A 634 -19.26 12.95 -35.66
C SER A 634 -18.04 12.05 -35.60
N LYS A 635 -18.05 10.97 -36.39
CA LYS A 635 -17.00 9.97 -36.37
C LYS A 635 -16.43 9.84 -37.78
N GLN A 636 -15.11 9.65 -37.88
CA GLN A 636 -14.46 9.27 -39.13
C GLN A 636 -14.34 7.75 -39.05
N ILE A 637 -14.97 7.02 -39.97
CA ILE A 637 -15.01 5.55 -39.85
C ILE A 637 -14.49 4.89 -41.10
N TYR A 638 -13.43 4.10 -40.96
CA TYR A 638 -12.87 3.43 -42.11
C TYR A 638 -13.72 2.20 -42.39
N LEU A 639 -14.20 2.10 -43.63
CA LEU A 639 -14.89 0.92 -44.09
C LEU A 639 -14.07 0.24 -45.19
N PRO A 640 -13.62 -0.99 -44.94
CA PRO A 640 -12.77 -1.69 -45.93
C PRO A 640 -13.59 -2.17 -47.10
N ALA A 641 -12.95 -2.87 -48.04
CA ALA A 641 -13.58 -3.32 -49.29
C ALA A 641 -14.89 -4.01 -49.07
N GLY A 642 -15.90 -3.63 -49.85
CA GLY A 642 -17.23 -4.27 -49.92
C GLY A 642 -18.32 -3.20 -50.03
N THR A 643 -19.51 -3.58 -49.60
CA THR A 643 -20.63 -2.67 -49.50
C THR A 643 -21.21 -2.81 -48.10
N TRP A 644 -21.46 -1.68 -47.42
CA TRP A 644 -21.88 -1.67 -46.02
C TRP A 644 -23.24 -1.02 -45.93
N ILE A 645 -24.10 -1.51 -45.03
CA ILE A 645 -25.43 -0.97 -44.84
C ILE A 645 -25.53 -0.51 -43.37
N ASP A 646 -25.92 0.70 -43.15
CA ASP A 646 -26.08 1.19 -41.80
C ASP A 646 -27.16 0.32 -41.10
N TYR A 647 -26.78 -0.37 -40.03
CA TYR A 647 -27.71 -1.19 -39.24
C TYR A 647 -28.93 -0.40 -38.69
N HIS A 648 -28.71 0.84 -38.27
CA HIS A 648 -29.78 1.61 -37.66
C HIS A 648 -30.44 2.61 -38.55
N ARG A 649 -29.77 3.10 -39.60
CA ARG A 649 -30.28 4.21 -40.44
C ARG A 649 -30.67 3.79 -41.83
N GLY A 650 -30.26 2.60 -42.22
CA GLY A 650 -30.65 2.06 -43.51
C GLY A 650 -29.81 2.39 -44.74
N GLN A 651 -29.03 3.46 -44.76
CA GLN A 651 -28.36 3.82 -46.04
C GLN A 651 -27.19 2.87 -46.39
N THR A 652 -26.85 2.75 -47.65
CA THR A 652 -25.64 2.04 -47.98
C THR A 652 -24.42 2.96 -48.16
N TYR A 653 -23.26 2.37 -47.93
CA TYR A 653 -21.98 3.02 -48.23
C TYR A 653 -21.16 2.02 -48.98
N SER A 654 -20.36 2.50 -49.95
CA SER A 654 -19.40 1.64 -50.61
C SER A 654 -18.09 1.68 -49.82
N GLY A 655 -17.41 0.53 -49.76
CA GLY A 655 -16.17 0.39 -48.98
C GLY A 655 -14.95 1.01 -49.64
N GLY A 656 -13.81 0.90 -48.96
CA GLY A 656 -12.54 1.34 -49.49
C GLY A 656 -12.34 2.81 -49.22
N GLN A 657 -13.06 3.35 -48.21
CA GLN A 657 -13.04 4.78 -47.89
C GLN A 657 -13.27 5.06 -46.43
N THR A 658 -12.91 6.26 -46.03
CA THR A 658 -13.25 6.76 -44.70
C THR A 658 -14.49 7.63 -44.81
N ILE A 659 -15.50 7.34 -44.01
CA ILE A 659 -16.77 8.07 -44.06
C ILE A 659 -16.89 9.02 -42.89
N HIS A 660 -17.61 10.11 -43.12
CA HIS A 660 -18.05 11.04 -42.10
C HIS A 660 -19.45 10.63 -41.66
N TYR A 661 -19.62 10.42 -40.36
CA TYR A 661 -20.82 9.75 -39.81
C TYR A 661 -21.33 10.65 -38.73
N PRO A 662 -22.45 11.36 -38.94
CA PRO A 662 -22.95 12.21 -37.83
C PRO A 662 -23.47 11.37 -36.68
N VAL A 663 -23.25 11.83 -35.45
CA VAL A 663 -23.88 11.26 -34.25
C VAL A 663 -24.56 12.35 -33.42
N ASN A 664 -25.66 11.97 -32.77
CA ASN A 664 -26.39 12.92 -31.93
C ASN A 664 -25.73 12.91 -30.54
N ALA A 665 -24.99 13.99 -30.31
CA ALA A 665 -24.29 14.22 -29.04
C ALA A 665 -25.27 14.52 -27.94
N ASP A 666 -26.48 14.99 -28.29
CA ASP A 666 -27.50 15.22 -27.26
C ASP A 666 -28.17 13.93 -26.73
N THR A 667 -28.45 12.94 -27.57
CA THR A 667 -29.23 11.80 -27.13
C THR A 667 -28.40 10.63 -26.65
N TRP A 668 -27.19 10.48 -27.19
CA TRP A 668 -26.31 9.31 -26.95
C TRP A 668 -26.92 8.04 -27.41
N THR A 669 -27.80 8.11 -28.40
CA THR A 669 -28.54 6.91 -28.81
C THR A 669 -27.82 6.08 -29.93
N ASP A 670 -26.78 6.64 -30.54
CA ASP A 670 -26.11 6.01 -31.65
C ASP A 670 -25.01 5.04 -31.28
N VAL A 671 -25.04 3.88 -31.91
CA VAL A 671 -23.93 2.95 -31.85
C VAL A 671 -23.62 2.60 -33.32
N PRO A 672 -22.57 3.23 -33.87
CA PRO A 672 -22.41 3.05 -35.30
C PRO A 672 -22.03 1.62 -35.66
N LEU A 673 -22.89 0.97 -36.44
CA LEU A 673 -22.87 -0.44 -36.66
C LEU A 673 -23.29 -0.63 -38.12
N PHE A 674 -22.51 -1.43 -38.83
CA PHE A 674 -22.65 -1.59 -40.27
C PHE A 674 -22.68 -3.06 -40.62
N VAL A 675 -23.64 -3.42 -41.47
CA VAL A 675 -23.82 -4.76 -41.94
C VAL A 675 -22.96 -4.92 -43.21
N LYS A 676 -22.18 -5.98 -43.30
CA LYS A 676 -21.35 -6.28 -44.48
C LYS A 676 -22.23 -7.00 -45.49
N GLN A 677 -22.22 -6.56 -46.74
CA GLN A 677 -23.09 -7.16 -47.72
C GLN A 677 -22.61 -8.58 -47.84
N GLY A 678 -23.57 -9.51 -47.93
CA GLY A 678 -23.33 -10.94 -47.75
C GLY A 678 -23.87 -11.46 -46.42
N ALA A 679 -24.14 -10.55 -45.49
CA ALA A 679 -24.52 -10.92 -44.12
C ALA A 679 -25.71 -11.85 -44.05
N ILE A 680 -25.58 -12.88 -43.22
CA ILE A 680 -26.65 -13.81 -42.88
C ILE A 680 -26.64 -13.84 -41.35
N ILE A 681 -27.65 -13.22 -40.71
CA ILE A 681 -27.58 -12.90 -39.30
C ILE A 681 -28.79 -13.46 -38.57
N PRO A 682 -28.64 -14.61 -37.92
CA PRO A 682 -29.75 -15.13 -37.12
C PRO A 682 -29.97 -14.26 -35.90
N ASN A 683 -31.22 -14.05 -35.53
CA ASN A 683 -31.55 -13.23 -34.39
C ASN A 683 -32.90 -13.67 -33.86
N GLN A 684 -33.28 -13.13 -32.70
CA GLN A 684 -34.36 -13.71 -31.92
C GLN A 684 -34.99 -12.66 -31.03
N GLN A 685 -36.18 -12.90 -30.50
CA GLN A 685 -36.82 -11.94 -29.52
C GLN A 685 -35.86 -11.68 -28.30
N VAL A 686 -36.02 -10.54 -27.68
CA VAL A 686 -35.17 -10.23 -26.54
C VAL A 686 -35.61 -10.98 -25.28
N LEU A 687 -34.71 -11.80 -24.71
CA LEU A 687 -34.90 -12.44 -23.39
C LEU A 687 -34.19 -11.68 -22.27
N ASP A 688 -34.73 -11.76 -21.04
CA ASP A 688 -34.06 -11.19 -19.83
C ASP A 688 -32.77 -11.96 -19.46
N TYR A 689 -32.68 -13.22 -19.89
CA TYR A 689 -31.51 -14.06 -19.63
C TYR A 689 -31.52 -15.24 -20.56
N VAL A 690 -30.39 -15.95 -20.75
CA VAL A 690 -30.26 -16.73 -21.98
C VAL A 690 -31.25 -17.91 -22.20
N ASP A 691 -31.65 -18.58 -21.13
CA ASP A 691 -32.54 -19.74 -21.26
C ASP A 691 -33.87 -19.46 -20.52
N GLN A 692 -34.35 -18.23 -20.62
CA GLN A 692 -35.59 -17.81 -19.99
C GLN A 692 -36.78 -18.60 -20.55
N GLN A 693 -36.80 -18.81 -21.86
CA GLN A 693 -37.81 -19.62 -22.51
C GLN A 693 -37.17 -20.25 -23.74
N SER A 694 -37.82 -21.28 -24.26
CA SER A 694 -37.47 -21.84 -25.57
C SER A 694 -37.77 -20.83 -26.65
N VAL A 695 -36.91 -20.81 -27.66
CA VAL A 695 -37.07 -19.97 -28.84
C VAL A 695 -37.31 -20.89 -30.03
N THR A 696 -38.54 -20.85 -30.53
CA THR A 696 -39.05 -21.75 -31.60
C THR A 696 -39.07 -21.09 -33.00
N THR A 697 -39.05 -19.76 -33.03
CA THR A 697 -38.85 -19.01 -34.26
C THR A 697 -37.52 -18.24 -34.23
N VAL A 698 -36.62 -18.54 -35.14
CA VAL A 698 -35.43 -17.74 -35.31
C VAL A 698 -35.59 -16.93 -36.60
N ASN A 699 -35.38 -15.61 -36.50
CA ASN A 699 -35.23 -14.73 -37.65
C ASN A 699 -33.84 -14.79 -38.25
N VAL A 700 -33.73 -14.67 -39.56
CA VAL A 700 -32.45 -14.67 -40.24
C VAL A 700 -32.40 -13.51 -41.21
N ASP A 701 -31.68 -12.42 -40.89
CA ASP A 701 -31.60 -11.30 -41.82
C ASP A 701 -30.53 -11.60 -42.82
N ILE A 702 -30.89 -11.45 -44.08
CA ILE A 702 -30.02 -11.77 -45.19
C ILE A 702 -29.93 -10.54 -46.06
N PHE A 703 -28.69 -10.12 -46.34
CA PHE A 703 -28.43 -9.00 -47.24
C PHE A 703 -27.56 -9.56 -48.37
N PRO A 704 -28.16 -10.08 -49.45
CA PRO A 704 -27.39 -10.91 -50.37
C PRO A 704 -26.32 -10.16 -51.13
N SER A 705 -25.16 -10.81 -51.33
CA SER A 705 -24.14 -10.29 -52.28
C SER A 705 -24.14 -11.19 -53.47
N ALA A 706 -23.45 -10.74 -54.51
CA ALA A 706 -23.41 -11.47 -55.75
C ALA A 706 -22.62 -12.80 -55.65
N SER A 707 -21.81 -12.94 -54.61
CA SER A 707 -21.08 -14.17 -54.36
C SER A 707 -21.82 -14.90 -53.25
N GLU A 708 -21.74 -16.24 -53.25
CA GLU A 708 -22.37 -17.03 -52.21
C GLU A 708 -21.69 -16.67 -50.88
N THR A 709 -22.52 -16.49 -49.86
CA THR A 709 -22.08 -16.41 -48.47
C THR A 709 -22.86 -17.40 -47.63
N SER A 710 -22.35 -17.76 -46.47
CA SER A 710 -23.05 -18.72 -45.66
C SER A 710 -22.85 -18.49 -44.17
N PHE A 711 -23.73 -19.13 -43.41
CA PHE A 711 -23.67 -19.10 -41.96
C PHE A 711 -24.26 -20.41 -41.43
N THR A 712 -23.54 -21.07 -40.53
CA THR A 712 -23.99 -22.30 -40.01
C THR A 712 -24.62 -22.04 -38.66
N TYR A 713 -25.95 -22.06 -38.65
CA TYR A 713 -26.70 -21.85 -37.42
C TYR A 713 -26.37 -23.06 -36.53
N TYR A 714 -26.33 -22.83 -35.21
CA TYR A 714 -25.87 -23.82 -34.23
C TYR A 714 -26.63 -23.73 -32.92
N GLU A 715 -27.12 -24.88 -32.46
CA GLU A 715 -27.70 -25.04 -31.10
C GLU A 715 -27.08 -26.25 -30.41
N ASP A 716 -27.17 -26.21 -29.07
CA ASP A 716 -26.82 -27.34 -28.15
C ASP A 716 -27.42 -27.07 -26.76
N ASP A 717 -27.05 -27.81 -25.73
CA ASP A 717 -27.71 -27.57 -24.41
C ASP A 717 -27.26 -26.28 -23.71
N GLY A 718 -26.17 -25.65 -24.17
CA GLY A 718 -25.65 -24.44 -23.55
C GLY A 718 -25.02 -24.58 -22.17
N SER A 719 -24.77 -25.81 -21.74
CA SER A 719 -24.50 -26.17 -20.31
C SER A 719 -23.46 -27.25 -20.07
N SER A 720 -23.38 -28.25 -20.95
CA SER A 720 -22.62 -29.42 -20.72
C SER A 720 -21.59 -29.58 -21.80
N TYR A 721 -20.72 -30.58 -21.65
CA TYR A 721 -19.75 -30.95 -22.70
C TYR A 721 -20.25 -32.05 -23.65
N ASP A 722 -21.55 -32.32 -23.63
CA ASP A 722 -22.21 -33.25 -24.58
C ASP A 722 -21.85 -32.93 -26.04
N TYR A 723 -21.74 -31.65 -26.36
CA TYR A 723 -21.38 -31.23 -27.70
C TYR A 723 -20.09 -31.89 -28.21
N GLU A 724 -19.17 -32.23 -27.31
CA GLU A 724 -17.89 -32.87 -27.67
C GLU A 724 -18.00 -34.24 -28.31
N SER A 725 -19.08 -34.97 -28.00
CA SER A 725 -19.33 -36.28 -28.60
C SER A 725 -20.56 -36.27 -29.54
N GLY A 726 -20.73 -35.18 -30.32
CA GLY A 726 -21.78 -35.06 -31.35
C GLY A 726 -23.16 -34.54 -30.93
N SER A 727 -23.37 -34.23 -29.64
CA SER A 727 -24.69 -33.77 -29.18
C SER A 727 -24.89 -32.23 -29.35
N SER A 728 -25.10 -31.88 -30.61
CA SER A 728 -25.36 -30.54 -31.05
C SER A 728 -26.19 -30.58 -32.34
N PHE A 729 -26.59 -29.41 -32.83
CA PHE A 729 -27.39 -29.26 -34.06
C PHE A 729 -26.79 -28.16 -34.89
N GLU A 730 -26.64 -28.39 -36.19
CA GLU A 730 -26.28 -27.33 -37.10
C GLU A 730 -27.06 -27.39 -38.42
N GLN A 731 -27.20 -26.24 -39.08
CA GLN A 731 -27.83 -26.11 -40.39
C GLN A 731 -27.17 -25.00 -41.15
N ARG A 732 -26.69 -25.33 -42.36
CA ARG A 732 -25.98 -24.37 -43.14
C ARG A 732 -26.92 -23.46 -43.93
N LEU A 733 -26.93 -22.18 -43.61
CA LEU A 733 -27.69 -21.20 -44.36
C LEU A 733 -26.76 -20.47 -45.32
N ALA A 734 -27.20 -20.29 -46.55
CA ALA A 734 -26.41 -19.73 -47.59
C ALA A 734 -27.28 -18.98 -48.55
N ALA A 735 -26.71 -17.93 -49.13
CA ALA A 735 -27.44 -16.98 -49.95
C ALA A 735 -26.60 -16.49 -51.11
N GLN A 736 -27.29 -16.04 -52.15
CA GLN A 736 -26.65 -15.35 -53.27
C GLN A 736 -27.67 -14.50 -54.01
N ASP A 737 -27.33 -13.24 -54.26
CA ASP A 737 -28.01 -12.41 -55.27
C ASP A 737 -27.66 -12.85 -56.73
N LEU A 738 -28.64 -13.32 -57.49
CA LEU A 738 -28.47 -13.72 -58.91
C LEU A 738 -28.97 -12.61 -59.86
N SER A 739 -28.90 -12.82 -61.18
CA SER A 739 -29.28 -11.77 -62.15
C SER A 739 -30.64 -11.14 -61.83
N SER A 740 -31.67 -11.94 -61.58
CA SER A 740 -32.99 -11.40 -61.32
C SER A 740 -33.75 -12.13 -60.19
N SER A 741 -33.00 -12.75 -59.28
CA SER A 741 -33.62 -13.38 -58.14
C SER A 741 -32.58 -13.44 -57.03
N VAL A 742 -33.03 -13.75 -55.82
CA VAL A 742 -32.20 -14.14 -54.72
C VAL A 742 -32.47 -15.62 -54.38
N ARG A 743 -31.41 -16.39 -54.24
CA ARG A 743 -31.47 -17.78 -53.88
C ARG A 743 -30.91 -17.90 -52.44
N VAL A 744 -31.66 -18.59 -51.59
CA VAL A 744 -31.28 -18.92 -50.23
C VAL A 744 -31.46 -20.45 -49.97
N GLU A 745 -30.39 -21.12 -49.56
CA GLU A 745 -30.44 -22.55 -49.22
C GLU A 745 -30.48 -22.77 -47.70
N VAL A 746 -31.53 -23.43 -47.17
CA VAL A 746 -31.49 -23.90 -45.80
C VAL A 746 -31.12 -25.36 -45.84
N GLY A 747 -29.84 -25.64 -45.62
CA GLY A 747 -29.30 -26.98 -45.65
C GLY A 747 -30.03 -27.86 -44.65
N ALA A 748 -29.75 -29.16 -44.79
CA ALA A 748 -30.36 -30.19 -43.95
C ALA A 748 -29.84 -30.14 -42.51
N GLY A 749 -30.72 -30.49 -41.58
CA GLY A 749 -30.31 -30.71 -40.18
C GLY A 749 -29.14 -31.69 -40.06
N SER A 750 -28.34 -31.51 -39.03
CA SER A 750 -27.12 -32.27 -38.85
C SER A 750 -26.78 -32.31 -37.36
N GLY A 751 -26.51 -33.51 -36.81
CA GLY A 751 -26.21 -33.74 -35.39
C GLY A 751 -27.39 -34.30 -34.59
N SER A 752 -27.16 -34.68 -33.33
CA SER A 752 -28.19 -35.39 -32.55
C SER A 752 -28.99 -34.53 -31.57
N TYR A 753 -28.57 -33.32 -31.25
CA TYR A 753 -29.35 -32.47 -30.36
C TYR A 753 -30.65 -32.09 -31.03
N THR A 754 -31.77 -32.28 -30.34
CA THR A 754 -33.08 -31.86 -30.85
C THR A 754 -33.20 -30.40 -30.54
N PRO A 755 -33.07 -29.54 -31.56
CA PRO A 755 -33.05 -28.09 -31.30
C PRO A 755 -34.44 -27.59 -30.94
N ASP A 756 -34.51 -26.49 -30.20
CA ASP A 756 -35.77 -25.85 -29.90
C ASP A 756 -36.35 -25.16 -31.14
N VAL A 757 -35.48 -24.77 -32.09
CA VAL A 757 -35.96 -24.06 -33.29
C VAL A 757 -36.87 -24.95 -34.19
N GLN A 758 -38.05 -24.43 -34.46
CA GLN A 758 -39.08 -25.06 -35.29
C GLN A 758 -39.20 -24.39 -36.66
N HIS A 759 -39.15 -23.06 -36.71
CA HIS A 759 -39.25 -22.29 -37.95
C HIS A 759 -38.18 -21.20 -37.99
N TYR A 760 -37.56 -21.01 -39.17
CA TYR A 760 -36.85 -19.79 -39.50
C TYR A 760 -37.82 -18.86 -40.17
N VAL A 761 -37.73 -17.56 -39.88
CA VAL A 761 -38.34 -16.50 -40.69
C VAL A 761 -37.19 -15.76 -41.39
N LEU A 762 -36.92 -16.12 -42.65
CA LEU A 762 -35.92 -15.42 -43.49
C LEU A 762 -36.34 -14.01 -43.79
N LYS A 763 -35.46 -13.03 -43.59
CA LYS A 763 -35.77 -11.65 -43.98
C LYS A 763 -34.76 -11.27 -45.02
N ILE A 764 -35.20 -11.33 -46.28
CA ILE A 764 -34.32 -11.20 -47.42
C ILE A 764 -34.45 -9.77 -47.82
N HIS A 765 -33.43 -8.98 -47.53
CA HIS A 765 -33.40 -7.56 -47.87
C HIS A 765 -32.93 -7.34 -49.31
N GLY A 766 -33.40 -6.22 -49.87
CA GLY A 766 -33.09 -5.78 -51.24
C GLY A 766 -34.07 -6.14 -52.35
N ARG A 767 -35.10 -6.89 -52.02
CA ARG A 767 -36.05 -7.29 -53.05
C ARG A 767 -37.36 -7.65 -52.38
N ALA A 768 -38.44 -7.08 -52.91
CA ALA A 768 -39.81 -7.47 -52.56
C ALA A 768 -40.36 -8.33 -53.69
N GLY A 769 -40.27 -9.63 -53.58
CA GLY A 769 -40.62 -10.48 -54.71
C GLY A 769 -42.11 -10.51 -55.03
N SER A 770 -42.43 -10.98 -56.24
CA SER A 770 -43.79 -11.37 -56.63
C SER A 770 -43.95 -12.88 -56.53
N ALA A 771 -42.85 -13.60 -56.35
CA ALA A 771 -42.92 -15.04 -56.16
C ALA A 771 -41.71 -15.62 -55.41
N VAL A 772 -42.00 -16.63 -54.62
CA VAL A 772 -41.04 -17.33 -53.81
C VAL A 772 -41.29 -18.83 -54.03
N THR A 773 -40.27 -19.54 -54.56
CA THR A 773 -40.39 -20.94 -55.00
C THR A 773 -39.41 -21.87 -54.29
N ALA A 774 -39.57 -23.19 -54.48
CA ALA A 774 -38.85 -24.20 -53.71
C ALA A 774 -39.25 -25.59 -54.16
N GLY A 775 -38.37 -26.29 -54.86
CA GLY A 775 -38.63 -27.70 -55.19
C GLY A 775 -39.81 -27.93 -56.14
N GLY A 776 -39.94 -27.02 -57.10
CA GLY A 776 -41.06 -27.00 -58.02
C GLY A 776 -42.35 -26.36 -57.49
N SER A 777 -42.32 -25.74 -56.30
CA SER A 777 -43.55 -25.26 -55.67
C SER A 777 -43.44 -23.81 -55.38
N ALA A 778 -44.47 -23.07 -55.73
CA ALA A 778 -44.59 -21.69 -55.39
C ALA A 778 -45.27 -21.63 -54.04
N LEU A 779 -44.59 -20.99 -53.10
CA LEU A 779 -45.08 -20.87 -51.75
C LEU A 779 -46.27 -19.93 -51.70
N THR A 780 -47.18 -20.23 -50.78
CA THR A 780 -48.38 -19.44 -50.49
C THR A 780 -48.01 -18.04 -49.97
N GLY A 781 -48.63 -17.03 -50.56
CA GLY A 781 -48.43 -15.63 -50.19
C GLY A 781 -49.44 -15.12 -49.16
N TYR A 782 -48.92 -14.38 -48.18
CA TYR A 782 -49.72 -13.77 -47.14
C TYR A 782 -49.53 -12.30 -47.27
N GLY A 783 -50.39 -11.53 -46.62
CA GLY A 783 -50.52 -10.10 -46.88
C GLY A 783 -49.47 -9.25 -46.22
N ASP A 784 -48.81 -9.79 -45.22
CA ASP A 784 -47.87 -9.05 -44.39
C ASP A 784 -47.17 -10.03 -43.44
N LEU A 785 -46.14 -9.52 -42.75
CA LEU A 785 -45.32 -10.34 -41.87
C LEU A 785 -46.17 -10.99 -40.79
N GLN A 786 -46.96 -10.15 -40.14
CA GLN A 786 -47.92 -10.58 -39.14
C GLN A 786 -48.74 -11.86 -39.56
N ALA A 787 -49.41 -11.81 -40.72
CA ALA A 787 -50.23 -12.92 -41.21
C ALA A 787 -49.38 -14.13 -41.53
N LEU A 788 -48.15 -13.88 -41.98
CA LEU A 788 -47.20 -14.97 -42.19
C LEU A 788 -46.83 -15.66 -40.89
N GLN A 789 -46.58 -14.88 -39.84
CA GLN A 789 -46.14 -15.43 -38.56
C GLN A 789 -47.20 -16.33 -37.97
N ALA A 790 -48.47 -15.89 -38.06
CA ALA A 790 -49.64 -16.63 -37.53
C ALA A 790 -50.01 -17.91 -38.31
N ALA A 791 -49.52 -18.08 -39.53
CA ALA A 791 -49.77 -19.28 -40.32
C ALA A 791 -48.93 -20.47 -39.82
N SER A 792 -49.48 -21.67 -39.93
CA SER A 792 -48.70 -22.89 -39.65
C SER A 792 -48.21 -23.31 -41.01
N GLY A 793 -47.07 -23.97 -41.06
CA GLY A 793 -46.49 -24.38 -42.35
C GLY A 793 -46.09 -23.17 -43.21
N SER A 794 -45.41 -23.44 -44.30
CA SER A 794 -44.63 -22.45 -45.00
C SER A 794 -45.39 -21.35 -45.77
N GLY A 795 -44.72 -20.24 -45.94
CA GLY A 795 -45.29 -19.13 -46.65
C GLY A 795 -44.28 -18.04 -46.90
N TRP A 796 -44.74 -16.99 -47.59
CA TRP A 796 -43.99 -15.77 -47.81
C TRP A 796 -44.86 -14.52 -47.76
N ALA A 797 -44.18 -13.40 -47.71
CA ALA A 797 -44.83 -12.11 -47.68
C ALA A 797 -43.80 -11.06 -48.05
N SER A 798 -44.21 -9.82 -48.22
CA SER A 798 -43.24 -8.80 -48.51
C SER A 798 -43.59 -7.51 -47.83
N GLY A 799 -42.64 -6.60 -47.87
CA GLY A 799 -42.79 -5.37 -47.17
C GLY A 799 -41.67 -4.44 -47.47
N ARG A 800 -41.63 -3.41 -46.64
CA ARG A 800 -40.62 -2.39 -46.56
C ARG A 800 -40.15 -2.31 -45.10
N ASP A 801 -38.86 -2.06 -44.90
CA ASP A 801 -38.27 -1.74 -43.60
C ASP A 801 -37.25 -0.61 -43.85
N ILE A 802 -36.51 -0.21 -42.83
CA ILE A 802 -35.52 0.88 -42.86
C ILE A 802 -34.52 0.66 -44.04
N TYR A 803 -34.24 -0.60 -44.41
CA TYR A 803 -33.27 -0.92 -45.48
C TYR A 803 -33.85 -0.83 -46.86
N GLY A 804 -35.18 -0.90 -46.96
CA GLY A 804 -35.84 -0.84 -48.25
C GLY A 804 -36.75 -2.04 -48.43
N ASP A 805 -36.79 -2.55 -49.65
CA ASP A 805 -37.68 -3.68 -49.97
C ASP A 805 -37.26 -4.92 -49.22
N VAL A 806 -38.22 -5.67 -48.70
CA VAL A 806 -37.91 -6.94 -48.04
C VAL A 806 -38.93 -8.02 -48.41
N THR A 807 -38.45 -9.25 -48.49
CA THR A 807 -39.27 -10.42 -48.69
C THR A 807 -39.10 -11.31 -47.47
N TYR A 808 -40.21 -11.70 -46.85
CA TYR A 808 -40.24 -12.60 -45.68
C TYR A 808 -40.57 -14.00 -46.17
N VAL A 809 -39.92 -15.02 -45.61
CA VAL A 809 -40.13 -16.41 -46.03
C VAL A 809 -40.06 -17.24 -44.74
N LYS A 810 -41.17 -17.86 -44.34
CA LYS A 810 -41.23 -18.70 -43.14
C LYS A 810 -41.10 -20.17 -43.56
N LEU A 811 -40.22 -20.93 -42.91
CA LEU A 811 -39.86 -22.30 -43.31
C LEU A 811 -39.69 -23.15 -42.06
N PRO A 812 -39.87 -24.48 -42.19
CA PRO A 812 -39.53 -25.37 -41.08
C PRO A 812 -38.03 -25.46 -40.91
N ALA A 813 -37.55 -25.44 -39.68
CA ALA A 813 -36.16 -25.68 -39.38
C ALA A 813 -36.02 -27.15 -39.07
N ALA A 814 -34.81 -27.64 -39.22
CA ALA A 814 -34.43 -28.98 -38.81
C ALA A 814 -35.09 -30.05 -39.64
N SER A 815 -35.44 -29.73 -40.89
CA SER A 815 -35.76 -30.76 -41.87
C SER A 815 -34.55 -31.69 -42.06
N GLY A 816 -34.84 -32.95 -42.41
CA GLY A 816 -33.84 -33.95 -42.78
C GLY A 816 -33.20 -33.66 -44.14
N SER A 817 -33.77 -32.73 -44.91
CA SER A 817 -33.23 -32.39 -46.22
C SER A 817 -33.17 -30.89 -46.50
N ALA A 818 -32.31 -30.55 -47.47
CA ALA A 818 -32.08 -29.19 -47.90
C ALA A 818 -33.30 -28.59 -48.62
N THR A 819 -33.52 -27.31 -48.37
CA THR A 819 -34.61 -26.55 -48.96
C THR A 819 -33.91 -25.37 -49.62
N VAL A 820 -34.28 -25.08 -50.86
CA VAL A 820 -33.66 -24.01 -51.65
C VAL A 820 -34.79 -23.09 -52.03
N VAL A 821 -34.70 -21.85 -51.60
CA VAL A 821 -35.74 -20.89 -51.81
C VAL A 821 -35.22 -19.88 -52.81
N GLU A 822 -36.09 -19.45 -53.72
CA GLU A 822 -35.74 -18.50 -54.73
C GLU A 822 -36.81 -17.42 -54.79
N VAL A 823 -36.41 -16.18 -54.52
CA VAL A 823 -37.31 -15.07 -54.54
C VAL A 823 -37.10 -14.38 -55.86
N SER A 824 -38.15 -14.28 -56.69
CA SER A 824 -38.06 -13.58 -57.98
C SER A 824 -39.12 -12.48 -58.13
N GLY A 825 -38.96 -11.69 -59.18
CA GLY A 825 -39.81 -10.54 -59.45
C GLY A 825 -39.58 -9.42 -58.47
N SER A 826 -40.24 -8.30 -58.74
CA SER A 826 -40.14 -7.12 -57.89
C SER A 826 -41.50 -6.43 -57.81
N ALA A 827 -42.16 -6.49 -56.65
CA ALA A 827 -43.46 -5.88 -56.43
C ALA A 827 -43.41 -5.08 -55.09
N PRO A 828 -42.86 -3.85 -55.14
CA PRO A 828 -42.57 -3.09 -53.89
C PRO A 828 -43.82 -2.72 -53.12
N SER A 829 -43.77 -2.84 -51.80
CA SER A 829 -44.86 -2.35 -50.94
C SER A 829 -45.06 -0.84 -51.12
N ALA A 830 -46.32 -0.42 -51.05
CA ALA A 830 -46.66 0.99 -50.99
C ALA A 830 -46.87 1.46 -49.54
N ALA A 831 -46.64 0.57 -48.55
CA ALA A 831 -46.73 0.99 -47.15
C ALA A 831 -45.93 2.29 -46.86
N THR A 832 -46.58 3.23 -46.15
CA THR A 832 -45.94 4.48 -45.72
C THR A 832 -45.42 4.47 -44.28
N HIS A 833 -45.69 3.38 -43.55
CA HIS A 833 -45.42 3.27 -42.11
C HIS A 833 -44.91 1.88 -41.80
N ALA A 834 -44.01 1.80 -40.82
CA ALA A 834 -43.71 0.58 -40.10
C ALA A 834 -44.71 0.42 -38.94
N ILE A 835 -44.96 -0.83 -38.59
CA ILE A 835 -45.86 -1.16 -37.51
C ILE A 835 -45.09 -1.94 -36.45
N TYR A 836 -45.04 -1.39 -35.24
CA TYR A 836 -44.55 -2.13 -34.11
C TYR A 836 -45.72 -2.52 -33.17
N GLU A 837 -45.99 -3.83 -33.08
CA GLU A 837 -46.94 -4.38 -32.13
C GLU A 837 -46.30 -4.35 -30.74
N VAL A 838 -46.93 -3.63 -29.80
CA VAL A 838 -46.30 -3.35 -28.51
C VAL A 838 -46.24 -4.52 -27.57
N GLU A 839 -47.05 -5.53 -27.84
CA GLU A 839 -46.92 -6.78 -27.10
C GLU A 839 -45.58 -7.52 -27.42
N ASP A 840 -44.98 -7.25 -28.58
CA ASP A 840 -43.60 -7.69 -28.88
C ASP A 840 -42.54 -6.76 -28.29
N ALA A 841 -42.93 -5.57 -27.79
CA ALA A 841 -41.97 -4.60 -27.29
C ALA A 841 -41.54 -4.87 -25.81
N SER A 842 -40.84 -3.89 -25.19
CA SER A 842 -40.23 -4.05 -23.86
C SER A 842 -41.13 -3.52 -22.75
N ARG A 843 -41.46 -4.43 -21.83
CA ARG A 843 -42.45 -4.17 -20.80
C ARG A 843 -41.72 -3.99 -19.51
N SER A 844 -42.06 -2.90 -18.80
CA SER A 844 -41.36 -2.57 -17.58
C SER A 844 -42.28 -1.94 -16.54
N GLY A 845 -41.72 -1.74 -15.35
CA GLY A 845 -42.41 -1.12 -14.26
C GLY A 845 -41.52 -1.04 -13.05
N ALA A 846 -42.11 -0.56 -11.94
CA ALA A 846 -41.35 -0.24 -10.73
C ALA A 846 -40.75 -1.44 -10.06
N THR A 847 -41.37 -2.59 -10.21
CA THR A 847 -40.88 -3.80 -9.50
C THR A 847 -41.09 -4.95 -10.49
N PRO A 848 -40.46 -6.10 -10.23
CA PRO A 848 -40.58 -7.18 -11.23
C PRO A 848 -41.97 -7.75 -11.47
N THR A 849 -42.89 -7.57 -10.52
CA THR A 849 -44.28 -8.11 -10.63
C THR A 849 -45.32 -7.02 -10.93
N THR A 850 -44.88 -5.77 -11.06
CA THR A 850 -45.74 -4.69 -11.53
C THR A 850 -45.36 -4.13 -12.93
N ARG A 851 -44.68 -4.94 -13.74
CA ARG A 851 -44.43 -4.58 -15.13
C ARG A 851 -45.76 -4.53 -15.92
N ALA A 852 -45.79 -3.73 -16.99
CA ALA A 852 -46.86 -3.83 -17.97
C ALA A 852 -46.97 -5.27 -18.50
N GLY A 853 -48.15 -5.62 -18.99
CA GLY A 853 -48.42 -7.00 -19.44
C GLY A 853 -48.95 -7.16 -20.83
N ILE A 854 -48.98 -8.42 -21.26
CA ILE A 854 -49.53 -8.83 -22.55
C ILE A 854 -50.88 -9.43 -22.25
N ASN A 855 -51.86 -9.17 -23.10
CA ASN A 855 -53.18 -9.80 -22.96
C ASN A 855 -53.94 -9.92 -24.29
N THR A 856 -54.95 -10.79 -24.29
CA THR A 856 -55.80 -11.03 -25.46
C THR A 856 -57.30 -11.02 -25.11
N ASN A 857 -57.65 -10.55 -23.91
CA ASN A 857 -58.96 -10.76 -23.30
C ASN A 857 -59.97 -9.64 -23.65
N HIS A 858 -59.69 -8.89 -24.70
CA HIS A 858 -60.66 -8.03 -25.34
C HIS A 858 -60.41 -8.22 -26.81
N SER A 859 -61.41 -8.00 -27.63
CA SER A 859 -61.32 -8.36 -29.05
C SER A 859 -60.98 -7.12 -29.84
N GLY A 860 -60.59 -7.33 -31.08
CA GLY A 860 -60.30 -6.24 -32.01
C GLY A 860 -58.84 -5.84 -32.17
N TYR A 861 -57.94 -6.40 -31.34
CA TYR A 861 -56.51 -6.06 -31.41
C TYR A 861 -55.90 -6.53 -32.74
N SER A 862 -54.82 -5.85 -33.13
CA SER A 862 -53.89 -6.33 -34.17
C SER A 862 -52.78 -7.23 -33.57
N GLY A 863 -52.21 -8.08 -34.41
CA GLY A 863 -51.14 -8.99 -34.00
C GLY A 863 -51.60 -10.05 -33.04
N SER A 864 -50.75 -10.39 -32.08
CA SER A 864 -51.02 -11.46 -31.16
C SER A 864 -51.69 -10.98 -29.87
N GLY A 865 -51.82 -9.66 -29.69
CA GLY A 865 -52.37 -9.14 -28.46
C GLY A 865 -52.31 -7.64 -28.32
N PHE A 866 -52.25 -7.19 -27.08
CA PHE A 866 -52.06 -5.79 -26.76
C PHE A 866 -51.38 -5.69 -25.40
N VAL A 867 -51.16 -4.48 -24.88
CA VAL A 867 -50.45 -4.35 -23.64
C VAL A 867 -51.38 -3.75 -22.58
N ASP A 868 -51.49 -4.45 -21.44
CA ASP A 868 -52.35 -4.05 -20.30
C ASP A 868 -51.49 -3.84 -19.08
N LYS A 869 -52.13 -3.67 -17.94
CA LYS A 869 -51.45 -3.34 -16.70
C LYS A 869 -50.54 -2.13 -16.87
N LEU A 870 -51.07 -1.10 -17.51
CA LEU A 870 -50.54 0.24 -17.46
C LEU A 870 -51.26 1.03 -16.39
N ASP A 871 -51.58 0.33 -15.29
CA ASP A 871 -52.46 0.82 -14.20
C ASP A 871 -51.81 0.82 -12.81
N VAL A 872 -50.52 0.53 -12.72
CA VAL A 872 -49.72 0.70 -11.51
C VAL A 872 -48.63 1.73 -11.85
N PRO A 873 -48.44 2.78 -10.99
CA PRO A 873 -47.41 3.76 -11.29
C PRO A 873 -46.06 3.19 -11.75
N GLY A 874 -45.49 3.86 -12.76
CA GLY A 874 -44.28 3.43 -13.42
C GLY A 874 -44.38 2.30 -14.43
N ALA A 875 -45.57 1.75 -14.67
CA ALA A 875 -45.66 0.72 -15.73
C ALA A 875 -45.40 1.36 -17.09
N ALA A 876 -44.70 0.65 -17.96
CA ALA A 876 -44.44 1.19 -19.28
C ALA A 876 -44.10 0.13 -20.35
N VAL A 877 -44.17 0.58 -21.60
CA VAL A 877 -43.76 -0.20 -22.75
C VAL A 877 -42.85 0.68 -23.63
N THR A 878 -41.83 0.05 -24.19
CA THR A 878 -40.75 0.76 -24.88
C THR A 878 -40.51 0.08 -26.19
N VAL A 879 -40.61 0.86 -27.26
CA VAL A 879 -40.36 0.39 -28.60
C VAL A 879 -39.06 1.03 -29.13
N TYR A 880 -38.26 0.22 -29.80
CA TYR A 880 -37.07 0.65 -30.51
C TYR A 880 -37.39 0.76 -32.00
N ALA A 881 -37.51 2.01 -32.42
CA ALA A 881 -37.86 2.35 -33.78
C ALA A 881 -36.67 3.01 -34.43
N ASN A 882 -36.23 2.45 -35.55
CA ASN A 882 -35.19 3.09 -36.39
C ASN A 882 -35.78 4.18 -37.33
N ALA A 883 -35.04 5.29 -37.51
CA ALA A 883 -35.37 6.42 -38.43
C ALA A 883 -34.17 6.70 -39.37
N PRO A 884 -34.43 6.97 -40.67
CA PRO A 884 -33.28 7.11 -41.60
C PRO A 884 -32.54 8.44 -41.44
N VAL A 885 -33.27 9.47 -40.99
CA VAL A 885 -32.73 10.81 -40.73
C VAL A 885 -33.44 11.35 -39.51
N SER A 886 -32.88 12.43 -38.96
CA SER A 886 -33.51 13.08 -37.83
C SER A 886 -34.66 13.91 -38.35
N GLY A 887 -35.69 14.07 -37.53
CA GLY A 887 -36.76 15.00 -37.88
C GLY A 887 -38.11 14.74 -37.22
N ASP A 888 -39.16 15.27 -37.84
CA ASP A 888 -40.51 15.18 -37.33
C ASP A 888 -41.19 13.93 -37.84
N TYR A 889 -41.59 13.04 -36.94
CA TYR A 889 -42.29 11.84 -37.35
C TYR A 889 -43.66 11.76 -36.62
N PRO A 890 -44.76 11.95 -37.34
CA PRO A 890 -46.07 11.78 -36.68
C PRO A 890 -46.34 10.31 -36.38
N VAL A 891 -46.26 9.92 -35.12
CA VAL A 891 -46.35 8.53 -34.74
C VAL A 891 -47.73 8.22 -34.15
N GLU A 892 -48.38 7.21 -34.73
CA GLU A 892 -49.74 6.84 -34.42
C GLU A 892 -49.73 5.75 -33.38
N LEU A 893 -50.48 5.95 -32.30
CA LEU A 893 -50.65 4.96 -31.25
C LEU A 893 -52.03 4.38 -31.34
N ARG A 894 -52.13 3.08 -31.48
CA ARG A 894 -53.45 2.46 -31.40
C ARG A 894 -53.68 1.96 -29.98
N TYR A 895 -54.80 2.42 -29.40
CA TYR A 895 -55.15 2.10 -28.00
C TYR A 895 -56.65 1.91 -27.77
N ALA A 896 -56.97 1.36 -26.59
CA ALA A 896 -58.33 1.19 -26.12
C ALA A 896 -58.49 1.83 -24.75
N ASN A 897 -59.57 2.59 -24.56
CA ASN A 897 -59.92 3.23 -23.28
C ASN A 897 -61.40 3.03 -22.99
N GLY A 898 -61.72 1.96 -22.29
CA GLY A 898 -63.07 1.65 -21.87
C GLY A 898 -63.35 2.03 -20.43
N SER A 899 -62.76 3.12 -19.95
CA SER A 899 -62.84 3.47 -18.55
C SER A 899 -64.02 4.40 -18.28
N GLY A 900 -64.62 4.94 -19.34
CA GLY A 900 -65.70 5.90 -19.17
C GLY A 900 -65.26 7.35 -19.35
N SER A 901 -63.97 7.63 -19.22
CA SER A 901 -63.43 9.00 -19.43
C SER A 901 -61.96 8.97 -19.93
N ALA A 902 -61.44 10.15 -20.28
CA ALA A 902 -60.11 10.28 -20.85
C ALA A 902 -59.01 9.92 -19.83
N LYS A 903 -57.95 9.29 -20.33
CA LYS A 903 -56.82 8.83 -19.50
C LYS A 903 -55.52 9.43 -20.02
N THR A 904 -54.55 9.64 -19.14
CA THR A 904 -53.25 10.19 -19.53
C THR A 904 -52.07 9.19 -19.45
N LEU A 905 -51.13 9.39 -20.36
CA LEU A 905 -49.92 8.61 -20.43
C LEU A 905 -48.85 9.54 -21.00
N SER A 906 -47.65 9.42 -20.47
CA SER A 906 -46.49 10.13 -20.97
C SER A 906 -45.89 9.39 -22.18
N VAL A 907 -45.55 10.17 -23.19
CA VAL A 907 -44.65 9.69 -24.24
C VAL A 907 -43.27 10.29 -24.06
N TYR A 908 -42.30 9.40 -23.89
CA TYR A 908 -40.91 9.72 -23.76
C TYR A 908 -40.23 9.25 -25.02
N VAL A 909 -39.38 10.12 -25.55
CA VAL A 909 -38.50 9.83 -26.71
C VAL A 909 -37.03 10.15 -26.35
N ASN A 910 -36.19 9.13 -26.44
CA ASN A 910 -34.76 9.23 -26.13
C ASN A 910 -34.51 9.85 -24.76
N ALA A 911 -35.31 9.39 -23.80
CA ALA A 911 -35.28 9.79 -22.41
C ALA A 911 -35.71 11.23 -22.13
N ALA A 912 -36.32 11.90 -23.11
CA ALA A 912 -36.93 13.20 -22.88
C ALA A 912 -38.48 13.04 -22.84
N ARG A 913 -39.14 13.68 -21.86
CA ARG A 913 -40.62 13.70 -21.83
C ARG A 913 -41.11 14.63 -22.88
N VAL A 914 -41.71 14.07 -23.93
CA VAL A 914 -42.13 14.90 -25.09
C VAL A 914 -43.53 15.50 -24.93
N GLN A 915 -44.50 14.66 -24.50
CA GLN A 915 -45.87 15.09 -24.29
C GLN A 915 -46.58 14.23 -23.28
N GLN A 916 -47.59 14.81 -22.63
CA GLN A 916 -48.63 14.00 -21.95
C GLN A 916 -49.70 13.73 -22.99
N LEU A 917 -49.93 12.45 -23.27
CA LEU A 917 -51.00 12.10 -24.18
C LEU A 917 -52.32 12.09 -23.39
N SER A 918 -53.33 12.79 -23.93
CA SER A 918 -54.71 12.70 -23.45
C SER A 918 -55.52 11.75 -24.33
N LEU A 919 -55.80 10.54 -23.86
CA LEU A 919 -56.40 9.49 -24.66
C LEU A 919 -57.88 9.32 -24.34
N ALA A 920 -58.73 9.66 -25.30
CA ALA A 920 -60.17 9.69 -25.10
C ALA A 920 -60.75 8.29 -24.94
N ASP A 921 -61.89 8.23 -24.21
CA ASP A 921 -62.69 7.01 -24.04
C ASP A 921 -63.04 6.53 -25.46
N THR A 922 -62.95 5.22 -25.71
CA THR A 922 -63.26 4.63 -27.04
C THR A 922 -64.61 3.92 -27.09
N GLY A 923 -65.36 3.94 -25.96
CA GLY A 923 -66.68 3.37 -25.85
C GLY A 923 -66.62 2.08 -25.05
N ALA A 924 -65.59 1.28 -25.28
CA ALA A 924 -65.42 -0.02 -24.63
C ALA A 924 -63.97 -0.52 -24.74
N TRP A 925 -63.66 -1.53 -23.93
CA TRP A 925 -62.33 -2.18 -23.96
C TRP A 925 -62.04 -2.94 -25.24
N SER A 926 -63.09 -3.35 -25.96
CA SER A 926 -62.94 -4.00 -27.25
C SER A 926 -63.12 -3.01 -28.42
N GLN A 927 -63.18 -1.70 -28.14
CA GLN A 927 -63.19 -0.64 -29.17
C GLN A 927 -61.91 0.19 -29.08
N TRP A 928 -61.30 0.41 -30.23
CA TRP A 928 -59.94 0.93 -30.35
C TRP A 928 -59.97 2.27 -31.06
N GLY A 929 -59.03 3.15 -30.72
CA GLY A 929 -58.88 4.46 -31.40
C GLY A 929 -57.43 4.73 -31.71
N THR A 930 -57.16 5.91 -32.27
CA THR A 930 -55.80 6.28 -32.63
C THR A 930 -55.49 7.70 -32.22
N GLN A 931 -54.32 7.89 -31.65
CA GLN A 931 -53.82 9.20 -31.37
C GLN A 931 -52.43 9.28 -32.03
N THR A 932 -52.26 10.32 -32.83
CA THR A 932 -51.07 10.59 -33.59
C THR A 932 -50.38 11.82 -32.99
N THR A 933 -49.10 11.69 -32.67
CA THR A 933 -48.34 12.74 -32.01
C THR A 933 -47.03 12.91 -32.76
N THR A 934 -46.64 14.16 -33.02
CA THR A 934 -45.40 14.41 -33.73
C THR A 934 -44.14 14.29 -32.83
N LEU A 935 -43.30 13.28 -33.12
CA LEU A 935 -42.19 12.91 -32.25
C LEU A 935 -40.90 13.38 -32.82
N PRO A 936 -40.04 13.93 -31.96
CA PRO A 936 -38.71 14.37 -32.45
C PRO A 936 -37.76 13.20 -32.44
N LEU A 937 -37.59 12.55 -33.59
CA LEU A 937 -36.68 11.43 -33.70
C LEU A 937 -35.31 11.84 -34.26
N THR A 938 -34.29 11.07 -33.90
CA THR A 938 -32.94 11.23 -34.37
C THR A 938 -32.62 10.11 -35.36
N ALA A 939 -31.73 10.41 -36.29
CA ALA A 939 -31.21 9.40 -37.18
C ALA A 939 -30.69 8.15 -36.44
N GLY A 940 -31.22 7.01 -36.87
CA GLY A 940 -30.88 5.72 -36.29
C GLY A 940 -31.94 5.33 -35.29
N GLN A 941 -31.48 4.72 -34.20
CA GLN A 941 -32.37 4.07 -33.27
C GLN A 941 -33.02 5.10 -32.37
N ASN A 942 -34.32 5.00 -32.14
CA ASN A 942 -35.00 5.86 -31.19
C ASN A 942 -35.65 4.98 -30.17
N ILE A 943 -35.80 5.57 -28.98
CA ILE A 943 -36.37 4.89 -27.82
C ILE A 943 -37.66 5.64 -27.55
N ILE A 944 -38.78 4.97 -27.83
CA ILE A 944 -40.11 5.53 -27.66
C ILE A 944 -40.82 4.73 -26.59
N THR A 945 -41.16 5.42 -25.50
CA THR A 945 -41.71 4.80 -24.31
C THR A 945 -43.04 5.45 -23.96
N TYR A 946 -44.05 4.60 -23.78
CA TYR A 946 -45.38 5.02 -23.32
C TYR A 946 -45.47 4.55 -21.89
N LYS A 947 -45.65 5.51 -21.00
CA LYS A 947 -45.47 5.27 -19.55
C LYS A 947 -46.55 5.93 -18.67
N TYR A 948 -46.94 5.20 -17.63
CA TYR A 948 -47.73 5.72 -16.54
C TYR A 948 -46.77 6.32 -15.53
N ASP A 949 -46.61 7.64 -15.63
CA ASP A 949 -45.69 8.39 -14.80
C ASP A 949 -46.59 9.20 -13.84
N SER A 950 -46.97 8.53 -12.74
CA SER A 950 -47.81 9.16 -11.71
C SER A 950 -47.15 10.41 -11.10
N ASP A 951 -45.82 10.44 -11.02
CA ASP A 951 -45.12 11.64 -10.51
C ASP A 951 -45.13 12.82 -11.49
N ALA A 952 -45.64 12.60 -12.71
CA ALA A 952 -45.90 13.65 -13.64
C ALA A 952 -47.39 13.95 -13.78
N GLY A 953 -48.22 13.33 -12.94
CA GLY A 953 -49.66 13.51 -13.00
C GLY A 953 -50.40 12.66 -14.01
N ASP A 954 -49.75 11.69 -14.66
CA ASP A 954 -50.49 10.76 -15.52
C ASP A 954 -51.45 9.89 -14.65
N THR A 955 -52.52 9.41 -15.29
CA THR A 955 -53.45 8.43 -14.70
C THR A 955 -53.17 6.98 -15.09
N GLY A 956 -52.61 6.76 -16.28
CA GLY A 956 -52.45 5.40 -16.82
C GLY A 956 -53.81 4.83 -17.12
N GLY A 957 -53.89 3.53 -17.22
CA GLY A 957 -55.17 2.85 -17.30
C GLY A 957 -55.78 2.75 -18.69
N VAL A 958 -54.93 2.47 -19.68
CA VAL A 958 -55.41 2.20 -21.03
C VAL A 958 -54.69 0.95 -21.52
N ASN A 959 -55.11 0.41 -22.65
CA ASN A 959 -54.39 -0.73 -23.28
C ASN A 959 -53.87 -0.26 -24.63
N LEU A 960 -52.67 -0.72 -24.98
CA LEU A 960 -52.01 -0.25 -26.20
C LEU A 960 -51.81 -1.40 -27.15
N ASP A 961 -52.06 -1.14 -28.43
CA ASP A 961 -52.06 -2.24 -29.38
C ASP A 961 -50.84 -2.25 -30.30
N TYR A 962 -50.53 -1.08 -30.86
CA TYR A 962 -49.35 -0.91 -31.71
C TYR A 962 -49.03 0.55 -31.87
N ILE A 963 -47.86 0.83 -32.47
CA ILE A 963 -47.61 2.15 -33.02
C ILE A 963 -47.18 2.02 -34.46
N ARG A 964 -47.39 3.12 -35.19
CA ARG A 964 -47.09 3.26 -36.62
C ARG A 964 -46.19 4.49 -36.79
N VAL A 965 -45.00 4.22 -37.32
CA VAL A 965 -43.90 5.19 -37.45
C VAL A 965 -43.70 5.35 -38.94
N PRO A 966 -43.86 6.58 -39.46
CA PRO A 966 -43.66 6.64 -40.90
C PRO A 966 -42.20 6.35 -41.32
N PHE A 967 -42.02 5.72 -42.48
CA PHE A 967 -40.68 5.55 -43.06
C PHE A 967 -40.02 6.89 -43.35
N ALA A 968 -40.80 7.93 -43.64
CA ALA A 968 -40.19 9.23 -43.93
C ALA A 968 -40.82 10.31 -43.07
N PRO A 969 -39.99 11.25 -42.63
CA PRO A 969 -40.51 12.33 -41.81
C PRO A 969 -41.21 13.35 -42.67
N THR A 970 -41.97 14.23 -42.03
CA THR A 970 -42.66 15.33 -42.69
C THR A 970 -41.65 16.38 -43.04
N GLN A 971 -40.67 16.57 -42.15
CA GLN A 971 -39.53 17.46 -42.38
C GLN A 971 -38.33 16.91 -41.65
N ALA A 972 -37.16 17.01 -42.29
CA ALA A 972 -35.88 16.49 -41.78
C ALA A 972 -35.04 17.63 -41.20
N GLU A 973 -34.17 17.28 -40.25
CA GLU A 973 -33.21 18.21 -39.70
C GLU A 973 -31.82 17.59 -39.67
N TYR A 974 -30.81 18.42 -39.83
CA TYR A 974 -29.41 17.99 -39.77
C TYR A 974 -28.67 18.98 -38.90
N ALA A 975 -27.92 18.48 -37.91
CA ALA A 975 -27.20 19.35 -36.99
C ALA A 975 -25.91 19.84 -37.65
N ALA A 976 -25.65 21.12 -37.52
CA ALA A 976 -24.41 21.74 -38.10
C ALA A 976 -23.13 21.21 -37.43
N GLU A 977 -23.17 21.15 -36.10
CA GLU A 977 -22.11 20.55 -35.29
C GLU A 977 -21.73 19.11 -35.68
N SER A 978 -22.68 18.36 -36.26
CA SER A 978 -22.43 16.98 -36.77
C SER A 978 -22.08 16.91 -38.26
N ALA A 979 -22.12 18.04 -38.95
CA ALA A 979 -21.69 18.07 -40.36
C ALA A 979 -20.17 17.93 -40.48
N LYS A 980 -19.69 17.55 -41.66
CA LYS A 980 -18.25 17.65 -42.00
C LYS A 980 -17.79 19.13 -41.96
N LEU A 981 -16.87 19.42 -41.04
CA LEU A 981 -16.32 20.75 -40.90
C LEU A 981 -14.93 20.78 -41.52
N TRP A 982 -14.57 21.90 -42.12
CA TRP A 982 -13.30 21.99 -42.82
C TRP A 982 -12.88 23.44 -42.89
N GLY A 983 -11.57 23.67 -43.05
CA GLY A 983 -11.05 24.98 -43.30
C GLY A 983 -11.14 25.89 -42.10
N GLY A 984 -11.16 25.30 -40.89
CA GLY A 984 -11.28 26.10 -39.64
C GLY A 984 -12.62 26.13 -38.95
N ALA A 985 -13.70 25.75 -39.63
CA ALA A 985 -15.01 25.55 -38.96
C ALA A 985 -14.85 24.61 -37.80
N GLY A 986 -15.38 25.01 -36.66
CA GLY A 986 -15.39 24.16 -35.46
C GLY A 986 -16.73 24.28 -34.74
N THR A 987 -16.84 23.66 -33.59
CA THR A 987 -18.06 23.60 -32.84
C THR A 987 -17.84 24.40 -31.55
N SER A 988 -18.92 24.90 -30.98
CA SER A 988 -18.79 25.76 -29.84
C SER A 988 -20.10 25.80 -29.06
N GLN A 989 -19.97 26.06 -27.77
CA GLN A 989 -21.14 26.39 -26.91
C GLN A 989 -21.03 27.81 -26.30
N ASP A 990 -20.24 28.71 -26.89
CA ASP A 990 -19.90 30.03 -26.28
C ASP A 990 -20.90 31.18 -26.55
N HIS A 991 -22.05 30.86 -27.16
CA HIS A 991 -23.19 31.78 -27.30
C HIS A 991 -24.46 31.04 -26.95
N TRP A 992 -25.57 31.75 -26.75
CA TRP A 992 -26.77 31.15 -26.19
C TRP A 992 -27.81 30.82 -27.27
N PHE A 993 -28.77 29.94 -26.95
CA PHE A 993 -29.94 29.61 -27.77
C PHE A 993 -29.69 28.87 -29.07
N TYR A 994 -28.56 28.20 -29.17
CA TYR A 994 -28.41 27.12 -30.15
C TYR A 994 -29.31 25.90 -29.83
N LYS A 995 -29.64 25.16 -30.89
CA LYS A 995 -30.34 23.90 -30.74
C LYS A 995 -29.35 22.78 -30.62
N GLY A 996 -29.79 21.63 -30.18
CA GLY A 996 -28.90 20.50 -30.03
C GLY A 996 -27.80 20.78 -29.01
N ALA A 997 -26.72 20.04 -29.14
CA ALA A 997 -25.64 20.10 -28.14
C ALA A 997 -24.58 21.14 -28.46
N ALA A 998 -24.63 21.73 -29.66
CA ALA A 998 -23.72 22.83 -30.04
C ALA A 998 -24.17 23.62 -31.30
N PHE A 999 -23.25 24.48 -31.78
CA PHE A 999 -23.36 25.12 -33.08
C PHE A 999 -21.97 25.18 -33.78
N VAL A 1000 -21.91 25.68 -35.01
CA VAL A 1000 -20.67 25.81 -35.76
C VAL A 1000 -20.29 27.28 -35.87
N ASP A 1001 -19.06 27.62 -35.44
CA ASP A 1001 -18.47 28.99 -35.59
C ASP A 1001 -17.18 28.93 -36.40
N ASN A 1002 -16.44 30.04 -36.40
CA ASN A 1002 -15.10 30.08 -36.99
C ASN A 1002 -15.17 29.74 -38.49
N LEU A 1003 -16.18 30.34 -39.14
CA LEU A 1003 -16.33 30.37 -40.60
C LEU A 1003 -15.67 31.63 -41.19
N THR A 1004 -14.40 31.80 -40.85
CA THR A 1004 -13.78 33.10 -40.99
C THR A 1004 -12.77 33.08 -42.09
N GLY A 1005 -11.93 32.05 -42.13
CA GLY A 1005 -11.03 31.85 -43.22
C GLY A 1005 -11.72 31.36 -44.46
N VAL A 1006 -11.18 31.76 -45.62
CA VAL A 1006 -11.67 31.32 -46.91
C VAL A 1006 -11.41 29.83 -47.01
N GLY A 1007 -12.41 29.08 -47.45
CA GLY A 1007 -12.34 27.62 -47.46
C GLY A 1007 -13.09 26.98 -46.28
N ALA A 1008 -13.39 27.76 -45.26
CA ALA A 1008 -14.13 27.28 -44.11
C ALA A 1008 -15.52 26.85 -44.54
N GLU A 1009 -15.97 25.69 -44.10
CA GLU A 1009 -17.27 25.22 -44.50
C GLU A 1009 -17.83 24.16 -43.59
N ALA A 1010 -19.14 23.97 -43.75
CA ALA A 1010 -19.88 22.92 -43.08
C ALA A 1010 -20.64 22.22 -44.21
N SER A 1011 -20.49 20.90 -44.33
CA SER A 1011 -21.04 20.13 -45.41
C SER A 1011 -21.98 19.00 -44.91
N PHE A 1012 -23.26 19.16 -45.24
CA PHE A 1012 -24.29 18.31 -44.73
C PHE A 1012 -24.53 17.15 -45.70
N ASP A 1013 -24.73 15.95 -45.16
CA ASP A 1013 -25.23 14.85 -45.97
C ASP A 1013 -26.77 14.67 -45.81
N VAL A 1014 -27.48 15.12 -46.86
CA VAL A 1014 -28.92 15.21 -46.88
C VAL A 1014 -29.51 14.14 -47.76
N TYR A 1015 -30.51 13.42 -47.25
CA TYR A 1015 -31.16 12.34 -48.00
C TYR A 1015 -32.50 12.78 -48.57
N ALA A 1016 -32.80 12.29 -49.78
CA ALA A 1016 -34.11 12.56 -50.42
C ALA A 1016 -34.70 11.25 -50.96
N PRO A 1017 -36.05 11.08 -50.86
CA PRO A 1017 -36.67 9.91 -51.45
C PRO A 1017 -36.73 9.97 -52.98
N SER A 1018 -36.86 11.16 -53.56
CA SER A 1018 -36.93 11.31 -55.04
C SER A 1018 -36.29 12.61 -55.53
N ALA A 1019 -35.81 12.58 -56.77
CA ALA A 1019 -35.27 13.77 -57.43
C ALA A 1019 -36.34 14.86 -57.49
N GLY A 1020 -35.93 16.11 -57.32
CA GLY A 1020 -36.89 17.22 -57.17
C GLY A 1020 -36.30 18.44 -56.47
N THR A 1021 -37.14 19.47 -56.37
CA THR A 1021 -36.84 20.70 -55.63
C THR A 1021 -37.30 20.55 -54.17
N TYR A 1022 -36.41 20.82 -53.20
CA TYR A 1022 -36.76 20.71 -51.79
C TYR A 1022 -36.52 22.06 -51.16
N ASN A 1023 -37.28 22.36 -50.11
CA ASN A 1023 -37.10 23.60 -49.33
C ASN A 1023 -36.00 23.40 -48.30
N LEU A 1024 -35.17 24.42 -48.10
CA LEU A 1024 -34.18 24.41 -47.05
C LEU A 1024 -34.50 25.51 -46.06
N SER A 1025 -34.16 25.30 -44.80
CA SER A 1025 -34.11 26.42 -43.89
C SER A 1025 -32.90 26.28 -43.03
N LEU A 1026 -32.07 27.32 -43.01
CA LEU A 1026 -30.76 27.29 -42.33
C LEU A 1026 -30.76 28.21 -41.16
N ARG A 1027 -30.50 27.67 -39.97
CA ARG A 1027 -30.52 28.46 -38.75
C ARG A 1027 -29.11 28.95 -38.46
N TYR A 1028 -28.99 30.27 -38.35
CA TYR A 1028 -27.71 30.96 -38.31
C TYR A 1028 -27.76 32.18 -37.37
N ALA A 1029 -26.59 32.59 -36.91
CA ALA A 1029 -26.41 33.77 -36.09
C ALA A 1029 -25.47 34.72 -36.83
N ASN A 1030 -25.78 36.01 -36.71
CA ASN A 1030 -24.95 37.06 -37.24
C ASN A 1030 -25.05 38.26 -36.33
N GLY A 1031 -24.12 38.35 -35.41
CA GLY A 1031 -23.96 39.50 -34.52
C GLY A 1031 -22.86 40.46 -34.92
N THR A 1032 -22.57 40.54 -36.21
CA THR A 1032 -21.54 41.44 -36.70
C THR A 1032 -22.08 42.88 -36.90
N GLY A 1033 -23.41 43.02 -36.90
CA GLY A 1033 -24.03 44.31 -37.14
C GLY A 1033 -24.57 44.44 -38.55
N SER A 1034 -23.87 43.85 -39.53
CA SER A 1034 -24.25 43.95 -40.96
C SER A 1034 -24.41 42.59 -41.65
N THR A 1035 -25.07 42.63 -42.79
CA THR A 1035 -25.20 41.48 -43.68
C THR A 1035 -23.84 40.82 -44.07
N LYS A 1036 -23.86 39.49 -44.12
CA LYS A 1036 -22.68 38.66 -44.38
C LYS A 1036 -23.10 37.60 -45.36
N THR A 1037 -22.12 36.95 -45.98
CA THR A 1037 -22.42 36.05 -47.10
C THR A 1037 -21.66 34.74 -46.96
N LEU A 1038 -22.30 33.63 -47.34
CA LEU A 1038 -21.61 32.36 -47.63
C LEU A 1038 -22.02 31.92 -49.02
N SER A 1039 -21.50 30.79 -49.50
CA SER A 1039 -21.98 30.16 -50.74
C SER A 1039 -22.58 28.82 -50.37
N ALA A 1040 -23.63 28.45 -51.12
CA ALA A 1040 -24.24 27.16 -51.06
C ALA A 1040 -23.77 26.34 -52.25
N ILE A 1041 -23.42 25.07 -52.01
CA ILE A 1041 -22.86 24.20 -53.03
C ILE A 1041 -23.55 22.82 -52.89
N VAL A 1042 -24.45 22.54 -53.84
CA VAL A 1042 -25.28 21.36 -53.84
C VAL A 1042 -24.73 20.33 -54.82
N ASN A 1043 -24.36 19.17 -54.31
CA ASN A 1043 -23.79 18.09 -55.12
C ASN A 1043 -22.53 18.46 -55.96
N GLY A 1044 -21.67 19.31 -55.40
CA GLY A 1044 -20.50 19.82 -56.11
C GLY A 1044 -20.78 20.81 -57.23
N GLY A 1045 -22.04 21.26 -57.35
CA GLY A 1045 -22.46 22.11 -58.45
C GLY A 1045 -22.07 23.57 -58.23
N ALA A 1046 -22.61 24.44 -59.08
CA ALA A 1046 -22.24 25.84 -59.10
C ALA A 1046 -22.63 26.57 -57.80
N ALA A 1047 -21.70 27.31 -57.20
CA ALA A 1047 -21.97 28.15 -56.02
C ALA A 1047 -23.10 29.15 -56.26
N SER A 1048 -24.06 29.16 -55.32
CA SER A 1048 -25.04 30.25 -55.24
C SER A 1048 -24.73 31.04 -54.00
N THR A 1049 -25.00 32.33 -54.01
CA THR A 1049 -24.78 33.18 -52.83
C THR A 1049 -25.92 33.08 -51.77
N VAL A 1050 -25.51 33.07 -50.51
CA VAL A 1050 -26.44 32.99 -49.36
C VAL A 1050 -26.19 34.27 -48.59
N THR A 1051 -27.24 35.08 -48.49
CA THR A 1051 -27.15 36.44 -47.99
C THR A 1051 -27.86 36.44 -46.64
N LEU A 1052 -27.08 36.67 -45.58
CA LEU A 1052 -27.51 36.41 -44.21
C LEU A 1052 -27.50 37.70 -43.42
N THR A 1053 -28.70 38.23 -43.17
CA THR A 1053 -28.81 39.52 -42.47
C THR A 1053 -28.48 39.36 -41.00
N SER A 1054 -28.24 40.48 -40.34
CA SER A 1054 -27.91 40.56 -38.92
C SER A 1054 -29.05 41.16 -38.09
N PRO A 1055 -29.50 40.46 -37.06
CA PRO A 1055 -30.43 41.11 -36.12
C PRO A 1055 -29.91 42.34 -35.39
N GLY A 1056 -28.60 42.51 -35.29
CA GLY A 1056 -27.96 43.60 -34.51
C GLY A 1056 -26.63 43.09 -33.95
N MET A 1057 -26.10 43.75 -32.94
CA MET A 1057 -24.79 43.36 -32.37
C MET A 1057 -24.97 42.30 -31.27
N ASN A 1058 -25.44 41.11 -31.66
CA ASN A 1058 -25.93 40.13 -30.70
C ASN A 1058 -25.86 38.69 -31.25
N TRP A 1059 -24.95 37.92 -30.66
CA TRP A 1059 -24.70 36.55 -31.09
C TRP A 1059 -25.61 35.51 -30.43
N ASN A 1060 -26.44 35.96 -29.50
CA ASN A 1060 -27.45 35.11 -28.88
C ASN A 1060 -28.82 35.10 -29.62
N LEU A 1061 -28.89 35.69 -30.83
CA LEU A 1061 -30.07 35.67 -31.70
C LEU A 1061 -29.83 34.83 -32.94
N TRP A 1062 -30.86 34.05 -33.30
CA TRP A 1062 -30.85 33.11 -34.42
C TRP A 1062 -32.02 33.40 -35.38
N ASN A 1063 -31.78 33.37 -36.68
CA ASN A 1063 -32.82 33.52 -37.72
C ASN A 1063 -32.74 32.32 -38.62
N GLU A 1064 -33.76 32.18 -39.46
CA GLU A 1064 -33.79 31.18 -40.51
C GLU A 1064 -33.48 31.83 -41.87
N HIS A 1065 -32.60 31.19 -42.66
CA HIS A 1065 -32.41 31.56 -44.05
C HIS A 1065 -33.13 30.47 -44.82
N THR A 1066 -34.11 30.89 -45.64
CA THR A 1066 -34.95 30.00 -46.43
C THR A 1066 -34.42 29.97 -47.88
N MET A 1067 -34.48 28.80 -48.49
CA MET A 1067 -34.00 28.64 -49.84
C MET A 1067 -34.49 27.30 -50.38
N THR A 1068 -34.35 27.13 -51.69
CA THR A 1068 -34.66 25.86 -52.33
C THR A 1068 -33.37 25.30 -52.89
N ALA A 1069 -33.39 24.00 -53.20
CA ALA A 1069 -32.30 23.25 -53.74
C ALA A 1069 -32.85 22.12 -54.55
N THR A 1070 -32.22 21.86 -55.71
CA THR A 1070 -32.54 20.75 -56.56
C THR A 1070 -31.69 19.58 -56.13
N LEU A 1071 -32.34 18.47 -55.75
CA LEU A 1071 -31.70 17.29 -55.17
C LEU A 1071 -31.98 16.03 -55.99
N THR A 1072 -31.13 15.02 -55.79
CA THR A 1072 -31.26 13.70 -56.44
C THR A 1072 -31.75 12.67 -55.42
N ALA A 1073 -32.35 11.60 -55.90
CA ALA A 1073 -32.77 10.50 -55.02
C ALA A 1073 -31.54 9.98 -54.24
N GLY A 1074 -31.67 9.81 -52.93
CA GLY A 1074 -30.61 9.27 -52.10
C GLY A 1074 -29.75 10.33 -51.45
N ARG A 1075 -28.43 10.07 -51.34
CA ARG A 1075 -27.49 10.94 -50.60
C ARG A 1075 -27.19 12.22 -51.37
N ASN A 1076 -27.28 13.38 -50.74
CA ASN A 1076 -26.89 14.65 -51.37
C ASN A 1076 -25.88 15.36 -50.50
N THR A 1077 -24.96 16.13 -51.09
CA THR A 1077 -24.11 17.00 -50.29
C THR A 1077 -24.60 18.44 -50.49
N ILE A 1078 -24.83 19.16 -49.39
CA ILE A 1078 -25.14 20.59 -49.39
C ILE A 1078 -24.20 21.35 -48.42
N SER A 1079 -23.33 22.22 -48.96
CA SER A 1079 -22.30 22.89 -48.18
C SER A 1079 -22.52 24.34 -48.10
N PHE A 1080 -22.07 24.90 -47.00
CA PHE A 1080 -22.11 26.31 -46.80
C PHE A 1080 -20.68 26.69 -46.46
N ARG A 1081 -20.06 27.41 -47.40
CA ARG A 1081 -18.62 27.66 -47.44
C ARG A 1081 -18.41 29.16 -47.59
N ARG A 1082 -17.35 29.67 -46.97
CA ARG A 1082 -16.85 30.99 -47.31
C ARG A 1082 -15.90 30.87 -48.51
N ASN A 1083 -16.42 31.15 -49.71
CA ASN A 1083 -15.61 31.32 -50.94
C ASN A 1083 -14.97 32.72 -50.96
N SER A 1084 -13.94 32.93 -51.78
CA SER A 1084 -13.12 34.17 -51.68
C SER A 1084 -13.91 35.48 -51.75
N GLY A 1085 -14.93 35.53 -52.58
CA GLY A 1085 -15.79 36.71 -52.60
C GLY A 1085 -16.73 36.85 -51.42
N ASN A 1086 -17.00 35.76 -50.70
CA ASN A 1086 -17.91 35.83 -49.53
C ASN A 1086 -17.21 36.43 -48.36
N SER A 1087 -17.98 36.98 -47.42
CA SER A 1087 -17.48 37.64 -46.22
C SER A 1087 -17.41 36.71 -44.99
N GLY A 1088 -18.25 35.69 -44.91
CA GLY A 1088 -18.18 34.67 -43.85
C GLY A 1088 -18.67 35.20 -42.53
N ASN A 1089 -18.16 34.64 -41.44
CA ASN A 1089 -18.25 35.31 -40.15
C ASN A 1089 -19.67 35.23 -39.57
N VAL A 1090 -20.27 34.06 -39.77
CA VAL A 1090 -21.55 33.69 -39.18
C VAL A 1090 -21.45 32.34 -38.49
N ASN A 1091 -22.47 32.08 -37.67
CA ASN A 1091 -22.57 30.85 -36.92
C ASN A 1091 -23.76 30.10 -37.46
N LEU A 1092 -23.59 28.79 -37.67
CA LEU A 1092 -24.61 27.94 -38.23
C LEU A 1092 -24.99 26.89 -37.18
N ASP A 1093 -26.23 26.46 -37.21
CA ASP A 1093 -26.75 25.62 -36.12
C ASP A 1093 -27.42 24.33 -36.62
N ARG A 1094 -28.30 24.47 -37.62
CA ARG A 1094 -29.13 23.36 -38.15
C ARG A 1094 -29.68 23.71 -39.56
N LEU A 1095 -29.71 22.70 -40.41
CA LEU A 1095 -30.37 22.74 -41.71
C LEU A 1095 -31.60 21.86 -41.65
N ALA A 1096 -32.74 22.47 -41.98
CA ALA A 1096 -34.00 21.76 -42.09
C ALA A 1096 -34.33 21.58 -43.57
N VAL A 1097 -34.90 20.42 -43.88
CA VAL A 1097 -35.21 20.05 -45.24
C VAL A 1097 -36.62 19.49 -45.32
N SER A 1098 -37.41 19.91 -46.32
CA SER A 1098 -38.71 19.30 -46.61
C SER A 1098 -39.20 19.52 -48.05
N ALA A 1099 -40.04 18.62 -48.53
CA ALA A 1099 -40.79 18.85 -49.75
C ALA A 1099 -41.87 19.94 -49.60
N SER A 1100 -42.33 20.23 -48.38
CA SER A 1100 -43.34 21.28 -48.12
C SER A 1100 -42.66 22.47 -47.46
N ALA A 1101 -43.47 23.48 -47.13
CA ALA A 1101 -43.00 24.61 -46.35
C ALA A 1101 -42.53 24.07 -44.98
N ILE A 1102 -41.46 24.68 -44.49
CA ILE A 1102 -40.78 24.24 -43.28
C ILE A 1102 -41.46 24.96 -42.11
N THR A 1103 -41.85 24.20 -41.07
CA THR A 1103 -42.39 24.78 -39.81
C THR A 1103 -41.50 24.42 -38.61
N THR A 1104 -41.92 24.87 -37.42
CA THR A 1104 -41.24 24.51 -36.20
C THR A 1104 -41.05 23.01 -36.02
N LEU A 1105 -39.79 22.63 -35.85
CA LEU A 1105 -39.44 21.23 -35.63
C LEU A 1105 -39.85 20.78 -34.22
N ALA A 1106 -40.20 19.51 -34.09
CA ALA A 1106 -40.59 19.01 -32.76
C ALA A 1106 -39.39 19.04 -31.75
N SER A 1107 -38.15 18.98 -32.24
CA SER A 1107 -36.95 19.03 -31.36
C SER A 1107 -36.65 20.43 -30.87
N GLU A 1108 -37.26 21.45 -31.43
CA GLU A 1108 -36.81 22.82 -31.20
C GLU A 1108 -37.84 23.67 -30.48
N ARG A 1109 -38.78 23.05 -29.77
CA ARG A 1109 -39.87 23.81 -29.07
C ARG A 1109 -39.39 24.64 -27.84
N ASN A 1110 -38.37 24.15 -27.16
CA ASN A 1110 -37.88 24.78 -25.94
C ASN A 1110 -37.36 26.19 -26.17
N LEU A 1111 -37.96 27.15 -25.47
CA LEU A 1111 -37.58 28.53 -25.55
C LEU A 1111 -36.50 28.92 -24.57
N LEU A 1112 -36.20 28.03 -23.61
CA LEU A 1112 -35.15 28.33 -22.62
C LEU A 1112 -33.77 28.06 -23.26
N ASP A 1113 -32.78 28.77 -22.75
CA ASP A 1113 -31.39 28.51 -23.01
C ASP A 1113 -30.87 27.60 -21.92
N ASN A 1114 -30.08 26.59 -22.32
CA ASN A 1114 -29.46 25.69 -21.37
C ASN A 1114 -30.46 25.17 -20.29
N GLY A 1115 -31.68 24.88 -20.75
CA GLY A 1115 -32.73 24.38 -19.88
C GLY A 1115 -32.43 23.02 -19.27
N ASP A 1116 -31.55 22.25 -19.96
CA ASP A 1116 -31.14 20.91 -19.51
C ASP A 1116 -29.81 20.91 -18.72
N PHE A 1117 -29.26 22.12 -18.51
CA PHE A 1117 -27.94 22.33 -17.88
C PHE A 1117 -26.80 21.46 -18.48
N GLU A 1118 -26.94 21.06 -19.76
CA GLU A 1118 -25.96 20.17 -20.35
C GLU A 1118 -24.72 20.88 -20.82
N ARG A 1119 -24.79 22.19 -20.95
CA ARG A 1119 -23.69 22.97 -21.48
C ARG A 1119 -22.50 22.77 -20.57
N ASP A 1120 -21.32 22.63 -21.19
CA ASP A 1120 -20.04 22.63 -20.46
C ASP A 1120 -19.98 23.85 -19.54
N THR A 1121 -19.75 23.61 -18.25
CA THR A 1121 -19.90 24.68 -17.22
C THR A 1121 -18.85 25.82 -17.23
N THR A 1122 -17.80 25.68 -18.06
CA THR A 1122 -16.84 26.75 -18.42
C THR A 1122 -17.54 27.91 -19.11
N TYR A 1123 -18.60 27.59 -19.87
CA TYR A 1123 -19.43 28.56 -20.56
C TYR A 1123 -20.77 28.90 -19.81
N ASN A 1124 -21.16 30.17 -19.90
CA ASN A 1124 -22.38 30.64 -19.25
C ASN A 1124 -23.61 30.43 -20.15
N SER A 1125 -24.77 30.70 -19.55
CA SER A 1125 -26.07 30.62 -20.17
C SER A 1125 -26.91 31.84 -19.71
N ASN A 1126 -28.13 31.94 -20.23
CA ASN A 1126 -29.09 32.96 -19.84
C ASN A 1126 -29.64 32.77 -18.41
N TRP A 1127 -29.33 31.65 -17.75
CA TRP A 1127 -29.61 31.50 -16.31
C TRP A 1127 -28.86 32.52 -15.46
N THR A 1128 -29.56 33.09 -14.48
CA THR A 1128 -28.94 33.93 -13.44
C THR A 1128 -29.29 33.31 -12.12
N GLN A 1129 -28.54 33.69 -11.09
CA GLN A 1129 -28.77 33.17 -9.75
C GLN A 1129 -28.95 34.29 -8.74
N TRP A 1130 -29.47 33.93 -7.57
CA TRP A 1130 -29.56 34.88 -6.49
C TRP A 1130 -29.47 34.15 -5.17
N GLN A 1131 -28.77 34.79 -4.24
CA GLN A 1131 -28.76 34.44 -2.82
C GLN A 1131 -28.81 35.74 -1.97
N PRO A 1132 -29.16 35.65 -0.67
CA PRO A 1132 -29.14 36.87 0.16
C PRO A 1132 -27.73 37.41 0.28
N SER A 1133 -27.61 38.73 0.37
CA SER A 1133 -26.28 39.35 0.44
C SER A 1133 -25.37 38.71 1.53
N GLY A 1134 -24.09 38.50 1.21
CA GLY A 1134 -23.15 37.88 2.14
C GLY A 1134 -23.20 36.36 2.27
N GLN A 1135 -24.25 35.71 1.74
CA GLN A 1135 -24.30 34.24 1.74
C GLN A 1135 -23.49 33.66 0.54
N PRO A 1136 -22.68 32.58 0.75
CA PRO A 1136 -22.11 31.91 -0.44
C PRO A 1136 -23.20 31.31 -1.34
N SER A 1137 -22.91 31.20 -2.63
CA SER A 1137 -23.82 30.49 -3.55
C SER A 1137 -24.02 29.04 -3.09
N ALA A 1138 -25.27 28.60 -3.07
CA ALA A 1138 -25.61 27.19 -2.86
C ALA A 1138 -25.82 26.43 -4.21
N PHE A 1139 -25.75 27.15 -5.32
CA PHE A 1139 -26.09 26.63 -6.64
C PHE A 1139 -24.84 26.19 -7.42
N GLY A 1140 -24.92 25.02 -8.04
CA GLY A 1140 -23.96 24.60 -9.04
C GLY A 1140 -24.62 23.69 -10.08
N ILE A 1141 -23.80 23.19 -11.01
CA ILE A 1141 -24.19 22.26 -12.06
C ILE A 1141 -23.09 21.21 -12.15
N ASP A 1142 -23.43 19.93 -12.05
CA ASP A 1142 -22.49 18.82 -12.32
C ASP A 1142 -23.28 17.51 -12.54
N SER A 1143 -22.59 16.37 -12.58
CA SER A 1143 -23.18 15.08 -12.94
C SER A 1143 -23.62 14.18 -11.80
N GLY A 1144 -23.23 14.48 -10.57
CA GLY A 1144 -23.55 13.64 -9.43
C GLY A 1144 -22.77 12.35 -9.35
N ASN A 1145 -21.69 12.26 -10.13
CA ASN A 1145 -20.94 11.00 -10.23
C ASN A 1145 -19.85 10.85 -9.16
N ALA A 1146 -19.49 11.97 -8.49
CA ALA A 1146 -18.57 11.91 -7.33
C ALA A 1146 -19.17 11.14 -6.11
N LEU A 1147 -20.51 11.09 -6.06
CA LEU A 1147 -21.23 10.53 -4.94
C LEU A 1147 -21.34 9.02 -5.10
N HIS A 1148 -21.32 8.36 -3.96
CA HIS A 1148 -21.54 6.94 -3.86
C HIS A 1148 -22.78 6.62 -2.98
N PRO A 1149 -23.85 6.04 -3.57
CA PRO A 1149 -24.05 5.80 -5.02
C PRO A 1149 -24.27 7.15 -5.78
N PRO A 1150 -24.14 7.16 -7.13
CA PRO A 1150 -24.41 8.41 -7.88
C PRO A 1150 -25.83 9.01 -7.70
N GLU A 1151 -25.89 10.32 -7.52
CA GLU A 1151 -27.15 11.06 -7.61
C GLU A 1151 -27.11 11.73 -8.99
N GLY A 1152 -27.52 10.97 -10.00
CA GLY A 1152 -27.34 11.36 -11.40
C GLY A 1152 -28.33 12.38 -11.94
N PRO A 1153 -28.16 12.80 -13.20
CA PRO A 1153 -29.09 13.74 -13.80
C PRO A 1153 -30.41 13.06 -14.18
N ALA A 1154 -31.43 13.82 -14.55
CA ALA A 1154 -32.64 13.23 -15.11
C ALA A 1154 -32.46 12.78 -16.57
N ARG A 1155 -31.69 13.54 -17.33
CA ARG A 1155 -31.38 13.21 -18.72
C ARG A 1155 -29.96 13.69 -19.04
N ARG A 1156 -29.26 12.84 -19.80
CA ARG A 1156 -27.95 13.15 -20.37
C ARG A 1156 -26.91 13.22 -19.26
N ASN A 1157 -26.17 14.32 -19.14
CA ASN A 1157 -24.96 14.34 -18.32
C ASN A 1157 -25.01 15.17 -17.08
N GLN A 1158 -25.79 16.26 -17.06
CA GLN A 1158 -25.71 17.20 -15.98
C GLN A 1158 -27.05 17.61 -15.40
N ARG A 1159 -27.01 18.12 -14.18
CA ARG A 1159 -28.21 18.76 -13.57
C ARG A 1159 -27.78 19.90 -12.65
N ALA A 1160 -28.64 20.90 -12.54
CA ALA A 1160 -28.41 21.93 -11.54
C ALA A 1160 -28.62 21.30 -10.16
N TYR A 1161 -27.92 21.83 -9.16
CA TYR A 1161 -28.26 21.52 -7.77
C TYR A 1161 -28.25 22.76 -6.89
N PHE A 1162 -29.00 22.68 -5.80
CA PHE A 1162 -28.87 23.61 -4.66
C PHE A 1162 -28.45 22.78 -3.46
N HIS A 1163 -27.39 23.18 -2.75
CA HIS A 1163 -27.00 22.51 -1.51
C HIS A 1163 -26.18 23.42 -0.67
N SER A 1164 -26.39 23.34 0.64
CA SER A 1164 -25.49 23.95 1.59
C SER A 1164 -25.53 23.18 2.87
N ASP A 1165 -24.38 23.15 3.55
CA ASP A 1165 -24.17 22.50 4.85
C ASP A 1165 -24.96 23.30 5.89
N ASN A 1166 -25.04 24.63 5.70
CA ASN A 1166 -25.67 25.61 6.60
C ASN A 1166 -26.99 26.12 6.00
N ALA A 1167 -27.75 26.83 6.83
CA ALA A 1167 -29.03 27.40 6.40
C ALA A 1167 -28.79 28.35 5.19
N TYR A 1168 -29.78 28.45 4.31
CA TYR A 1168 -29.59 29.09 3.01
C TYR A 1168 -30.86 29.36 2.25
N GLN A 1169 -30.78 30.42 1.45
CA GLN A 1169 -31.75 30.78 0.43
C GLN A 1169 -31.01 30.84 -0.90
N GLN A 1170 -31.71 30.48 -1.96
CA GLN A 1170 -31.08 30.33 -3.26
C GLN A 1170 -32.18 30.22 -4.29
N SER A 1171 -31.94 30.89 -5.41
CA SER A 1171 -32.81 30.81 -6.59
C SER A 1171 -31.96 30.79 -7.84
N ILE A 1172 -32.54 30.29 -8.94
CA ILE A 1172 -32.03 30.62 -10.28
C ILE A 1172 -33.21 31.13 -11.07
N HIS A 1173 -32.94 32.03 -12.01
CA HIS A 1173 -33.99 32.59 -12.89
C HIS A 1173 -33.49 32.67 -14.31
N GLN A 1174 -34.45 32.56 -15.23
CA GLN A 1174 -34.21 32.86 -16.63
C GLN A 1174 -35.41 33.61 -17.21
N VAL A 1175 -35.12 34.75 -17.83
CA VAL A 1175 -36.06 35.57 -18.59
C VAL A 1175 -35.91 35.42 -20.10
N VAL A 1176 -37.03 35.13 -20.76
CA VAL A 1176 -37.02 35.05 -22.19
C VAL A 1176 -38.15 35.88 -22.80
N ASP A 1177 -37.82 36.65 -23.85
CA ASP A 1177 -38.88 37.27 -24.69
C ASP A 1177 -39.49 36.16 -25.54
N VAL A 1178 -40.81 36.01 -25.48
CA VAL A 1178 -41.53 34.92 -26.17
C VAL A 1178 -41.75 35.22 -27.65
N PRO A 1179 -41.91 34.20 -28.51
CA PRO A 1179 -42.13 34.49 -29.96
C PRO A 1179 -43.47 35.17 -30.31
N VAL A 1180 -44.53 34.81 -29.62
CA VAL A 1180 -45.90 35.31 -29.85
C VAL A 1180 -46.45 35.83 -28.50
N ASN A 1181 -46.53 37.15 -28.36
CA ASN A 1181 -47.18 37.77 -27.22
C ASN A 1181 -48.69 37.56 -27.27
N ASN A 1182 -49.36 37.85 -26.16
CA ASN A 1182 -50.81 37.62 -25.99
C ASN A 1182 -51.20 36.20 -26.38
N ALA A 1183 -50.49 35.21 -25.84
CA ALA A 1183 -50.85 33.77 -25.99
C ALA A 1183 -50.37 32.91 -24.80
N THR A 1184 -50.64 31.61 -24.89
CA THR A 1184 -50.40 30.68 -23.80
C THR A 1184 -49.05 29.91 -23.89
N TYR A 1185 -48.38 29.75 -22.74
CA TYR A 1185 -47.09 29.04 -22.60
C TYR A 1185 -47.15 28.10 -21.38
N ARG A 1186 -46.11 27.27 -21.23
CA ARG A 1186 -46.08 26.11 -20.31
C ARG A 1186 -44.68 25.81 -19.80
N LEU A 1187 -44.51 25.72 -18.48
CA LEU A 1187 -43.25 25.35 -17.88
C LEU A 1187 -43.29 23.90 -17.43
N GLU A 1188 -42.31 23.12 -17.85
CA GLU A 1188 -42.10 21.76 -17.33
C GLU A 1188 -40.62 21.60 -16.84
N ALA A 1189 -40.43 20.84 -15.78
CA ALA A 1189 -39.11 20.54 -15.26
C ALA A 1189 -39.11 19.18 -14.57
N LYS A 1190 -37.94 18.57 -14.51
CA LYS A 1190 -37.71 17.46 -13.60
C LYS A 1190 -37.07 18.06 -12.34
N VAL A 1191 -37.56 17.63 -11.19
CA VAL A 1191 -37.03 18.05 -9.89
C VAL A 1191 -36.96 16.89 -8.90
N ARG A 1192 -35.88 16.89 -8.13
CA ARG A 1192 -35.59 15.86 -7.12
C ARG A 1192 -35.08 16.56 -5.84
N MET A 1193 -35.65 16.20 -4.70
CA MET A 1193 -35.26 16.82 -3.43
C MET A 1193 -34.97 15.75 -2.43
N LYS A 1194 -34.01 16.02 -1.56
CA LYS A 1194 -33.65 15.05 -0.53
C LYS A 1194 -33.08 15.72 0.70
N ASN A 1195 -33.02 14.89 1.77
CA ASN A 1195 -32.54 15.29 3.10
C ASN A 1195 -33.49 16.32 3.72
N THR A 1196 -33.00 17.42 4.28
CA THR A 1196 -33.82 18.18 5.22
C THR A 1196 -34.92 18.95 4.47
N THR A 1197 -36.16 18.79 4.96
CA THR A 1197 -37.34 19.59 4.57
C THR A 1197 -37.02 21.06 4.66
N PRO A 1198 -37.14 21.78 3.54
CA PRO A 1198 -36.94 23.21 3.53
C PRO A 1198 -38.25 23.92 3.86
N THR A 1199 -38.14 25.19 4.19
CA THR A 1199 -39.32 25.97 4.52
C THR A 1199 -40.08 26.28 3.24
N THR A 1200 -39.32 26.57 2.18
CA THR A 1200 -39.88 26.83 0.84
C THR A 1200 -39.02 26.11 -0.20
N ALA A 1201 -39.68 25.44 -1.14
CA ALA A 1201 -39.01 24.87 -2.32
C ALA A 1201 -40.01 24.78 -3.47
N ARG A 1202 -39.79 25.64 -4.48
CA ARG A 1202 -40.77 25.82 -5.55
C ARG A 1202 -40.19 26.21 -6.93
N ALA A 1203 -40.86 25.73 -7.99
CA ALA A 1203 -40.85 26.44 -9.30
C ALA A 1203 -41.66 27.75 -9.21
N GLU A 1204 -41.23 28.75 -9.96
CA GLU A 1204 -41.87 30.06 -9.99
C GLU A 1204 -42.00 30.59 -11.41
N VAL A 1205 -43.19 31.09 -11.77
CA VAL A 1205 -43.38 31.83 -13.02
C VAL A 1205 -43.91 33.22 -12.69
N GLN A 1206 -43.31 34.23 -13.31
CA GLN A 1206 -43.61 35.61 -13.00
C GLN A 1206 -43.12 36.57 -14.10
N GLY A 1207 -43.55 37.83 -14.04
CA GLY A 1207 -43.15 38.88 -15.02
C GLY A 1207 -43.90 38.82 -16.35
N HIS A 1208 -44.83 37.86 -16.44
CA HIS A 1208 -45.59 37.54 -17.67
C HIS A 1208 -46.84 38.40 -17.95
N GLY A 1209 -47.15 39.42 -17.13
CA GLY A 1209 -48.42 40.17 -17.23
C GLY A 1209 -49.42 39.89 -16.13
N GLY A 1210 -49.45 38.65 -15.61
CA GLY A 1210 -50.30 38.23 -14.48
C GLY A 1210 -49.47 38.16 -13.21
N SER A 1211 -50.06 37.64 -12.13
CA SER A 1211 -49.31 37.51 -10.86
C SER A 1211 -48.50 36.19 -10.77
N PRO A 1212 -47.46 36.15 -9.92
CA PRO A 1212 -46.64 34.97 -9.75
C PRO A 1212 -47.42 33.64 -9.62
N ILE A 1213 -46.95 32.60 -10.33
CA ILE A 1213 -47.52 31.24 -10.21
C ILE A 1213 -46.44 30.38 -9.59
N TYR A 1214 -46.85 29.52 -8.67
CA TYR A 1214 -45.93 28.73 -7.89
C TYR A 1214 -46.31 27.27 -7.95
N ALA A 1215 -45.30 26.41 -7.90
CA ALA A 1215 -45.54 25.00 -7.81
C ALA A 1215 -44.51 24.43 -6.83
N ASN A 1216 -44.99 23.78 -5.79
CA ASN A 1216 -44.13 23.38 -4.68
C ASN A 1216 -43.42 22.11 -5.05
N ILE A 1217 -42.21 21.94 -4.52
CA ILE A 1217 -41.40 20.75 -4.74
C ILE A 1217 -41.43 19.96 -3.43
N SER A 1218 -41.72 18.68 -3.55
CA SER A 1218 -42.04 17.83 -2.41
C SER A 1218 -40.86 16.97 -2.17
N ASN A 1219 -40.35 17.05 -0.94
CA ASN A 1219 -39.18 16.29 -0.49
C ASN A 1219 -39.48 14.78 -0.70
N ASP A 1220 -38.65 14.09 -1.49
CA ASP A 1220 -38.80 12.63 -1.66
C ASP A 1220 -37.50 11.80 -1.81
N GLY A 1221 -36.52 12.27 -2.59
CA GLY A 1221 -35.41 11.43 -3.06
C GLY A 1221 -35.53 10.98 -4.52
N VAL A 1222 -36.71 11.14 -5.14
CA VAL A 1222 -36.96 10.61 -6.47
C VAL A 1222 -37.17 11.72 -7.51
N TRP A 1223 -36.81 11.48 -8.77
CA TRP A 1223 -37.13 12.45 -9.85
C TRP A 1223 -38.64 12.57 -10.11
N LYS A 1224 -39.17 13.78 -9.91
CA LYS A 1224 -40.57 14.13 -10.25
C LYS A 1224 -40.65 15.21 -11.31
N THR A 1225 -41.80 15.31 -11.95
CA THR A 1225 -42.01 16.34 -12.97
C THR A 1225 -42.94 17.41 -12.39
N ILE A 1226 -42.52 18.66 -12.40
CA ILE A 1226 -43.35 19.77 -11.99
C ILE A 1226 -43.80 20.44 -13.29
N VAL A 1227 -45.05 20.89 -13.33
CA VAL A 1227 -45.63 21.51 -14.55
C VAL A 1227 -46.45 22.73 -14.15
N ILE A 1228 -46.22 23.87 -14.81
CA ILE A 1228 -47.07 25.06 -14.65
C ILE A 1228 -47.64 25.34 -16.03
N ASP A 1229 -48.94 25.07 -16.18
CA ASP A 1229 -49.60 25.23 -17.46
C ASP A 1229 -50.31 26.60 -17.54
N ASN A 1230 -50.93 26.92 -18.68
CA ASN A 1230 -51.77 28.13 -18.84
C ASN A 1230 -51.05 29.37 -18.33
N ILE A 1231 -49.82 29.56 -18.82
CA ILE A 1231 -49.12 30.81 -18.62
C ILE A 1231 -49.58 31.73 -19.75
N ASN A 1232 -50.49 32.65 -19.43
CA ASN A 1232 -51.02 33.63 -20.39
C ASN A 1232 -50.06 34.78 -20.39
N VAL A 1233 -49.29 34.95 -21.46
CA VAL A 1233 -48.28 36.01 -21.55
C VAL A 1233 -48.86 37.19 -22.34
N THR A 1234 -48.79 38.37 -21.72
CA THR A 1234 -49.24 39.65 -22.25
C THR A 1234 -48.12 40.70 -22.12
N SER A 1235 -47.06 40.43 -21.34
CA SER A 1235 -45.88 41.32 -21.23
C SER A 1235 -44.83 41.14 -22.31
N GLY A 1236 -44.98 40.10 -23.13
CA GLY A 1236 -43.92 39.75 -24.11
C GLY A 1236 -42.74 38.93 -23.58
N SER A 1237 -42.63 38.75 -22.25
CA SER A 1237 -41.61 37.91 -21.66
C SER A 1237 -42.08 37.11 -20.41
N VAL A 1238 -41.27 36.14 -20.01
CA VAL A 1238 -41.54 35.25 -18.88
C VAL A 1238 -40.23 35.03 -18.13
N ASP A 1239 -40.32 35.06 -16.79
CA ASP A 1239 -39.26 34.69 -15.88
C ASP A 1239 -39.64 33.32 -15.30
N VAL A 1240 -38.82 32.31 -15.54
CA VAL A 1240 -39.01 31.00 -14.90
C VAL A 1240 -37.89 30.84 -13.88
N GLY A 1241 -38.24 30.26 -12.73
CA GLY A 1241 -37.32 30.17 -11.61
C GLY A 1241 -37.58 28.98 -10.72
N PHE A 1242 -36.58 28.70 -9.91
CA PHE A 1242 -36.66 27.71 -8.84
C PHE A 1242 -36.07 28.39 -7.60
N TYR A 1243 -36.72 28.21 -6.44
CA TYR A 1243 -36.24 28.84 -5.21
C TYR A 1243 -36.28 27.88 -4.06
N VAL A 1244 -35.21 27.87 -3.26
CA VAL A 1244 -35.24 27.13 -1.99
C VAL A 1244 -34.96 28.05 -0.80
N ASP A 1245 -35.77 27.88 0.26
CA ASP A 1245 -35.47 28.41 1.60
C ASP A 1245 -35.25 27.26 2.58
N SER A 1246 -34.01 27.11 3.05
CA SER A 1246 -33.68 25.95 3.88
C SER A 1246 -33.06 26.35 5.23
N PRO A 1247 -33.39 25.57 6.28
CA PRO A 1247 -32.62 25.65 7.52
C PRO A 1247 -31.24 24.95 7.42
N GLY A 1248 -31.01 24.13 6.39
CA GLY A 1248 -29.68 23.54 6.16
C GLY A 1248 -29.85 22.14 5.66
N TYR A 1249 -28.87 21.68 4.87
CA TYR A 1249 -28.79 20.31 4.39
C TYR A 1249 -29.94 19.84 3.46
N THR A 1250 -30.65 20.80 2.84
CA THR A 1250 -31.60 20.48 1.78
C THR A 1250 -30.86 20.40 0.44
N THR A 1251 -30.98 19.26 -0.22
CA THR A 1251 -30.46 19.15 -1.58
C THR A 1251 -31.61 19.13 -2.61
N LEU A 1252 -31.54 20.05 -3.55
CA LEU A 1252 -32.51 20.08 -4.65
C LEU A 1252 -31.74 19.90 -5.94
N HIS A 1253 -32.24 18.98 -6.78
CA HIS A 1253 -31.74 18.84 -8.15
C HIS A 1253 -32.81 19.27 -9.13
N ILE A 1254 -32.40 20.07 -10.13
CA ILE A 1254 -33.27 20.60 -11.15
C ILE A 1254 -32.70 20.14 -12.48
N ASP A 1255 -33.57 19.64 -13.36
CA ASP A 1255 -33.18 19.20 -14.69
C ASP A 1255 -34.30 19.36 -15.71
N GLU A 1256 -33.90 19.40 -17.00
CA GLU A 1256 -34.81 19.28 -18.16
C GLU A 1256 -35.92 20.32 -18.10
N VAL A 1257 -35.55 21.56 -17.86
CA VAL A 1257 -36.53 22.64 -17.82
C VAL A 1257 -36.91 23.09 -19.23
N THR A 1258 -38.21 23.09 -19.55
CA THR A 1258 -38.72 23.48 -20.88
C THR A 1258 -39.80 24.53 -20.68
N LEU A 1259 -39.68 25.65 -21.41
CA LEU A 1259 -40.76 26.58 -21.62
C LEU A 1259 -41.23 26.48 -23.10
N THR A 1260 -42.45 25.97 -23.30
CA THR A 1260 -43.01 25.79 -24.65
C THR A 1260 -44.31 26.61 -24.84
N ARG A 1261 -44.63 26.86 -26.10
CA ARG A 1261 -45.94 27.36 -26.52
C ARG A 1261 -46.94 26.23 -26.29
N ALA A 1262 -48.06 26.52 -25.66
CA ALA A 1262 -49.03 25.51 -25.23
C ALA A 1262 -50.14 25.37 -26.25
N PRO A 1263 -50.46 24.10 -26.66
CA PRO A 1263 -51.77 23.94 -27.25
C PRO A 1263 -52.79 24.75 -26.42
N MET B 17 26.94 -15.76 -31.90
CA MET B 17 26.33 -17.08 -31.54
C MET B 17 26.17 -17.89 -32.88
N ALA B 18 26.52 -19.17 -32.84
CA ALA B 18 26.88 -19.91 -34.05
C ALA B 18 25.70 -20.53 -34.83
N GLY B 19 25.61 -20.21 -36.11
CA GLY B 19 24.62 -20.84 -36.98
C GLY B 19 24.91 -22.30 -37.24
N LEU B 20 23.92 -23.05 -37.69
CA LEU B 20 24.13 -24.46 -37.98
C LEU B 20 25.24 -24.65 -39.01
N GLY B 21 25.92 -25.80 -38.92
CA GLY B 21 26.94 -26.23 -39.92
C GLY B 21 26.34 -27.09 -41.02
N ASN B 22 27.20 -27.72 -41.81
CA ASN B 22 26.79 -28.43 -43.03
C ASN B 22 25.90 -29.67 -42.73
N VAL B 23 25.03 -30.01 -43.69
CA VAL B 23 24.19 -31.21 -43.59
C VAL B 23 25.05 -32.41 -43.93
N THR B 24 25.12 -33.38 -43.03
CA THR B 24 25.84 -34.61 -43.28
C THR B 24 24.92 -35.81 -43.44
N GLY B 25 23.62 -35.63 -43.16
CA GLY B 25 22.66 -36.72 -43.21
C GLY B 25 21.26 -36.15 -43.33
N ALA B 26 20.35 -36.89 -43.96
CA ALA B 26 19.01 -36.40 -44.32
C ALA B 26 18.06 -37.55 -44.52
N VAL B 27 17.43 -38.00 -43.46
CA VAL B 27 16.49 -39.13 -43.50
C VAL B 27 15.00 -38.69 -43.58
N ALA B 28 14.43 -38.81 -44.78
CA ALA B 28 12.99 -38.72 -44.99
C ALA B 28 12.27 -40.01 -44.55
N SER B 29 11.19 -39.88 -43.82
CA SER B 29 10.32 -41.01 -43.52
C SER B 29 8.90 -40.51 -43.20
N GLY B 30 7.96 -40.68 -44.15
CA GLY B 30 6.57 -40.23 -44.01
C GLY B 30 6.54 -38.72 -44.10
N ASP B 31 5.94 -38.04 -43.11
CA ASP B 31 5.99 -36.57 -43.06
C ASP B 31 7.22 -35.99 -42.36
N SER B 32 8.12 -36.88 -41.89
CA SER B 32 9.29 -36.51 -41.09
C SER B 32 10.57 -36.43 -41.92
N LEU B 33 11.35 -35.40 -41.65
CA LEU B 33 12.67 -35.24 -42.24
C LEU B 33 13.62 -35.01 -41.06
N THR B 34 14.68 -35.80 -40.97
CA THR B 34 15.61 -35.72 -39.86
C THR B 34 17.02 -35.43 -40.37
N LEU B 35 17.50 -34.22 -40.13
CA LEU B 35 18.86 -33.81 -40.58
C LEU B 35 19.93 -34.00 -39.49
N THR B 36 21.12 -34.44 -39.91
CA THR B 36 22.30 -34.45 -39.07
C THR B 36 23.18 -33.32 -39.56
N LEU B 37 23.76 -32.54 -38.63
CA LEU B 37 24.54 -31.32 -38.93
C LEU B 37 25.92 -31.32 -38.26
N ASP B 38 26.95 -31.02 -39.04
CA ASP B 38 28.31 -30.97 -38.52
C ASP B 38 28.42 -29.79 -37.54
N ASN B 39 29.04 -30.03 -36.38
CA ASN B 39 29.38 -29.00 -35.40
C ASN B 39 30.84 -29.16 -34.95
N GLY B 40 31.65 -29.88 -35.74
CA GLY B 40 33.07 -30.20 -35.43
C GLY B 40 33.37 -31.22 -34.33
N THR B 41 32.38 -31.99 -33.89
CA THR B 41 32.53 -32.95 -32.77
C THR B 41 31.94 -34.30 -33.14
N SER B 42 32.24 -35.33 -32.35
CA SER B 42 31.67 -36.68 -32.59
C SER B 42 30.15 -36.75 -32.46
N ALA B 43 29.56 -35.82 -31.71
CA ALA B 43 28.10 -35.77 -31.45
C ALA B 43 27.48 -34.61 -32.25
N SER B 44 26.97 -34.98 -33.43
CA SER B 44 26.38 -34.02 -34.36
C SER B 44 25.06 -33.47 -33.84
N ASP B 45 24.75 -32.25 -34.31
CA ASP B 45 23.44 -31.63 -34.09
C ASP B 45 22.38 -32.41 -34.87
N ILE B 46 21.13 -32.36 -34.43
CA ILE B 46 20.02 -32.97 -35.14
C ILE B 46 18.94 -31.89 -35.37
N LEU B 47 18.41 -31.81 -36.60
CA LEU B 47 17.25 -30.98 -36.91
C LEU B 47 16.09 -31.88 -37.41
N GLU B 48 15.04 -31.97 -36.59
CA GLU B 48 13.82 -32.71 -36.90
C GLU B 48 12.69 -31.82 -37.42
N LEU B 49 12.41 -31.91 -38.73
CA LEU B 49 11.23 -31.26 -39.35
C LEU B 49 10.06 -32.23 -39.47
N ASP B 50 8.86 -31.76 -39.13
CA ASP B 50 7.67 -32.61 -39.23
C ASP B 50 6.57 -31.81 -39.86
N VAL B 51 6.09 -32.29 -41.01
CA VAL B 51 4.93 -31.71 -41.64
C VAL B 51 3.62 -32.19 -40.98
N LEU B 52 3.00 -31.24 -40.27
CA LEU B 52 1.87 -31.54 -39.46
C LEU B 52 0.57 -31.38 -40.26
N SER B 53 0.48 -30.31 -41.03
CA SER B 53 -0.63 -30.06 -41.94
C SER B 53 0.02 -29.48 -43.19
N GLU B 54 -0.81 -29.14 -44.16
CA GLU B 54 -0.32 -28.56 -45.39
C GLU B 54 0.32 -27.24 -45.16
N GLU B 55 -0.12 -26.55 -44.09
CA GLU B 55 0.36 -25.21 -43.79
C GLU B 55 1.07 -25.07 -42.43
N LEU B 56 1.46 -26.20 -41.83
CA LEU B 56 2.10 -26.22 -40.51
C LEU B 56 3.32 -27.17 -40.39
N LEU B 57 4.49 -26.55 -40.23
CA LEU B 57 5.75 -27.26 -40.05
C LEU B 57 6.17 -27.20 -38.58
N ARG B 58 6.59 -28.34 -37.99
CA ARG B 58 7.24 -28.34 -36.65
C ARG B 58 8.73 -28.59 -36.82
N VAL B 59 9.57 -27.71 -36.23
CA VAL B 59 11.02 -27.86 -36.27
C VAL B 59 11.50 -28.10 -34.84
N ASP B 60 12.48 -29.00 -34.65
CA ASP B 60 13.09 -29.32 -33.32
C ASP B 60 14.62 -29.38 -33.46
N TYR B 61 15.32 -28.32 -33.05
CA TYR B 61 16.78 -28.30 -33.02
C TYR B 61 17.26 -28.99 -31.74
N ARG B 62 18.00 -30.07 -31.90
CA ARG B 62 18.61 -30.76 -30.74
C ARG B 62 20.13 -30.61 -30.77
N PRO B 63 20.70 -29.76 -29.89
CA PRO B 63 22.17 -29.60 -29.91
C PRO B 63 22.85 -30.93 -29.54
N SER B 64 23.82 -31.29 -30.38
CA SER B 64 24.61 -32.50 -30.23
C SER B 64 23.79 -33.77 -30.10
N GLY B 65 22.56 -33.75 -30.61
CA GLY B 65 21.67 -34.89 -30.50
C GLY B 65 21.15 -35.22 -29.12
N ALA B 66 21.26 -34.30 -28.15
CA ALA B 66 20.66 -34.52 -26.81
C ALA B 66 19.20 -34.76 -26.99
N ALA B 67 18.62 -35.59 -26.12
CA ALA B 67 17.19 -35.79 -26.15
C ALA B 67 16.52 -34.43 -25.87
N PRO B 68 15.34 -34.21 -26.45
CA PRO B 68 14.64 -32.96 -26.19
C PRO B 68 14.12 -32.90 -24.76
N SER B 69 13.97 -31.69 -24.24
CA SER B 69 13.34 -31.47 -22.93
C SER B 69 11.84 -31.69 -23.10
N PRO B 70 11.12 -31.86 -21.99
CA PRO B 70 9.67 -31.85 -22.12
C PRO B 70 9.20 -30.50 -22.66
N SER B 71 8.18 -30.51 -23.51
CA SER B 71 7.59 -29.26 -23.96
C SER B 71 6.94 -28.53 -22.77
N THR B 72 6.92 -27.20 -22.80
CA THR B 72 6.18 -26.44 -21.79
C THR B 72 4.67 -26.67 -21.96
N PRO B 73 3.87 -26.18 -21.03
CA PRO B 73 2.40 -26.23 -21.19
C PRO B 73 1.79 -25.36 -22.27
N MET B 74 2.58 -24.51 -22.94
CA MET B 74 2.08 -23.90 -24.18
C MET B 74 1.44 -24.95 -25.09
N ILE B 75 2.13 -26.08 -25.26
CA ILE B 75 1.74 -27.11 -26.22
C ILE B 75 0.56 -27.92 -25.71
N ASP B 76 -0.48 -28.08 -26.53
CA ASP B 76 -1.57 -29.02 -26.26
C ASP B 76 -1.01 -30.45 -26.31
N PRO B 77 -0.97 -31.11 -25.15
CA PRO B 77 -0.39 -32.47 -25.11
C PRO B 77 -1.17 -33.55 -25.89
N ASP B 78 -2.45 -33.28 -26.15
CA ASP B 78 -3.35 -34.16 -26.89
C ASP B 78 -3.37 -33.80 -28.36
N ALA B 79 -2.67 -32.75 -28.78
CA ALA B 79 -2.65 -32.38 -30.20
C ALA B 79 -2.34 -33.58 -31.12
N SER B 80 -3.07 -33.72 -32.23
CA SER B 80 -2.68 -34.70 -33.25
C SER B 80 -3.26 -34.35 -34.60
N TRP B 81 -2.55 -34.71 -35.66
CA TRP B 81 -2.85 -34.28 -37.02
C TRP B 81 -3.08 -35.45 -37.94
N ASP B 82 -3.92 -35.23 -38.96
CA ASP B 82 -4.03 -36.17 -40.08
C ASP B 82 -2.67 -36.26 -40.79
N ALA B 83 -2.35 -37.41 -41.37
CA ALA B 83 -1.23 -37.53 -42.31
C ALA B 83 -1.40 -36.54 -43.48
N VAL B 84 -0.32 -35.93 -43.92
CA VAL B 84 -0.38 -34.91 -44.97
C VAL B 84 -0.03 -35.50 -46.31
N GLY B 85 0.98 -36.37 -46.34
CA GLY B 85 1.53 -36.92 -47.57
C GLY B 85 2.39 -35.89 -48.23
N ALA B 86 3.29 -35.27 -47.47
CA ALA B 86 4.21 -34.27 -48.02
C ALA B 86 5.24 -34.91 -48.95
N THR B 87 5.75 -34.12 -49.90
CA THR B 87 6.86 -34.55 -50.76
C THR B 87 8.15 -34.07 -50.16
N ILE B 88 9.09 -35.00 -49.94
CA ILE B 88 10.41 -34.69 -49.39
C ILE B 88 11.49 -35.15 -50.39
N ASP B 89 12.21 -34.18 -50.96
CA ASP B 89 13.17 -34.44 -52.02
C ASP B 89 14.57 -34.11 -51.50
N THR B 90 15.30 -35.15 -51.10
CA THR B 90 16.67 -35.02 -50.63
C THR B 90 17.68 -35.13 -51.77
N SER B 91 17.23 -35.42 -52.99
CA SER B 91 18.13 -35.66 -54.14
C SER B 91 19.23 -34.61 -54.33
N GLY B 92 18.97 -33.33 -54.05
CA GLY B 92 19.93 -32.25 -54.38
C GLY B 92 20.19 -31.23 -53.28
N ASP B 93 20.63 -30.04 -53.70
CA ASP B 93 20.89 -28.91 -52.81
C ASP B 93 20.22 -27.66 -53.43
N PRO B 94 19.18 -27.12 -52.80
CA PRO B 94 18.60 -27.47 -51.50
C PRO B 94 17.84 -28.77 -51.48
N ILE B 95 17.71 -29.30 -50.28
CA ILE B 95 16.67 -30.27 -49.93
C ILE B 95 15.34 -29.53 -49.96
N VAL B 96 14.25 -30.22 -50.31
CA VAL B 96 12.95 -29.58 -50.57
C VAL B 96 11.80 -30.39 -50.00
N VAL B 97 10.99 -29.73 -49.17
CA VAL B 97 9.74 -30.26 -48.63
C VAL B 97 8.57 -29.49 -49.24
N THR B 98 7.60 -30.22 -49.81
CA THR B 98 6.48 -29.61 -50.53
C THR B 98 5.12 -30.16 -50.06
N THR B 99 4.21 -29.22 -49.84
CA THR B 99 2.78 -29.53 -49.67
C THR B 99 2.07 -28.75 -50.77
N PRO B 100 0.74 -28.92 -50.86
CA PRO B 100 0.03 -28.04 -51.76
C PRO B 100 0.02 -26.55 -51.35
N ARG B 101 0.24 -26.25 -50.06
CA ARG B 101 0.14 -24.89 -49.52
C ARG B 101 1.49 -24.20 -49.23
N MET B 102 2.58 -24.98 -49.04
CA MET B 102 3.91 -24.40 -48.80
C MET B 102 5.09 -25.18 -49.39
N ARG B 103 6.19 -24.46 -49.62
CA ARG B 103 7.47 -25.05 -50.04
C ARG B 103 8.60 -24.67 -49.07
N ILE B 104 9.24 -25.70 -48.50
CA ILE B 104 10.37 -25.53 -47.57
C ILE B 104 11.70 -25.96 -48.22
N GLU B 105 12.65 -25.04 -48.26
CA GLU B 105 13.97 -25.33 -48.76
C GLU B 105 14.93 -25.33 -47.57
N ILE B 106 15.72 -26.40 -47.44
CA ILE B 106 16.88 -26.43 -46.54
C ILE B 106 18.18 -26.52 -47.38
N ALA B 107 18.95 -25.42 -47.43
CA ALA B 107 20.29 -25.42 -48.08
C ALA B 107 21.24 -26.28 -47.28
N ARG B 108 22.08 -27.05 -47.97
CA ARG B 108 22.92 -28.05 -47.31
C ARG B 108 24.18 -27.48 -46.70
N THR B 109 24.82 -26.48 -47.35
CA THR B 109 26.14 -26.01 -46.92
C THR B 109 26.27 -24.46 -46.86
N PRO B 110 26.08 -23.84 -45.67
CA PRO B 110 25.58 -24.41 -44.41
C PRO B 110 24.06 -24.63 -44.39
N ALA B 111 23.57 -25.32 -43.36
CA ALA B 111 22.12 -25.47 -43.08
C ALA B 111 21.37 -24.16 -42.75
N ARG B 112 20.56 -23.73 -43.73
CA ARG B 112 19.67 -22.58 -43.65
C ARG B 112 18.35 -22.89 -44.34
N MET B 113 17.25 -22.74 -43.57
CA MET B 113 15.87 -22.87 -44.08
C MET B 113 15.36 -21.58 -44.74
N THR B 114 14.59 -21.78 -45.81
CA THR B 114 13.82 -20.75 -46.50
C THR B 114 12.39 -21.27 -46.57
N ILE B 115 11.41 -20.45 -46.18
CA ILE B 115 10.00 -20.87 -46.27
C ILE B 115 9.35 -20.10 -47.41
N LYS B 116 8.53 -20.82 -48.20
CA LYS B 116 7.90 -20.24 -49.37
C LYS B 116 6.52 -20.72 -49.46
N LYS B 117 5.65 -19.93 -50.08
CA LYS B 117 4.33 -20.43 -50.48
C LYS B 117 4.54 -21.50 -51.54
N ALA B 118 3.57 -22.41 -51.67
CA ALA B 118 3.54 -23.40 -52.77
C ALA B 118 3.86 -22.80 -54.14
N ASP B 119 3.45 -21.54 -54.37
CA ASP B 119 3.73 -20.86 -55.64
C ASP B 119 5.16 -20.30 -55.82
N GLY B 120 6.10 -20.57 -54.89
CA GLY B 120 7.47 -19.99 -54.95
C GLY B 120 7.74 -18.65 -54.25
N THR B 121 6.68 -17.93 -53.82
CA THR B 121 6.83 -16.65 -53.09
C THR B 121 7.61 -16.82 -51.76
N THR B 122 8.71 -16.10 -51.67
CA THR B 122 9.63 -16.24 -50.56
C THR B 122 9.03 -15.49 -49.36
N LEU B 123 8.86 -16.18 -48.23
CA LEU B 123 8.13 -15.66 -47.05
C LEU B 123 9.05 -15.19 -45.90
N LEU B 124 9.91 -16.12 -45.45
CA LEU B 124 10.98 -15.80 -44.52
C LEU B 124 12.10 -16.83 -44.57
N TRP B 125 13.27 -16.43 -44.09
CA TRP B 125 14.43 -17.32 -44.23
C TRP B 125 15.50 -17.11 -43.16
N GLU B 126 16.28 -18.15 -42.94
CA GLU B 126 17.39 -18.09 -41.99
C GLU B 126 18.56 -17.51 -42.76
N PRO B 127 19.08 -16.35 -42.34
CA PRO B 127 20.12 -15.63 -43.09
C PRO B 127 21.52 -16.30 -43.00
N ALA B 128 22.36 -16.03 -44.00
CA ALA B 128 23.75 -16.52 -44.06
C ALA B 128 24.45 -16.42 -42.69
N SER B 129 24.26 -15.30 -41.99
CA SER B 129 24.88 -15.09 -40.69
C SER B 129 24.48 -16.06 -39.59
N GLY B 130 23.31 -16.69 -39.70
CA GLY B 130 22.87 -17.66 -38.69
C GLY B 130 21.38 -17.59 -38.42
N GLY B 131 20.76 -18.76 -38.30
CA GLY B 131 19.33 -18.92 -38.05
C GLY B 131 19.12 -19.58 -36.70
N VAL B 132 18.63 -20.83 -36.70
CA VAL B 132 18.41 -21.50 -35.42
C VAL B 132 19.75 -21.83 -34.78
N PHE B 133 19.73 -21.85 -33.46
CA PHE B 133 20.89 -22.17 -32.62
C PHE B 133 20.36 -22.50 -31.23
N GLU B 134 21.23 -22.80 -30.26
CA GLU B 134 20.68 -23.44 -29.03
C GLU B 134 19.91 -22.49 -28.04
N ASP B 135 19.97 -21.17 -28.27
CA ASP B 135 19.23 -20.21 -27.47
C ASP B 135 18.11 -19.49 -28.24
N GLY B 136 17.82 -19.92 -29.47
CA GLY B 136 16.71 -19.30 -30.20
C GLY B 136 16.60 -19.53 -31.68
N VAL B 137 15.79 -18.68 -32.32
CA VAL B 137 15.53 -18.74 -33.76
C VAL B 137 15.74 -17.37 -34.36
N ARG B 138 16.29 -17.37 -35.57
CA ARG B 138 16.52 -16.11 -36.26
C ARG B 138 16.12 -16.21 -37.70
N PHE B 139 15.14 -15.38 -38.06
CA PHE B 139 14.72 -15.19 -39.42
C PHE B 139 14.85 -13.77 -39.90
N GLN B 140 14.88 -13.68 -41.22
CA GLN B 140 14.87 -12.45 -41.97
C GLN B 140 13.62 -12.56 -42.84
N ARG B 141 12.98 -11.43 -43.07
CA ARG B 141 11.78 -11.33 -43.90
C ARG B 141 11.71 -9.94 -44.58
N GLY B 142 10.70 -9.73 -45.44
CA GLY B 142 10.53 -8.42 -46.13
C GLY B 142 10.42 -7.31 -45.10
N SER B 143 11.15 -6.23 -45.30
CA SER B 143 11.27 -5.22 -44.27
C SER B 143 9.99 -4.36 -44.05
N THR B 144 9.07 -4.41 -45.02
CA THR B 144 7.77 -3.73 -44.96
C THR B 144 6.60 -4.68 -44.51
N ASP B 145 6.86 -5.94 -44.24
CA ASP B 145 5.84 -6.76 -43.60
C ASP B 145 5.39 -6.17 -42.25
N ASN B 146 4.11 -6.36 -41.97
CA ASN B 146 3.54 -6.01 -40.70
C ASN B 146 3.49 -7.24 -39.81
N ILE B 147 4.05 -7.09 -38.60
CA ILE B 147 4.15 -8.15 -37.62
C ILE B 147 3.19 -7.87 -36.48
N TYR B 148 2.60 -8.96 -35.98
CA TYR B 148 1.60 -8.93 -34.94
C TYR B 148 1.93 -9.99 -33.90
N GLY B 149 1.30 -9.85 -32.74
CA GLY B 149 1.35 -10.84 -31.67
C GLY B 149 2.33 -10.35 -30.62
N ILE B 150 3.03 -11.27 -29.93
CA ILE B 150 4.10 -10.97 -28.93
C ILE B 150 3.56 -10.45 -27.63
N ARG B 151 2.84 -9.34 -27.69
CA ARG B 151 2.45 -8.65 -26.51
C ARG B 151 1.18 -7.84 -26.68
N SER B 152 0.62 -7.50 -25.53
CA SER B 152 -0.52 -6.62 -25.36
C SER B 152 -0.10 -5.50 -24.37
N PHE B 153 -1.07 -4.81 -23.76
CA PHE B 153 -0.78 -3.78 -22.77
C PHE B 153 -1.64 -3.93 -21.50
N ASN B 154 -1.03 -3.57 -20.37
CA ASN B 154 -1.63 -3.75 -19.04
C ASN B 154 -2.26 -2.46 -18.58
N ALA B 155 -3.06 -2.57 -17.51
CA ALA B 155 -3.73 -1.42 -16.89
C ALA B 155 -2.80 -0.33 -16.27
N GLN B 156 -1.49 -0.47 -16.44
CA GLN B 156 -0.50 0.49 -15.90
C GLN B 156 0.48 0.97 -16.93
N GLU B 157 0.23 0.74 -18.22
CA GLU B 157 1.19 1.06 -19.29
C GLU B 157 0.53 2.02 -20.28
N ASP B 158 1.38 2.67 -21.06
CA ASP B 158 0.96 3.35 -22.26
C ASP B 158 0.56 2.25 -23.22
N VAL B 159 -0.57 2.48 -23.88
CA VAL B 159 -1.15 1.50 -24.74
C VAL B 159 -0.81 1.90 -26.14
N GLY B 160 -0.03 1.05 -26.80
CA GLY B 160 0.33 1.20 -28.21
C GLY B 160 -0.73 0.67 -29.18
N GLY B 161 -0.28 0.32 -30.39
CA GLY B 161 -1.16 -0.17 -31.44
C GLY B 161 -1.05 -1.68 -31.50
N LEU B 162 -1.43 -2.24 -32.64
CA LEU B 162 -1.30 -3.69 -32.90
C LEU B 162 0.02 -4.09 -33.53
N LEU B 163 0.60 -3.18 -34.32
CA LEU B 163 1.86 -3.46 -35.03
C LEU B 163 3.04 -3.71 -34.10
N ARG B 164 3.88 -4.67 -34.50
CA ARG B 164 4.99 -5.12 -33.68
C ARG B 164 6.26 -5.08 -34.54
N ASN B 165 6.44 -3.97 -35.24
CA ASN B 165 7.39 -3.92 -36.35
C ASN B 165 8.80 -3.55 -35.85
N SER B 166 8.88 -2.89 -34.69
CA SER B 166 10.14 -2.55 -34.02
C SER B 166 10.09 -2.95 -32.55
N SER B 167 10.00 -4.25 -32.29
CA SER B 167 9.64 -4.76 -30.95
C SER B 167 10.77 -5.49 -30.22
N ASP B 168 11.09 -5.06 -29.01
CA ASP B 168 11.97 -5.82 -28.09
C ASP B 168 11.28 -6.20 -26.76
N HIS B 169 9.99 -5.95 -26.62
CA HIS B 169 9.29 -6.33 -25.38
C HIS B 169 9.38 -7.86 -25.20
N PRO B 170 9.57 -8.36 -23.96
CA PRO B 170 9.66 -9.81 -23.75
C PRO B 170 8.31 -10.49 -23.90
N ALA B 171 8.34 -11.81 -24.06
CA ALA B 171 7.15 -12.63 -24.15
C ALA B 171 6.80 -13.10 -22.78
N HIS B 172 5.73 -12.56 -22.20
CA HIS B 172 5.25 -12.97 -20.88
C HIS B 172 3.76 -12.84 -20.72
N ALA B 173 3.21 -13.55 -19.72
CA ALA B 173 1.82 -13.38 -19.31
C ALA B 173 1.62 -11.96 -18.73
N GLY B 174 2.62 -11.44 -18.05
CA GLY B 174 2.51 -10.09 -17.53
C GLY B 174 1.55 -9.97 -16.36
N GLN B 175 1.10 -8.75 -16.07
CA GLN B 175 0.16 -8.54 -15.02
C GLN B 175 -0.91 -7.60 -15.53
N GLN B 176 -1.99 -7.47 -14.76
CA GLN B 176 -2.93 -6.36 -14.85
C GLN B 176 -3.48 -6.24 -16.29
N GLY B 177 -3.89 -7.38 -16.81
CA GLY B 177 -4.61 -7.43 -18.06
C GLY B 177 -3.73 -7.65 -19.26
N ASP B 178 -2.43 -7.83 -19.03
CA ASP B 178 -1.46 -8.02 -20.10
C ASP B 178 -1.62 -9.42 -20.72
N ALA B 179 -0.98 -9.59 -21.87
CA ALA B 179 -0.96 -10.89 -22.57
C ALA B 179 0.25 -10.91 -23.45
N GLY B 180 0.84 -12.08 -23.57
CA GLY B 180 1.92 -12.22 -24.47
C GLY B 180 2.31 -13.64 -24.69
N GLY B 181 3.26 -13.80 -25.59
CA GLY B 181 3.80 -15.09 -25.80
C GLY B 181 4.79 -15.07 -26.92
N PRO B 182 5.47 -16.20 -27.11
CA PRO B 182 6.49 -16.32 -28.13
C PRO B 182 5.86 -16.64 -29.51
N PHE B 183 5.04 -15.69 -30.00
CA PHE B 183 4.16 -15.88 -31.18
C PHE B 183 4.20 -14.63 -32.02
N MET B 184 4.75 -14.74 -33.22
CA MET B 184 5.06 -13.62 -34.10
C MET B 184 4.57 -14.01 -35.48
N TRP B 185 3.69 -13.18 -36.04
CA TRP B 185 3.08 -13.50 -37.32
C TRP B 185 2.81 -12.25 -38.11
N SER B 186 2.64 -12.46 -39.42
CA SER B 186 2.47 -11.36 -40.38
C SER B 186 1.30 -11.56 -41.30
N THR B 187 0.70 -10.45 -41.66
CA THR B 187 -0.25 -10.46 -42.75
C THR B 187 0.42 -10.75 -44.09
N ALA B 188 1.75 -10.64 -44.20
CA ALA B 188 2.46 -11.05 -45.44
C ALA B 188 2.43 -12.56 -45.69
N GLY B 189 1.87 -13.34 -44.77
CA GLY B 189 1.49 -14.73 -45.00
C GLY B 189 2.20 -15.79 -44.18
N TYR B 190 2.70 -15.46 -42.98
CA TYR B 190 3.41 -16.44 -42.15
C TYR B 190 3.35 -16.19 -40.65
N GLY B 191 3.50 -17.25 -39.86
CA GLY B 191 3.64 -17.14 -38.42
C GLY B 191 4.78 -17.95 -37.85
N VAL B 192 5.30 -17.54 -36.70
CA VAL B 192 6.37 -18.24 -35.99
C VAL B 192 5.93 -18.38 -34.51
N LEU B 193 5.79 -19.63 -34.07
CA LEU B 193 5.51 -19.95 -32.70
C LEU B 193 6.64 -20.77 -32.14
N VAL B 194 7.27 -20.30 -31.08
CA VAL B 194 8.29 -21.02 -30.34
C VAL B 194 7.77 -21.48 -28.95
N ASP B 195 8.07 -22.73 -28.59
CA ASP B 195 7.72 -23.24 -27.25
C ASP B 195 8.75 -22.73 -26.28
N SER B 196 8.31 -21.96 -25.29
CA SER B 196 9.22 -21.30 -24.36
C SER B 196 8.47 -20.81 -23.13
N ASP B 197 9.22 -20.66 -22.05
CA ASP B 197 8.72 -20.14 -20.81
C ASP B 197 9.41 -18.82 -20.68
N GLY B 198 8.67 -17.77 -21.07
CA GLY B 198 9.26 -16.47 -21.21
C GLY B 198 10.23 -16.42 -22.38
N GLY B 199 10.90 -15.29 -22.53
CA GLY B 199 11.89 -15.13 -23.59
C GLY B 199 11.69 -13.82 -24.26
N TYR B 200 12.46 -13.57 -25.31
CA TYR B 200 12.73 -12.22 -25.82
C TYR B 200 12.56 -12.18 -27.33
N PRO B 201 11.32 -11.95 -27.80
CA PRO B 201 11.11 -11.76 -29.23
C PRO B 201 11.74 -10.45 -29.67
N TYR B 202 12.31 -10.43 -30.88
CA TYR B 202 12.92 -9.24 -31.43
C TYR B 202 12.47 -9.03 -32.86
N THR B 203 12.01 -7.81 -33.20
CA THR B 203 11.76 -7.39 -34.59
C THR B 203 12.36 -6.04 -34.87
N ASP B 204 12.70 -5.81 -36.15
CA ASP B 204 13.07 -4.47 -36.59
C ASP B 204 12.80 -4.23 -38.07
N THR B 205 12.87 -2.97 -38.46
CA THR B 205 12.43 -2.57 -39.80
C THR B 205 13.42 -2.89 -40.90
N THR B 206 14.62 -3.41 -40.58
CA THR B 206 15.49 -4.06 -41.58
C THR B 206 15.05 -5.48 -41.95
N GLY B 207 14.07 -6.03 -41.22
CA GLY B 207 13.50 -7.31 -41.56
C GLY B 207 13.78 -8.44 -40.60
N LYS B 208 14.33 -8.17 -39.43
CA LYS B 208 14.57 -9.26 -38.48
C LYS B 208 13.27 -9.73 -37.79
N LEU B 209 13.16 -11.05 -37.68
CA LEU B 209 12.13 -11.71 -36.92
C LEU B 209 12.82 -12.83 -36.12
N GLU B 210 13.07 -12.57 -34.83
CA GLU B 210 13.94 -13.39 -33.99
C GLU B 210 13.26 -13.75 -32.67
N PHE B 211 13.69 -14.83 -32.04
CA PHE B 211 13.29 -15.09 -30.67
C PHE B 211 14.38 -15.71 -29.85
N TYR B 212 14.66 -15.13 -28.68
CA TYR B 212 15.74 -15.63 -27.78
C TYR B 212 15.18 -16.12 -26.45
N TYR B 213 15.68 -17.27 -26.01
CA TYR B 213 15.43 -17.70 -24.66
C TYR B 213 15.99 -16.68 -23.65
N GLY B 214 17.23 -16.25 -23.89
CA GLY B 214 17.94 -15.38 -23.00
C GLY B 214 18.00 -15.84 -21.57
N GLY B 215 18.33 -14.87 -20.71
CA GLY B 215 18.43 -15.10 -19.27
C GLY B 215 17.06 -15.28 -18.61
N THR B 216 17.12 -15.80 -17.39
CA THR B 216 15.95 -15.97 -16.55
C THR B 216 15.11 -14.69 -16.51
N PRO B 217 13.82 -14.74 -16.93
CA PRO B 217 13.02 -13.51 -16.88
C PRO B 217 12.70 -13.01 -15.48
N THR B 218 12.17 -11.78 -15.42
CA THR B 218 11.55 -11.18 -14.21
C THR B 218 10.57 -12.13 -13.50
N GLU B 219 9.69 -12.74 -14.29
CA GLU B 219 8.72 -13.71 -13.82
C GLU B 219 9.28 -15.10 -13.43
N GLY B 220 10.57 -15.33 -13.59
CA GLY B 220 11.11 -16.66 -13.33
C GLY B 220 10.93 -17.53 -14.57
N ARG B 221 11.50 -18.71 -14.51
CA ARG B 221 11.46 -19.71 -15.59
C ARG B 221 11.48 -21.06 -14.88
N ARG B 222 10.40 -21.82 -14.96
CA ARG B 222 10.38 -23.15 -14.35
C ARG B 222 10.49 -24.27 -15.39
N TYR B 223 10.32 -23.98 -16.69
CA TYR B 223 10.49 -25.00 -17.75
C TYR B 223 11.69 -24.63 -18.63
N THR B 224 12.85 -25.17 -18.31
CA THR B 224 14.02 -24.87 -19.14
C THR B 224 14.11 -25.96 -20.21
N LYS B 225 14.69 -25.59 -21.34
CA LYS B 225 14.73 -26.44 -22.51
C LYS B 225 16.09 -26.40 -23.16
N THR B 226 16.61 -27.59 -23.50
CA THR B 226 17.92 -27.73 -24.15
C THR B 226 17.73 -27.59 -25.64
N ASN B 227 16.73 -28.30 -26.17
CA ASN B 227 16.32 -28.17 -27.59
C ASN B 227 15.56 -26.85 -27.86
N VAL B 228 15.35 -26.55 -29.14
CA VAL B 228 14.49 -25.46 -29.56
C VAL B 228 13.41 -26.02 -30.44
N GLU B 229 12.15 -25.90 -29.96
CA GLU B 229 10.94 -26.40 -30.63
C GLU B 229 10.14 -25.22 -31.12
N TYR B 230 10.02 -25.10 -32.44
CA TYR B 230 9.26 -24.01 -33.02
C TYR B 230 8.37 -24.52 -34.13
N TYR B 231 7.51 -23.64 -34.62
CA TYR B 231 6.48 -23.94 -35.61
C TYR B 231 6.42 -22.82 -36.64
N ILE B 232 6.33 -23.18 -37.91
CA ILE B 232 6.14 -22.21 -38.97
C ILE B 232 4.73 -22.46 -39.49
N MET B 233 3.93 -21.37 -39.55
CA MET B 233 2.60 -21.34 -40.16
C MET B 233 2.65 -20.57 -41.45
N VAL B 234 1.88 -21.02 -42.42
CA VAL B 234 1.70 -20.34 -43.69
C VAL B 234 0.21 -20.14 -43.98
N GLY B 235 -0.14 -18.89 -44.29
CA GLY B 235 -1.49 -18.56 -44.71
C GLY B 235 -1.90 -17.14 -44.37
N GLU B 236 -3.18 -16.88 -44.59
CA GLU B 236 -3.82 -15.61 -44.24
C GLU B 236 -4.02 -15.61 -42.73
N PRO B 237 -4.35 -14.46 -42.15
CA PRO B 237 -4.42 -14.40 -40.70
C PRO B 237 -5.26 -15.49 -40.02
N LYS B 238 -6.46 -15.79 -40.53
CA LYS B 238 -7.34 -16.81 -39.89
C LYS B 238 -6.79 -18.22 -39.95
N GLU B 239 -6.03 -18.48 -41.00
CA GLU B 239 -5.35 -19.79 -41.15
C GLU B 239 -4.20 -19.92 -40.17
N ILE B 240 -3.44 -18.85 -40.01
CA ILE B 240 -2.37 -18.80 -39.01
C ILE B 240 -2.93 -19.00 -37.60
N MET B 241 -4.02 -18.32 -37.28
CA MET B 241 -4.65 -18.45 -35.96
C MET B 241 -5.23 -19.82 -35.71
N ALA B 242 -5.88 -20.43 -36.69
CA ALA B 242 -6.32 -21.82 -36.53
C ALA B 242 -5.14 -22.75 -36.23
N SER B 243 -4.02 -22.54 -36.92
CA SER B 243 -2.84 -23.42 -36.74
C SER B 243 -2.25 -23.23 -35.35
N TYR B 244 -2.18 -21.97 -34.90
CA TYR B 244 -1.83 -21.66 -33.52
C TYR B 244 -2.70 -22.44 -32.53
N ALA B 245 -4.00 -22.52 -32.78
CA ALA B 245 -4.93 -23.21 -31.86
C ALA B 245 -4.79 -24.72 -31.96
N GLN B 246 -4.42 -25.24 -33.14
CA GLN B 246 -3.98 -26.68 -33.25
C GLN B 246 -2.80 -27.03 -32.34
N VAL B 247 -1.78 -26.17 -32.32
CA VAL B 247 -0.58 -26.41 -31.50
C VAL B 247 -0.80 -26.16 -30.00
N THR B 248 -1.42 -25.03 -29.64
CA THR B 248 -1.59 -24.65 -28.23
C THR B 248 -2.95 -25.00 -27.60
N GLY B 249 -3.91 -25.35 -28.46
CA GLY B 249 -5.25 -25.73 -28.01
C GLY B 249 -6.39 -24.81 -28.42
N THR B 250 -7.49 -25.44 -28.82
CA THR B 250 -8.75 -24.78 -28.96
C THR B 250 -9.37 -24.50 -27.59
N ALA B 251 -10.39 -23.66 -27.58
CA ALA B 251 -10.98 -23.20 -26.33
C ALA B 251 -12.23 -24.03 -26.16
N PRO B 252 -12.43 -24.60 -24.96
CA PRO B 252 -13.71 -25.23 -24.66
C PRO B 252 -14.86 -24.22 -24.67
N MET B 253 -16.05 -24.69 -25.02
CA MET B 253 -17.20 -23.80 -25.05
C MET B 253 -17.62 -23.43 -23.66
N LEU B 254 -17.93 -22.17 -23.48
CA LEU B 254 -18.34 -21.64 -22.19
C LEU B 254 -19.82 -21.83 -22.07
N PRO B 255 -20.36 -21.75 -20.84
CA PRO B 255 -21.82 -21.80 -20.78
C PRO B 255 -22.38 -20.68 -21.63
N LYS B 256 -23.61 -20.86 -22.13
CA LYS B 256 -24.23 -19.94 -23.03
C LYS B 256 -24.54 -18.66 -22.28
N TRP B 257 -24.86 -18.77 -20.99
CA TRP B 257 -25.14 -17.57 -20.16
C TRP B 257 -23.98 -16.60 -20.11
N SER B 258 -22.78 -17.09 -20.41
CA SER B 258 -21.60 -16.24 -20.40
C SER B 258 -21.55 -15.28 -21.61
N LEU B 259 -22.47 -15.43 -22.57
CA LEU B 259 -22.68 -14.39 -23.56
C LEU B 259 -23.59 -13.25 -23.09
N GLY B 260 -24.20 -13.43 -21.94
CA GLY B 260 -24.93 -12.37 -21.29
C GLY B 260 -24.09 -11.32 -20.56
N PHE B 261 -24.84 -10.29 -20.15
CA PHE B 261 -24.39 -9.26 -19.28
C PHE B 261 -24.23 -9.76 -17.85
N MET B 262 -23.10 -9.34 -17.28
CA MET B 262 -22.63 -9.67 -15.95
C MET B 262 -22.34 -8.38 -15.15
N ASN B 263 -22.88 -8.30 -13.94
CA ASN B 263 -22.54 -7.22 -13.00
C ASN B 263 -21.50 -7.76 -11.98
N PHE B 264 -20.26 -7.28 -12.04
CA PHE B 264 -19.26 -7.62 -11.02
C PHE B 264 -19.37 -6.53 -9.95
N GLU B 265 -19.22 -6.90 -8.69
CA GLU B 265 -19.35 -5.94 -7.58
C GLU B 265 -18.54 -6.33 -6.35
N TRP B 266 -17.91 -5.32 -5.77
CA TRP B 266 -17.19 -5.40 -4.50
C TRP B 266 -17.91 -4.44 -3.55
N GLY B 267 -18.40 -4.98 -2.44
CA GLY B 267 -19.29 -4.28 -1.49
C GLY B 267 -20.75 -4.61 -1.83
N ILE B 268 -21.18 -5.76 -1.34
CA ILE B 268 -22.47 -6.37 -1.73
C ILE B 268 -22.82 -7.42 -0.70
N ASP B 269 -24.09 -7.53 -0.29
CA ASP B 269 -24.53 -8.63 0.57
C ASP B 269 -25.77 -9.21 -0.08
N GLN B 270 -26.45 -10.17 0.55
CA GLN B 270 -27.60 -10.81 -0.09
C GLN B 270 -28.75 -9.86 -0.39
N ASP B 271 -29.10 -8.99 0.55
CA ASP B 271 -30.21 -8.05 0.34
C ASP B 271 -29.91 -7.12 -0.83
N GLU B 272 -28.68 -6.62 -0.92
CA GLU B 272 -28.32 -5.70 -2.01
C GLU B 272 -28.35 -6.41 -3.38
N LEU B 273 -27.80 -7.64 -3.45
CA LEU B 273 -27.81 -8.47 -4.68
C LEU B 273 -29.21 -8.64 -5.17
N GLU B 274 -30.10 -9.09 -4.26
CA GLU B 274 -31.53 -9.31 -4.58
C GLU B 274 -32.19 -8.07 -5.14
N ALA B 275 -31.87 -6.91 -4.53
CA ALA B 275 -32.38 -5.58 -4.95
C ALA B 275 -31.81 -5.16 -6.32
N HIS B 276 -30.52 -5.43 -6.57
CA HIS B 276 -29.95 -5.23 -7.92
C HIS B 276 -30.67 -6.08 -9.00
N VAL B 277 -30.83 -7.37 -8.71
CA VAL B 277 -31.45 -8.25 -9.65
C VAL B 277 -32.86 -7.76 -9.88
N ASP B 278 -33.59 -7.39 -8.82
CA ASP B 278 -34.95 -6.87 -8.98
C ASP B 278 -34.98 -5.62 -9.85
N GLY B 279 -34.00 -4.75 -9.69
CA GLY B 279 -33.88 -3.52 -10.51
C GLY B 279 -33.68 -3.78 -12.01
N TYR B 280 -32.95 -4.83 -12.34
CA TYR B 280 -32.75 -5.23 -13.75
C TYR B 280 -34.05 -5.75 -14.32
N ARG B 281 -34.67 -6.69 -13.62
CA ARG B 281 -35.86 -7.43 -14.12
C ARG B 281 -37.09 -6.53 -14.29
N ALA B 282 -37.27 -5.65 -13.31
CA ALA B 282 -38.33 -4.63 -13.35
C ALA B 282 -38.24 -3.75 -14.58
N ARG B 283 -37.00 -3.50 -15.02
CA ARG B 283 -36.74 -2.65 -16.20
C ARG B 283 -36.57 -3.41 -17.53
N ASN B 284 -36.63 -4.75 -17.48
CA ASN B 284 -36.41 -5.58 -18.68
C ASN B 284 -35.02 -5.25 -19.28
N ILE B 285 -34.06 -5.01 -18.38
CA ILE B 285 -32.67 -4.88 -18.72
C ILE B 285 -32.06 -6.26 -18.50
N PRO B 286 -31.60 -6.90 -19.56
CA PRO B 286 -31.18 -8.30 -19.42
C PRO B 286 -29.91 -8.40 -18.63
N ILE B 287 -29.76 -9.52 -17.96
CA ILE B 287 -28.59 -9.83 -17.12
C ILE B 287 -28.58 -11.34 -16.79
N ASP B 288 -27.41 -11.98 -16.93
CA ASP B 288 -27.31 -13.41 -16.70
C ASP B 288 -26.52 -13.74 -15.45
N ALA B 289 -25.80 -12.78 -14.90
CA ALA B 289 -24.80 -13.10 -13.87
C ALA B 289 -24.39 -11.91 -12.99
N PHE B 290 -24.27 -12.21 -11.69
CA PHE B 290 -23.53 -11.39 -10.75
C PHE B 290 -22.26 -12.10 -10.37
N ALA B 291 -21.19 -11.31 -10.29
CA ALA B 291 -19.92 -11.79 -9.79
C ALA B 291 -19.67 -11.12 -8.46
N LEU B 292 -19.37 -11.92 -7.46
CA LEU B 292 -19.10 -11.42 -6.13
C LEU B 292 -17.57 -11.36 -5.78
N ASP B 293 -17.15 -10.24 -5.20
CA ASP B 293 -15.77 -10.02 -4.73
C ASP B 293 -15.59 -10.69 -3.32
N TYR B 294 -14.62 -10.25 -2.53
CA TYR B 294 -14.34 -10.79 -1.19
C TYR B 294 -15.59 -11.02 -0.33
N ASP B 295 -16.60 -10.16 -0.52
CA ASP B 295 -17.88 -10.25 0.19
C ASP B 295 -18.44 -11.65 0.27
N TRP B 296 -18.20 -12.48 -0.75
CA TRP B 296 -18.82 -13.80 -0.80
C TRP B 296 -18.20 -14.83 0.12
N MET B 297 -17.03 -14.54 0.70
CA MET B 297 -16.23 -15.54 1.37
C MET B 297 -15.69 -15.08 2.73
N ASP B 298 -15.29 -16.06 3.55
CA ASP B 298 -14.75 -15.75 4.87
C ASP B 298 -13.24 -15.61 4.77
N TYR B 299 -12.79 -14.86 3.80
CA TYR B 299 -11.36 -14.57 3.60
C TYR B 299 -10.87 -13.96 4.90
N GLY B 300 -9.77 -14.53 5.39
CA GLY B 300 -9.19 -14.09 6.67
C GLY B 300 -9.37 -15.06 7.83
N GLU B 301 -10.27 -16.04 7.70
CA GLU B 301 -10.52 -16.97 8.78
C GLU B 301 -9.87 -18.32 8.55
N ASP B 302 -9.90 -19.10 9.64
CA ASP B 302 -9.39 -20.44 9.72
C ASP B 302 -10.31 -21.40 8.97
N ASN B 303 -9.81 -22.64 8.80
CA ASN B 303 -10.55 -23.78 8.23
C ASN B 303 -11.00 -23.38 6.83
N TYR B 304 -10.03 -22.99 6.01
CA TYR B 304 -10.31 -22.70 4.61
C TYR B 304 -11.41 -21.64 4.40
N GLY B 305 -11.34 -20.55 5.18
CA GLY B 305 -12.30 -19.43 5.09
C GLY B 305 -12.32 -18.79 3.70
N GLU B 306 -11.15 -18.75 3.06
CA GLU B 306 -11.00 -18.29 1.68
C GLU B 306 -11.52 -19.22 0.60
N PHE B 307 -12.18 -20.31 0.98
CA PHE B 307 -12.99 -21.16 0.07
C PHE B 307 -14.47 -21.26 0.46
N ARG B 308 -14.87 -20.56 1.50
CA ARG B 308 -16.12 -20.85 2.19
C ARG B 308 -17.07 -19.66 2.07
N TRP B 309 -18.34 -19.93 1.82
CA TRP B 309 -19.34 -18.88 1.76
C TRP B 309 -19.44 -18.09 3.06
N ASN B 310 -19.58 -16.77 2.94
CA ASN B 310 -19.67 -15.88 4.06
C ASN B 310 -21.17 -15.76 4.30
N THR B 311 -21.64 -16.43 5.35
CA THR B 311 -23.07 -16.50 5.67
C THR B 311 -23.54 -15.32 6.46
N ASP B 312 -22.62 -14.42 6.81
CA ASP B 312 -22.99 -13.15 7.40
C ASP B 312 -23.43 -12.18 6.31
N ASN B 313 -22.76 -12.22 5.16
CA ASN B 313 -23.21 -11.48 3.98
C ASN B 313 -24.30 -12.22 3.20
N PHE B 314 -24.23 -13.55 3.12
CA PHE B 314 -25.16 -14.36 2.29
C PHE B 314 -25.74 -15.51 3.10
N PRO B 315 -26.73 -15.19 3.96
CA PRO B 315 -27.29 -16.15 4.89
C PRO B 315 -27.77 -17.42 4.22
N ASP B 316 -28.47 -17.28 3.11
CA ASP B 316 -28.99 -18.46 2.43
C ASP B 316 -27.93 -19.28 1.65
N ALA B 317 -26.66 -18.85 1.61
CA ALA B 317 -25.59 -19.75 1.10
C ALA B 317 -25.11 -20.77 2.14
N ALA B 318 -25.74 -20.80 3.31
CA ALA B 318 -25.57 -21.93 4.27
C ALA B 318 -25.95 -23.28 3.64
N THR B 319 -26.85 -23.26 2.67
CA THR B 319 -27.34 -24.44 1.96
C THR B 319 -27.26 -24.14 0.45
N THR B 320 -27.95 -24.94 -0.38
CA THR B 320 -28.11 -24.62 -1.79
C THR B 320 -29.19 -23.55 -2.08
N GLN B 321 -29.80 -22.94 -1.07
CA GLN B 321 -30.95 -22.06 -1.30
C GLN B 321 -30.61 -20.84 -2.20
N LEU B 322 -29.55 -20.10 -1.88
CA LEU B 322 -29.20 -18.94 -2.69
C LEU B 322 -28.98 -19.35 -4.15
N LYS B 323 -28.18 -20.39 -4.36
CA LYS B 323 -27.95 -20.87 -5.70
C LYS B 323 -29.28 -21.01 -6.44
N GLU B 324 -30.26 -21.65 -5.78
CA GLU B 324 -31.54 -22.06 -6.38
C GLU B 324 -32.51 -20.92 -6.59
N ASP B 325 -32.68 -20.04 -5.61
CA ASP B 325 -33.54 -18.84 -5.81
C ASP B 325 -33.00 -17.91 -6.91
N MET B 326 -31.66 -17.79 -6.98
CA MET B 326 -30.97 -16.97 -8.01
C MET B 326 -31.09 -17.61 -9.41
N GLU B 327 -30.87 -18.92 -9.53
CA GLU B 327 -31.17 -19.70 -10.76
C GLU B 327 -32.60 -19.52 -11.27
N ALA B 328 -33.57 -19.49 -10.34
CA ALA B 328 -34.97 -19.20 -10.65
C ALA B 328 -35.16 -17.78 -11.16
N GLU B 329 -34.29 -16.87 -10.78
CA GLU B 329 -34.40 -15.54 -11.31
C GLU B 329 -33.52 -15.26 -12.54
N GLY B 330 -32.85 -16.30 -13.04
CA GLY B 330 -31.96 -16.22 -14.20
C GLY B 330 -30.54 -15.70 -13.93
N ILE B 331 -30.09 -15.82 -12.67
CA ILE B 331 -28.78 -15.34 -12.23
C ILE B 331 -27.85 -16.48 -11.81
N ARG B 332 -26.69 -16.52 -12.46
CA ARG B 332 -25.61 -17.40 -12.09
C ARG B 332 -24.68 -16.59 -11.26
N LEU B 333 -23.90 -17.24 -10.39
CA LEU B 333 -22.98 -16.54 -9.51
C LEU B 333 -21.52 -16.88 -9.84
N ILE B 334 -20.73 -15.82 -9.88
CA ILE B 334 -19.29 -15.93 -10.09
C ILE B 334 -18.66 -15.45 -8.80
N GLY B 335 -17.57 -16.09 -8.39
CA GLY B 335 -16.88 -15.74 -7.14
C GLY B 335 -15.44 -15.45 -7.38
N ILE B 336 -14.90 -14.45 -6.68
CA ILE B 336 -13.48 -14.09 -6.88
C ILE B 336 -12.60 -15.09 -6.13
N ARG B 337 -11.51 -15.48 -6.77
CA ARG B 337 -10.47 -16.33 -6.19
C ARG B 337 -9.10 -15.63 -6.25
N LYS B 338 -8.33 -15.82 -5.20
CA LYS B 338 -6.97 -15.34 -5.06
C LYS B 338 -6.10 -16.58 -4.90
N PRO B 339 -4.95 -16.64 -5.61
CA PRO B 339 -4.09 -17.84 -5.52
C PRO B 339 -3.15 -17.76 -4.31
N ARG B 340 -3.77 -17.73 -3.15
CA ARG B 340 -3.05 -17.64 -1.90
C ARG B 340 -3.97 -18.06 -0.78
N ILE B 341 -3.37 -18.33 0.37
CA ILE B 341 -4.14 -18.66 1.58
C ILE B 341 -3.68 -17.80 2.72
N ILE B 342 -4.57 -17.62 3.66
CA ILE B 342 -4.29 -16.90 4.86
C ILE B 342 -3.57 -17.89 5.79
N THR B 343 -2.37 -17.51 6.24
CA THR B 343 -1.57 -18.37 7.11
C THR B 343 -1.67 -18.01 8.60
N ARG B 344 -2.28 -16.87 8.92
CA ARG B 344 -2.57 -16.46 10.28
C ARG B 344 -3.93 -15.81 10.25
N ASP B 345 -4.88 -16.37 10.98
CA ASP B 345 -6.23 -15.79 11.01
C ASP B 345 -6.24 -14.41 11.70
N PHE B 346 -7.42 -13.82 11.88
CA PHE B 346 -7.52 -12.48 12.51
C PHE B 346 -6.91 -12.49 13.94
N ALA B 347 -6.99 -13.63 14.62
CA ALA B 347 -6.49 -13.79 16.01
C ALA B 347 -5.02 -14.23 16.11
N ASN B 348 -4.25 -14.09 15.03
CA ASN B 348 -2.84 -14.47 14.95
C ASN B 348 -2.53 -15.99 15.08
N GLN B 349 -3.52 -16.85 14.88
CA GLN B 349 -3.35 -18.30 15.02
C GLN B 349 -3.08 -18.89 13.65
N ARG B 350 -2.14 -19.84 13.59
CA ARG B 350 -1.88 -20.55 12.36
C ARG B 350 -3.14 -21.26 11.95
N THR B 351 -3.40 -21.25 10.65
CA THR B 351 -4.64 -21.78 10.11
C THR B 351 -4.44 -23.25 9.68
N GLN B 352 -5.54 -24.00 9.63
CA GLN B 352 -5.53 -25.35 9.10
C GLN B 352 -4.92 -25.35 7.70
N GLN B 353 -5.47 -24.48 6.84
CA GLN B 353 -4.96 -24.33 5.47
C GLN B 353 -3.43 -24.08 5.44
N TYR B 354 -2.86 -23.25 6.33
CA TYR B 354 -1.38 -23.14 6.45
C TYR B 354 -0.68 -24.48 6.68
N TYR B 355 -1.13 -25.21 7.71
CA TYR B 355 -0.45 -26.47 8.08
C TYR B 355 -0.51 -27.49 6.93
N ASP B 356 -1.68 -27.56 6.29
CA ASP B 356 -1.84 -28.43 5.13
C ASP B 356 -0.88 -28.06 3.96
N ALA B 357 -0.81 -26.78 3.58
CA ALA B 357 0.06 -26.38 2.45
C ALA B 357 1.55 -26.49 2.78
N ASP B 358 1.93 -26.15 4.02
CA ASP B 358 3.34 -26.22 4.42
C ASP B 358 3.87 -27.67 4.40
N SER B 359 3.10 -28.58 5.03
CA SER B 359 3.48 -30.00 5.09
C SER B 359 3.46 -30.70 3.75
N ASN B 360 2.57 -30.28 2.83
CA ASN B 360 2.58 -30.83 1.43
C ASN B 360 3.44 -30.07 0.41
N GLY B 361 4.01 -28.92 0.77
CA GLY B 361 4.88 -28.19 -0.18
C GLY B 361 4.17 -27.40 -1.29
N TYR B 362 3.03 -26.82 -0.95
CA TYR B 362 2.13 -26.23 -1.93
C TYR B 362 2.27 -24.68 -2.09
N PHE B 363 3.29 -24.07 -1.48
CA PHE B 363 3.46 -22.64 -1.62
C PHE B 363 4.23 -22.38 -2.87
N TYR B 364 4.04 -21.21 -3.50
CA TYR B 364 4.73 -20.93 -4.75
C TYR B 364 6.22 -20.80 -4.43
N PRO B 365 7.12 -21.48 -5.17
CA PRO B 365 8.54 -21.34 -4.88
C PRO B 365 9.08 -19.91 -4.98
N GLY B 366 9.92 -19.53 -4.02
CA GLY B 366 10.41 -18.18 -3.92
C GLY B 366 9.44 -17.19 -3.28
N HIS B 367 8.17 -17.56 -3.02
CA HIS B 367 7.21 -16.64 -2.36
C HIS B 367 7.10 -16.99 -0.89
N ASN B 368 7.64 -16.14 -0.04
CA ASN B 368 7.41 -16.25 1.41
C ASN B 368 6.11 -15.57 1.78
N GLU B 369 5.68 -15.77 3.02
CA GLU B 369 4.46 -15.11 3.47
C GLU B 369 4.69 -13.63 3.65
N TYR B 370 3.60 -12.89 3.70
CA TYR B 370 3.69 -11.46 3.68
C TYR B 370 2.42 -10.90 4.20
N THR B 371 2.51 -9.71 4.77
CA THR B 371 1.35 -9.06 5.38
C THR B 371 0.70 -8.23 4.32
N ASP B 372 -0.56 -8.53 4.02
CA ASP B 372 -1.40 -7.72 3.17
C ASP B 372 -2.50 -7.13 4.08
N TYR B 373 -3.27 -6.20 3.54
CA TYR B 373 -4.33 -5.51 4.25
C TYR B 373 -5.57 -5.77 3.42
N PHE B 374 -6.77 -5.81 4.00
CA PHE B 374 -7.91 -6.09 3.08
C PHE B 374 -9.26 -5.42 3.28
N ILE B 375 -9.53 -4.89 4.48
CA ILE B 375 -10.74 -4.06 4.71
C ILE B 375 -10.44 -2.56 4.43
N PRO B 376 -11.00 -2.01 3.32
CA PRO B 376 -10.77 -0.59 3.06
C PRO B 376 -11.66 0.34 3.90
N VAL B 377 -11.08 1.47 4.27
CA VAL B 377 -11.78 2.50 5.02
C VAL B 377 -11.48 3.82 4.36
N THR B 378 -12.46 4.73 4.49
CA THR B 378 -12.34 6.04 3.93
C THR B 378 -12.09 6.99 5.05
N VAL B 379 -11.09 7.85 4.85
CA VAL B 379 -10.63 8.83 5.85
C VAL B 379 -10.27 10.17 5.20
N ARG B 380 -10.20 11.17 6.04
CA ARG B 380 -9.72 12.47 5.60
C ARG B 380 -9.03 13.26 6.71
N SER B 381 -7.89 13.85 6.37
CA SER B 381 -7.03 14.55 7.32
C SER B 381 -7.75 15.78 7.97
N PHE B 382 -7.48 16.06 9.25
CA PHE B 382 -8.00 17.23 9.91
C PHE B 382 -6.94 18.29 9.95
N ASP B 383 -7.39 19.53 10.11
CA ASP B 383 -6.54 20.68 10.08
C ASP B 383 -6.41 21.18 11.54
N PRO B 384 -5.22 20.99 12.15
CA PRO B 384 -4.99 21.44 13.46
C PRO B 384 -4.52 22.87 13.49
N TYR B 385 -4.28 23.51 12.33
CA TYR B 385 -3.91 24.91 12.32
C TYR B 385 -5.01 25.86 12.86
N GLN B 386 -6.27 25.46 12.92
CA GLN B 386 -7.33 26.36 13.32
C GLN B 386 -7.73 26.07 14.80
N GLN B 387 -7.89 27.15 15.56
CA GLN B 387 -8.23 27.07 16.95
C GLN B 387 -9.53 26.28 17.15
N ALA B 388 -10.53 26.55 16.30
CA ALA B 388 -11.87 26.00 16.55
C ALA B 388 -11.81 24.48 16.26
N SER B 389 -10.94 24.08 15.33
CA SER B 389 -10.60 22.66 15.04
C SER B 389 -9.93 21.94 16.22
N ARG B 390 -8.95 22.59 16.80
CA ARG B 390 -8.28 22.07 18.01
C ARG B 390 -9.27 21.90 19.16
N ASP B 391 -10.08 22.95 19.43
CA ASP B 391 -11.14 22.90 20.47
C ASP B 391 -12.01 21.68 20.27
N TRP B 392 -12.37 21.47 19.00
CA TRP B 392 -13.21 20.32 18.62
C TRP B 392 -12.48 19.00 18.84
N TRP B 393 -11.23 18.92 18.37
CA TRP B 393 -10.46 17.68 18.52
C TRP B 393 -10.32 17.30 20.03
N TRP B 394 -9.96 18.28 20.85
CA TRP B 394 -9.88 18.07 22.29
C TRP B 394 -11.20 17.63 22.85
N GLN B 395 -12.25 18.42 22.60
CA GLN B 395 -13.58 18.15 23.15
C GLN B 395 -13.93 16.67 22.96
N HIS B 396 -13.60 16.13 21.81
CA HIS B 396 -13.94 14.74 21.54
C HIS B 396 -12.98 13.70 22.11
N SER B 397 -11.92 14.14 22.76
CA SER B 397 -10.89 13.28 23.39
C SER B 397 -11.06 13.13 24.90
N ILE B 398 -11.89 14.01 25.49
CA ILE B 398 -12.07 14.13 26.93
C ILE B 398 -12.49 12.85 27.51
N ASP B 399 -13.45 12.18 26.86
CA ASP B 399 -13.97 10.92 27.39
C ASP B 399 -12.88 9.83 27.43
N ALA B 400 -12.07 9.73 26.38
CA ALA B 400 -10.99 8.72 26.35
C ALA B 400 -9.97 8.98 27.46
N PHE B 401 -9.77 10.27 27.78
CA PHE B 401 -8.83 10.73 28.84
C PHE B 401 -9.32 10.42 30.25
N ASP B 402 -10.60 10.69 30.51
CA ASP B 402 -11.25 10.35 31.80
C ASP B 402 -11.12 8.86 32.06
N LYS B 403 -11.22 8.05 31.01
CA LYS B 403 -11.12 6.62 31.13
C LYS B 403 -9.73 6.03 30.86
N GLY B 404 -8.68 6.86 30.96
CA GLY B 404 -7.34 6.33 31.11
C GLY B 404 -6.26 6.64 30.09
N ILE B 405 -6.63 7.18 28.93
CA ILE B 405 -5.61 7.59 27.98
C ILE B 405 -5.07 8.91 28.49
N VAL B 406 -3.93 8.85 29.17
CA VAL B 406 -3.30 10.07 29.75
C VAL B 406 -2.01 10.47 29.01
N GLY B 407 -1.70 9.80 27.92
CA GLY B 407 -0.59 10.18 27.04
C GLY B 407 -1.03 10.01 25.60
N TRP B 408 -0.60 10.98 24.76
CA TRP B 408 -1.06 11.12 23.38
C TRP B 408 0.02 10.76 22.37
N TRP B 409 -0.08 9.55 21.83
CA TRP B 409 0.84 9.02 20.83
C TRP B 409 0.31 9.47 19.49
N ASN B 410 0.73 10.67 19.05
CA ASN B 410 0.24 11.33 17.84
C ASN B 410 1.05 10.93 16.62
N ASP B 411 0.51 9.96 15.91
CA ASP B 411 1.08 9.34 14.76
C ASP B 411 0.67 10.03 13.43
N GLU B 412 1.49 9.85 12.40
CA GLU B 412 1.14 10.26 11.04
C GLU B 412 0.68 11.72 10.92
N THR B 413 1.34 12.61 11.68
CA THR B 413 1.17 14.05 11.54
C THR B 413 2.13 14.70 10.52
N ASP B 414 2.64 13.90 9.59
CA ASP B 414 3.69 14.26 8.67
C ASP B 414 3.30 14.07 7.20
N LYS B 415 2.84 12.87 6.85
CA LYS B 415 2.64 12.50 5.47
C LYS B 415 1.69 11.32 5.30
N VAL B 416 0.79 11.44 4.35
CA VAL B 416 -0.07 10.38 3.90
C VAL B 416 0.69 9.72 2.74
N ASP B 417 0.92 8.41 2.83
CA ASP B 417 1.52 7.63 1.75
C ASP B 417 0.60 6.43 1.57
N SER B 418 -0.43 6.59 0.75
CA SER B 418 -1.52 5.61 0.70
C SER B 418 -2.22 5.55 -0.65
N GLY B 419 -1.83 4.56 -1.44
CA GLY B 419 -2.44 4.33 -2.73
C GLY B 419 -2.19 5.50 -3.63
N SER B 420 -3.24 6.10 -4.17
CA SER B 420 -3.09 7.33 -4.96
C SER B 420 -2.88 8.55 -4.04
N ALA B 421 -3.33 8.47 -2.78
CA ALA B 421 -3.20 9.60 -1.87
C ALA B 421 -1.76 9.84 -1.31
N GLN B 422 -1.15 10.97 -1.70
CA GLN B 422 0.23 11.33 -1.31
C GLN B 422 0.18 12.82 -0.90
N TYR B 423 -0.17 13.06 0.36
CA TYR B 423 -0.42 14.40 0.88
C TYR B 423 0.50 14.69 2.02
N TRP B 424 1.01 15.90 2.04
CA TRP B 424 1.87 16.33 3.08
C TRP B 424 1.06 17.14 4.09
N PHE B 425 1.39 16.98 5.37
CA PHE B 425 1.02 17.94 6.38
C PHE B 425 2.11 19.01 6.43
N GLY B 426 1.70 20.21 6.86
CA GLY B 426 2.59 21.38 6.93
C GLY B 426 3.55 21.30 8.10
N ASN B 427 4.57 22.15 8.11
CA ASN B 427 5.63 22.04 9.11
C ASN B 427 5.18 22.28 10.56
N PHE B 428 4.07 23.00 10.73
CA PHE B 428 3.50 23.26 12.05
C PHE B 428 2.46 22.24 12.50
N SER B 429 2.28 21.17 11.71
CA SER B 429 1.24 20.18 12.00
C SER B 429 1.44 19.47 13.31
N THR B 430 2.68 19.06 13.55
CA THR B 430 3.01 18.43 14.82
C THR B 430 2.79 19.37 16.03
N GLY B 431 3.34 20.56 15.96
CA GLY B 431 3.14 21.53 17.02
C GLY B 431 1.68 21.81 17.29
N PHE B 432 0.91 22.04 16.23
CA PHE B 432 -0.50 22.34 16.40
C PHE B 432 -1.31 21.13 16.86
N THR B 433 -1.04 19.92 16.33
CA THR B 433 -1.69 18.73 16.91
C THR B 433 -1.37 18.66 18.41
N SER B 434 -0.10 18.88 18.74
CA SER B 434 0.34 18.85 20.12
C SER B 434 -0.38 19.95 20.91
N GLN B 435 -0.51 21.12 20.30
CA GLN B 435 -1.17 22.23 20.94
C GLN B 435 -2.62 21.94 21.26
N ALA B 436 -3.30 21.17 20.41
CA ALA B 436 -4.69 20.82 20.70
C ALA B 436 -4.84 20.06 21.99
N MET B 437 -3.92 19.12 22.24
CA MET B 437 -4.04 18.27 23.41
C MET B 437 -3.52 19.00 24.61
N TYR B 438 -2.49 19.83 24.41
CA TYR B 438 -1.88 20.56 25.52
C TYR B 438 -2.87 21.57 26.17
N ASP B 439 -3.24 22.62 25.42
CA ASP B 439 -4.27 23.62 25.74
C ASP B 439 -5.51 23.00 26.38
N GLY B 440 -6.02 21.98 25.71
CA GLY B 440 -7.21 21.24 26.13
C GLY B 440 -7.08 20.54 27.47
N GLN B 441 -6.12 19.62 27.59
CA GLN B 441 -5.88 18.94 28.86
C GLN B 441 -5.65 19.92 30.03
N ARG B 442 -4.88 20.97 29.76
CA ARG B 442 -4.56 21.95 30.76
C ARG B 442 -5.80 22.71 31.24
N ASP B 443 -6.59 23.21 30.31
CA ASP B 443 -7.88 23.82 30.64
C ASP B 443 -8.75 22.87 31.49
N TYR B 444 -8.97 21.69 30.94
CA TYR B 444 -9.87 20.74 31.51
C TYR B 444 -9.43 20.23 32.89
N THR B 445 -8.13 20.05 33.11
CA THR B 445 -7.67 19.62 34.44
C THR B 445 -7.22 20.77 35.35
N ASN B 446 -7.42 22.03 34.94
CA ASN B 446 -6.91 23.22 35.63
C ASN B 446 -5.47 23.06 36.06
N ASP B 447 -4.65 22.69 35.08
CA ASP B 447 -3.22 22.55 35.20
C ASP B 447 -2.81 21.48 36.19
N GLY B 448 -3.74 20.59 36.51
CA GLY B 448 -3.49 19.58 37.53
C GLY B 448 -2.87 18.32 36.94
N VAL B 449 -2.96 18.10 35.63
CA VAL B 449 -2.35 16.89 35.04
C VAL B 449 -1.42 17.27 33.90
N ARG B 450 -0.17 16.91 34.10
CA ARG B 450 0.88 17.15 33.10
C ARG B 450 0.57 16.39 31.83
N VAL B 451 0.82 17.06 30.74
CA VAL B 451 0.66 16.51 29.44
C VAL B 451 1.92 15.74 29.01
N TRP B 452 1.71 14.60 28.35
CA TRP B 452 2.75 13.83 27.65
C TRP B 452 2.25 13.48 26.28
N GLN B 453 3.14 13.65 25.29
CA GLN B 453 2.83 13.29 23.93
C GLN B 453 4.08 12.82 23.19
N THR B 454 3.86 12.11 22.08
CA THR B 454 4.95 11.87 21.16
C THR B 454 4.45 11.99 19.72
N ALA B 455 5.35 12.47 18.85
CA ALA B 455 5.10 12.62 17.42
C ALA B 455 6.31 12.18 16.66
N ARG B 456 6.13 11.78 15.39
CA ARG B 456 7.28 11.41 14.56
C ARG B 456 7.87 12.51 13.63
N SER B 457 7.69 13.77 14.00
CA SER B 457 8.40 14.84 13.37
C SER B 457 8.53 15.97 14.35
N TYR B 458 9.51 16.85 14.10
CA TYR B 458 9.73 18.03 14.92
C TYR B 458 10.12 19.23 14.00
N TYR B 459 9.50 20.37 14.28
CA TYR B 459 9.87 21.65 13.69
C TYR B 459 9.90 22.62 14.88
N PRO B 460 10.70 23.68 14.79
CA PRO B 460 10.80 24.57 15.96
C PRO B 460 9.49 25.17 16.49
N GLY B 461 9.41 25.26 17.82
CA GLY B 461 8.25 25.73 18.54
C GLY B 461 7.35 24.64 19.01
N ALA B 462 7.44 23.48 18.39
CA ALA B 462 6.60 22.36 18.78
C ALA B 462 6.83 21.93 20.22
N GLN B 463 8.05 22.08 20.70
CA GLN B 463 8.39 21.74 22.10
C GLN B 463 7.49 22.42 23.17
N ARG B 464 6.90 23.59 22.84
CA ARG B 464 6.08 24.35 23.81
C ARG B 464 4.81 23.63 24.21
N TYR B 465 4.45 22.60 23.46
CA TYR B 465 3.16 21.97 23.65
C TYR B 465 3.30 20.57 24.21
N ALA B 466 4.43 20.33 24.87
CA ALA B 466 4.65 19.08 25.57
C ALA B 466 4.74 17.82 24.68
N THR B 467 5.72 17.77 23.78
CA THR B 467 5.89 16.55 22.92
C THR B 467 7.33 16.12 22.79
N THR B 468 7.47 14.80 22.81
CA THR B 468 8.71 14.13 22.52
C THR B 468 8.69 13.79 21.05
N LEU B 469 9.78 13.19 20.59
CA LEU B 469 9.92 12.83 19.19
C LEU B 469 10.38 11.39 19.13
N TRP B 470 9.73 10.55 18.32
CA TRP B 470 10.30 9.23 18.03
C TRP B 470 10.73 9.05 16.59
N SER B 471 11.61 8.07 16.33
CA SER B 471 12.41 8.04 15.09
C SER B 471 11.73 7.24 14.00
N GLY B 472 10.46 6.97 14.18
CA GLY B 472 9.65 6.35 13.13
C GLY B 472 9.88 4.85 12.96
N ASP B 473 9.47 4.36 11.80
CA ASP B 473 9.30 2.95 11.52
C ASP B 473 10.63 2.33 11.13
N ILE B 474 11.56 2.36 12.06
CA ILE B 474 12.93 1.88 11.82
C ILE B 474 13.02 0.36 11.70
N GLY B 475 14.10 -0.06 11.08
CA GLY B 475 14.26 -1.48 10.77
C GLY B 475 14.71 -2.34 11.95
N THR B 476 14.16 -3.55 12.03
CA THR B 476 14.64 -4.56 12.98
C THR B 476 15.93 -5.19 12.44
N GLN B 477 17.02 -4.47 12.68
CA GLN B 477 18.35 -4.88 12.19
C GLN B 477 19.43 -4.04 12.88
N PHE B 478 20.65 -4.56 12.83
CA PHE B 478 21.81 -3.93 13.45
C PHE B 478 22.17 -2.63 12.76
N TYR B 479 21.97 -2.59 11.45
CA TYR B 479 22.36 -1.44 10.65
C TYR B 479 21.71 -1.50 9.28
N LYS B 480 21.67 -0.36 8.61
CA LYS B 480 21.02 -0.23 7.29
C LYS B 480 21.74 -1.13 6.31
N GLY B 481 21.02 -2.05 5.68
CA GLY B 481 21.64 -2.99 4.76
C GLY B 481 22.05 -4.32 5.30
N GLU B 482 21.92 -4.55 6.61
CA GLU B 482 22.28 -5.84 7.15
C GLU B 482 21.30 -6.88 6.63
N LEU B 483 20.00 -6.67 6.89
CA LEU B 483 18.95 -7.51 6.33
C LEU B 483 18.23 -6.86 5.14
N PHE B 484 17.98 -5.56 5.16
CA PHE B 484 17.34 -4.85 4.05
C PHE B 484 17.79 -3.40 3.98
N ASN B 485 17.71 -2.77 2.80
CA ASN B 485 18.31 -1.42 2.59
C ASN B 485 17.35 -0.24 2.78
N TRP B 486 16.05 -0.51 2.92
CA TRP B 486 15.03 0.53 2.84
C TRP B 486 14.65 1.24 4.19
N ALA B 487 15.21 0.74 5.29
CA ALA B 487 15.10 1.42 6.59
C ALA B 487 16.42 1.25 7.31
N PRO B 488 16.83 2.25 8.10
CA PRO B 488 17.99 2.14 8.95
C PRO B 488 17.68 1.19 10.11
N GLY B 489 18.73 0.83 10.83
CA GLY B 489 18.61 -0.05 11.99
C GLY B 489 19.03 0.65 13.28
N MET B 490 19.53 -0.17 14.21
CA MET B 490 19.93 0.27 15.52
C MET B 490 21.14 1.17 15.51
N GLN B 491 22.17 0.81 14.71
CA GLN B 491 23.45 1.55 14.69
C GLN B 491 23.36 3.00 14.26
N GLU B 492 22.38 3.30 13.43
CA GLU B 492 22.16 4.65 12.95
C GLU B 492 21.48 5.53 14.01
N GLN B 493 20.76 4.93 14.95
CA GLN B 493 19.86 5.69 15.80
C GLN B 493 20.53 6.78 16.63
N PRO B 494 21.71 6.50 17.21
CA PRO B 494 22.43 7.61 17.89
C PRO B 494 22.59 8.90 17.06
N ARG B 495 22.78 8.75 15.76
CA ARG B 495 23.01 9.90 14.86
C ARG B 495 21.75 10.71 14.68
N ILE B 496 20.64 9.99 14.63
CA ILE B 496 19.36 10.60 14.59
C ILE B 496 19.02 11.32 15.92
N MET B 497 19.24 10.65 17.05
CA MET B 497 18.96 11.23 18.36
C MET B 497 19.77 12.51 18.56
N LEU B 498 21.06 12.40 18.27
CA LEU B 498 21.95 13.55 18.48
C LEU B 498 21.72 14.71 17.45
N SER B 499 21.21 14.38 16.27
CA SER B 499 20.76 15.38 15.31
C SER B 499 19.52 16.11 15.83
N SER B 500 18.62 15.39 16.51
CA SER B 500 17.44 16.02 17.12
C SER B 500 17.82 16.97 18.25
N ALA B 501 18.83 16.57 19.00
CA ALA B 501 19.36 17.36 20.09
C ALA B 501 19.96 18.69 19.59
N ASN B 502 20.68 18.61 18.47
CA ASN B 502 21.21 19.78 17.83
C ASN B 502 20.15 20.71 17.22
N LEU B 503 18.94 20.22 17.02
CA LEU B 503 17.81 21.04 16.62
C LEU B 503 16.94 21.50 17.80
N GLY B 504 17.39 21.31 19.04
CA GLY B 504 16.59 21.68 20.22
C GLY B 504 15.45 20.76 20.66
N GLN B 505 15.43 19.55 20.11
CA GLN B 505 14.52 18.52 20.56
C GLN B 505 15.31 17.36 21.12
N PRO B 506 15.75 17.47 22.39
CA PRO B 506 16.41 16.40 23.06
C PRO B 506 15.50 15.34 23.67
N LYS B 507 14.19 15.53 23.66
CA LYS B 507 13.28 14.52 24.25
C LYS B 507 12.93 13.50 23.17
N TRP B 508 13.83 12.56 22.99
CA TRP B 508 13.86 11.74 21.82
C TRP B 508 13.79 10.29 22.22
N GLY B 509 13.09 9.51 21.42
CA GLY B 509 13.10 8.05 21.55
C GLY B 509 13.05 7.33 20.21
N MET B 510 13.11 6.01 20.27
CA MET B 510 13.16 5.09 19.12
C MET B 510 12.40 3.85 19.46
N ASP B 511 11.94 3.12 18.44
CA ASP B 511 11.31 1.79 18.69
C ASP B 511 12.43 0.77 18.99
N THR B 512 12.72 0.55 20.26
CA THR B 512 13.70 -0.44 20.67
C THR B 512 13.23 -1.86 20.26
N GLY B 513 14.03 -2.53 19.45
CA GLY B 513 13.62 -3.78 18.79
C GLY B 513 13.32 -3.60 17.32
N GLY B 514 13.07 -2.36 16.90
CA GLY B 514 12.68 -2.08 15.53
C GLY B 514 11.21 -2.34 15.22
N PHE B 515 10.75 -1.71 14.15
CA PHE B 515 9.37 -1.87 13.67
C PHE B 515 9.27 -2.82 12.52
N ASN B 516 10.05 -2.56 11.47
CA ASN B 516 9.91 -3.22 10.20
C ASN B 516 10.89 -4.37 10.03
N SER B 517 10.39 -5.45 9.48
CA SER B 517 11.19 -6.57 9.00
C SER B 517 10.78 -6.96 7.59
N LEU B 518 11.59 -7.76 6.91
CA LEU B 518 11.17 -8.38 5.63
C LEU B 518 9.88 -9.22 5.76
N GLY B 519 8.98 -9.03 4.82
CA GLY B 519 7.64 -9.61 4.86
C GLY B 519 6.59 -8.88 5.71
N GLY B 520 6.94 -7.75 6.31
CA GLY B 520 5.99 -6.99 7.14
C GLY B 520 5.89 -7.54 8.56
N ALA B 521 4.82 -7.16 9.26
CA ALA B 521 4.47 -7.72 10.56
C ALA B 521 4.74 -9.23 10.73
N SER B 522 4.44 -10.02 9.69
CA SER B 522 4.77 -11.48 9.67
C SER B 522 6.29 -11.82 9.75
N GLY B 523 7.15 -10.85 9.47
CA GLY B 523 8.60 -11.03 9.54
C GLY B 523 9.25 -11.10 10.92
N PRO B 524 10.58 -11.33 10.94
CA PRO B 524 11.27 -11.77 12.17
C PRO B 524 11.36 -10.68 13.20
N ASN B 525 11.20 -11.08 14.47
CA ASN B 525 11.53 -10.22 15.60
C ASN B 525 13.05 -10.00 15.68
N PRO B 526 13.47 -8.99 16.47
CA PRO B 526 14.90 -8.88 16.72
C PRO B 526 15.50 -10.20 17.30
N SER B 527 16.74 -10.51 16.96
CA SER B 527 17.43 -11.65 17.61
C SER B 527 17.67 -11.24 19.06
N PRO B 528 17.83 -12.19 19.98
CA PRO B 528 18.14 -11.86 21.36
C PRO B 528 19.30 -10.94 21.53
N GLU B 529 20.34 -11.13 20.75
CA GLU B 529 21.48 -10.22 20.79
C GLU B 529 21.06 -8.79 20.42
N LEU B 530 20.36 -8.64 19.30
CA LEU B 530 19.94 -7.34 18.83
C LEU B 530 19.02 -6.71 19.85
N TYR B 531 18.11 -7.51 20.38
CA TYR B 531 17.16 -7.06 21.40
C TYR B 531 17.90 -6.59 22.62
N THR B 532 18.89 -7.38 23.04
CA THR B 532 19.58 -7.10 24.29
C THR B 532 20.42 -5.84 24.17
N ARG B 533 21.22 -5.75 23.10
CA ARG B 533 22.02 -4.54 22.86
C ARG B 533 21.18 -3.27 22.68
N TRP B 534 19.98 -3.43 22.12
CA TRP B 534 19.10 -2.32 21.88
C TRP B 534 18.43 -1.85 23.17
N MET B 535 18.02 -2.78 24.03
CA MET B 535 17.53 -2.37 25.36
C MET B 535 18.58 -1.61 26.23
N GLN B 536 19.83 -2.04 26.11
CA GLN B 536 20.90 -1.41 26.84
C GLN B 536 21.09 0.03 26.37
N PHE B 537 21.05 0.21 25.05
CA PHE B 537 21.15 1.49 24.39
C PHE B 537 19.94 2.30 24.80
N GLY B 538 18.75 1.72 24.66
CA GLY B 538 17.51 2.41 24.99
C GLY B 538 17.50 3.04 26.38
N ALA B 539 18.05 2.30 27.33
CA ALA B 539 17.98 2.70 28.72
C ALA B 539 18.75 3.99 29.00
N PHE B 540 19.72 4.28 28.13
CA PHE B 540 20.45 5.57 28.17
C PHE B 540 20.01 6.60 27.11
N THR B 541 18.74 6.52 26.69
CA THR B 541 18.15 7.55 25.84
C THR B 541 16.92 8.15 26.56
N PRO B 542 16.41 9.28 26.08
CA PRO B 542 15.49 10.01 26.99
C PRO B 542 14.11 9.38 27.13
N VAL B 543 13.53 8.95 26.02
CA VAL B 543 12.21 8.27 26.01
C VAL B 543 12.39 6.78 25.73
N PHE B 544 12.32 5.98 26.79
CA PHE B 544 12.75 4.61 26.76
C PHE B 544 11.55 3.71 26.50
N ARG B 545 11.47 3.17 25.28
CA ARG B 545 10.30 2.43 24.84
C ARG B 545 10.61 1.32 23.83
N VAL B 546 9.97 0.17 23.99
CA VAL B 546 9.92 -0.84 22.94
C VAL B 546 8.61 -0.60 22.20
N HIS B 547 8.68 -0.94 20.92
CA HIS B 547 7.53 -1.02 20.05
C HIS B 547 7.87 -2.04 18.97
N GLY B 548 6.84 -2.59 18.34
CA GLY B 548 7.01 -3.39 17.14
C GLY B 548 5.76 -3.39 16.28
N ASN B 549 5.83 -4.17 15.22
CA ASN B 549 4.78 -4.24 14.21
C ASN B 549 3.56 -5.01 14.75
N TYR B 550 2.53 -5.10 13.91
CA TYR B 550 1.29 -5.75 14.28
C TYR B 550 1.55 -7.16 14.82
N ASN B 551 1.09 -7.39 16.05
CA ASN B 551 1.07 -8.69 16.72
C ASN B 551 2.47 -9.26 17.00
N GLN B 552 3.43 -8.34 17.05
CA GLN B 552 4.80 -8.63 17.43
C GLN B 552 4.89 -8.27 18.89
N GLN B 553 5.80 -8.95 19.59
CA GLN B 553 5.91 -8.85 21.02
C GLN B 553 7.30 -8.40 21.41
N ARG B 554 7.34 -7.52 22.41
CA ARG B 554 8.63 -6.91 22.84
C ARG B 554 8.96 -7.05 24.34
N GLN B 555 8.29 -7.96 25.03
CA GLN B 555 8.59 -8.20 26.44
C GLN B 555 9.96 -8.93 26.50
N PRO B 556 10.80 -8.56 27.46
CA PRO B 556 12.15 -9.07 27.39
C PRO B 556 12.28 -10.56 27.65
N TRP B 557 11.35 -11.13 28.39
CA TRP B 557 11.45 -12.55 28.73
C TRP B 557 11.27 -13.50 27.57
N LEU B 558 10.73 -13.01 26.47
CA LEU B 558 10.55 -13.86 25.28
C LEU B 558 11.88 -14.11 24.55
N TYR B 559 12.90 -13.30 24.86
CA TYR B 559 14.15 -13.38 24.12
C TYR B 559 15.22 -14.27 24.79
N GLY B 560 14.76 -15.13 25.72
CA GLY B 560 15.67 -15.93 26.55
C GLY B 560 16.32 -15.23 27.73
N ALA B 561 17.04 -16.00 28.55
CA ALA B 561 17.39 -15.51 29.88
C ALA B 561 18.46 -14.40 29.87
N THR B 562 19.39 -14.36 28.91
CA THR B 562 20.36 -13.28 28.88
C THR B 562 19.64 -11.95 28.58
N ALA B 563 18.72 -12.01 27.63
CA ALA B 563 17.97 -10.83 27.26
C ALA B 563 17.06 -10.35 28.43
N GLU B 564 16.39 -11.28 29.09
CA GLU B 564 15.63 -10.98 30.30
C GLU B 564 16.52 -10.29 31.36
N GLU B 565 17.64 -10.95 31.70
CA GLU B 565 18.45 -10.51 32.83
C GLU B 565 19.27 -9.27 32.54
N ALA B 566 19.88 -9.19 31.36
CA ALA B 566 20.62 -8.00 30.98
C ALA B 566 19.70 -6.79 30.85
N SER B 567 18.48 -7.01 30.37
CA SER B 567 17.50 -5.93 30.30
C SER B 567 17.09 -5.45 31.65
N LYS B 568 16.74 -6.37 32.53
CA LYS B 568 16.39 -6.02 33.91
C LYS B 568 17.47 -5.16 34.57
N ALA B 569 18.69 -5.63 34.42
CA ALA B 569 19.86 -5.05 35.02
C ALA B 569 20.06 -3.58 34.61
N VAL B 570 20.02 -3.34 33.30
CA VAL B 570 20.19 -2.00 32.81
C VAL B 570 18.96 -1.12 33.16
N MET B 571 17.77 -1.68 33.18
CA MET B 571 16.58 -0.97 33.69
C MET B 571 16.74 -0.54 35.13
N HIS B 572 17.33 -1.44 35.92
CA HIS B 572 17.58 -1.13 37.31
C HIS B 572 18.58 0.00 37.41
N THR B 573 19.55 0.01 36.50
CA THR B 573 20.48 1.15 36.54
C THR B 573 19.72 2.45 36.24
N ARG B 574 18.87 2.43 35.21
CA ARG B 574 18.12 3.64 34.81
C ARG B 574 17.23 4.16 35.93
N TYR B 575 16.45 3.26 36.51
CA TYR B 575 15.50 3.61 37.55
C TYR B 575 16.14 4.09 38.82
N SER B 576 17.33 3.60 39.13
CA SER B 576 18.12 4.12 40.24
C SER B 576 18.60 5.56 39.98
N LEU B 577 18.71 5.93 38.72
CA LEU B 577 19.13 7.27 38.33
C LEU B 577 17.96 8.25 38.19
N LEU B 578 16.75 7.86 38.57
CA LEU B 578 15.62 8.79 38.60
C LEU B 578 15.94 10.22 39.05
N PRO B 579 16.48 10.39 40.25
CA PRO B 579 16.65 11.80 40.65
C PRO B 579 17.75 12.56 39.88
N TYR B 580 18.75 11.84 39.37
CA TYR B 580 19.70 12.41 38.44
C TYR B 580 18.94 12.84 37.18
N MET B 581 18.19 11.91 36.60
CA MET B 581 17.47 12.19 35.37
C MET B 581 16.51 13.37 35.56
N TYR B 582 15.69 13.33 36.60
CA TYR B 582 14.59 14.29 36.75
C TYR B 582 15.09 15.73 36.81
N ALA B 583 16.30 15.96 37.27
CA ALA B 583 16.86 17.32 37.25
C ALA B 583 17.01 17.86 35.86
N TYR B 584 17.30 16.98 34.91
CA TYR B 584 17.44 17.37 33.49
C TYR B 584 16.10 17.64 32.83
N GLU B 585 15.06 16.97 33.32
CA GLU B 585 13.68 17.28 32.96
C GLU B 585 13.36 18.73 33.39
N ARG B 586 13.71 19.05 34.64
CA ARG B 586 13.62 20.40 35.12
C ARG B 586 14.44 21.33 34.27
N GLU B 587 15.64 20.93 33.89
CA GLU B 587 16.50 21.80 33.06
C GLU B 587 15.84 22.12 31.69
N ALA B 588 15.17 21.15 31.09
CA ALA B 588 14.53 21.41 29.81
C ALA B 588 13.37 22.44 29.95
N SER B 589 12.79 22.58 31.14
CA SER B 589 11.79 23.66 31.36
C SER B 589 12.38 25.08 31.49
N GLU B 590 13.71 25.19 31.65
CA GLU B 590 14.41 26.47 31.86
C GLU B 590 15.31 26.89 30.73
N THR B 591 16.06 25.96 30.16
CA THR B 591 16.93 26.26 29.00
C THR B 591 16.63 25.48 27.75
N GLY B 592 15.77 24.46 27.83
CA GLY B 592 15.54 23.57 26.71
C GLY B 592 16.54 22.43 26.60
N LEU B 593 17.66 22.48 27.36
CA LEU B 593 18.65 21.36 27.37
C LEU B 593 18.12 20.21 28.19
N GLY B 594 18.43 19.01 27.79
CA GLY B 594 17.82 17.82 28.38
C GLY B 594 18.77 16.74 28.81
N LEU B 595 18.31 15.50 28.69
CA LEU B 595 18.95 14.40 29.38
C LEU B 595 20.17 13.87 28.60
N ILE B 596 20.17 14.09 27.29
CA ILE B 596 21.32 13.75 26.47
C ILE B 596 21.86 14.94 25.71
N LYS B 597 23.12 14.80 25.31
CA LYS B 597 23.75 15.76 24.46
C LYS B 597 24.99 15.15 23.85
N PRO B 598 25.36 15.59 22.65
CA PRO B 598 26.58 15.07 22.07
C PRO B 598 27.76 15.71 22.78
N LEU B 599 28.93 15.12 22.57
CA LEU B 599 30.13 15.55 23.26
C LEU B 599 30.56 16.94 22.81
N LEU B 600 30.20 17.31 21.58
CA LEU B 600 30.59 18.60 21.03
C LEU B 600 29.95 19.78 21.77
N PHE B 601 28.89 19.55 22.56
CA PHE B 601 28.39 20.59 23.48
C PHE B 601 29.40 20.94 24.57
N ASP B 602 30.05 19.94 25.15
CA ASP B 602 31.03 20.15 26.22
C ASP B 602 32.40 20.47 25.66
N TYR B 603 32.67 20.01 24.43
CA TYR B 603 33.99 20.06 23.78
C TYR B 603 33.90 20.63 22.36
N PRO B 604 33.52 21.95 22.26
CA PRO B 604 33.24 22.55 20.97
C PRO B 604 34.44 22.72 20.04
N ASN B 605 35.65 22.67 20.58
CA ASN B 605 36.87 22.72 19.77
C ASN B 605 37.59 21.42 19.56
N ASP B 606 37.10 20.32 20.11
CA ASP B 606 37.74 19.02 19.92
C ASP B 606 37.36 18.47 18.54
N PRO B 607 38.32 18.42 17.59
CA PRO B 607 37.99 17.78 16.29
C PRO B 607 37.54 16.29 16.38
N GLN B 608 37.98 15.56 17.41
CA GLN B 608 37.49 14.17 17.62
C GLN B 608 36.05 14.11 18.14
N ALA B 609 35.55 15.21 18.70
CA ALA B 609 34.14 15.30 19.12
C ALA B 609 33.16 15.90 18.06
N ALA B 610 33.70 16.47 16.99
CA ALA B 610 32.92 17.29 16.07
C ALA B 610 31.80 16.55 15.33
N ASP B 611 32.05 15.26 15.00
CA ASP B 611 31.08 14.36 14.37
C ASP B 611 30.79 13.05 15.18
N TYR B 612 31.10 13.06 16.45
CA TYR B 612 31.13 11.86 17.23
C TYR B 612 29.75 11.54 17.81
N THR B 613 29.32 10.33 17.50
CA THR B 613 28.05 9.85 17.89
C THR B 613 28.05 8.44 18.46
N GLU B 614 29.20 7.76 18.57
CA GLU B 614 29.22 6.41 19.17
C GLU B 614 29.16 6.39 20.73
N ALA B 615 29.36 7.56 21.33
CA ALA B 615 29.18 7.75 22.74
C ALA B 615 28.44 9.05 22.89
N TRP B 616 27.72 9.21 24.00
CA TRP B 616 27.16 10.51 24.32
C TRP B 616 27.09 10.71 25.80
N MET B 617 26.71 11.91 26.22
CA MET B 617 26.58 12.27 27.63
C MET B 617 25.14 12.05 28.04
N PHE B 618 24.95 11.38 29.16
CA PHE B 618 23.66 11.14 29.75
C PHE B 618 23.71 12.00 31.00
N GLY B 619 22.91 13.08 30.98
CA GLY B 619 23.10 14.19 31.94
C GLY B 619 24.49 14.81 31.77
N ASP B 620 25.00 15.48 32.81
CA ASP B 620 26.26 16.17 32.69
C ASP B 620 27.41 15.28 33.00
N TRP B 621 27.21 14.22 33.80
CA TRP B 621 28.35 13.55 34.43
C TRP B 621 28.58 12.12 34.02
N LEU B 622 27.85 11.63 33.04
CA LEU B 622 28.03 10.26 32.55
C LEU B 622 28.18 10.26 31.04
N LEU B 623 29.21 9.57 30.59
CA LEU B 623 29.44 9.28 29.18
C LEU B 623 29.16 7.79 28.96
N VAL B 624 28.26 7.48 28.05
CA VAL B 624 27.86 6.11 27.73
C VAL B 624 28.20 5.79 26.26
N SER B 625 28.67 4.58 26.01
CA SER B 625 28.93 4.13 24.65
C SER B 625 28.47 2.68 24.52
N PRO B 626 27.17 2.44 24.27
CA PRO B 626 26.64 1.10 24.25
C PRO B 626 27.25 0.27 23.15
N VAL B 627 27.36 -1.01 23.44
CA VAL B 627 27.79 -1.99 22.46
C VAL B 627 26.66 -2.20 21.45
N LEU B 628 26.88 -1.80 20.19
CA LEU B 628 25.90 -1.95 19.10
C LEU B 628 26.33 -2.88 17.93
N GLY B 629 27.56 -3.40 17.95
CA GLY B 629 28.03 -4.38 16.96
C GLY B 629 27.58 -5.80 17.31
N GLU B 630 27.11 -6.52 16.32
CA GLU B 630 26.97 -7.95 16.44
C GLU B 630 28.31 -8.62 16.76
N ALA B 631 28.35 -9.50 17.75
CA ALA B 631 29.51 -10.36 18.06
C ALA B 631 30.78 -9.53 18.35
N GLN B 632 30.58 -8.39 18.97
CA GLN B 632 31.64 -7.43 19.22
C GLN B 632 32.33 -7.81 20.55
N HIS B 633 33.64 -7.97 20.46
CA HIS B 633 34.48 -8.43 21.55
C HIS B 633 35.23 -7.30 22.23
N SER B 634 35.27 -6.13 21.62
CA SER B 634 35.88 -4.93 22.18
C SER B 634 35.37 -3.72 21.41
N LYS B 635 35.62 -2.54 21.97
CA LYS B 635 35.11 -1.27 21.48
C LYS B 635 36.23 -0.25 21.53
N GLN B 636 36.27 0.63 20.55
CA GLN B 636 37.14 1.77 20.57
C GLN B 636 36.22 2.89 21.03
N ILE B 637 36.57 3.54 22.12
CA ILE B 637 35.72 4.58 22.70
C ILE B 637 36.58 5.80 22.87
N TYR B 638 36.16 6.91 22.28
CA TYR B 638 36.85 8.21 22.45
C TYR B 638 36.37 8.87 23.73
N LEU B 639 37.32 9.19 24.61
CA LEU B 639 37.07 9.95 25.83
C LEU B 639 37.73 11.30 25.63
N PRO B 640 36.92 12.37 25.65
CA PRO B 640 37.50 13.70 25.54
C PRO B 640 38.28 14.08 26.79
N ALA B 641 38.88 15.25 26.82
CA ALA B 641 39.86 15.54 27.87
C ALA B 641 39.21 15.63 29.24
N GLY B 642 39.97 15.22 30.25
CA GLY B 642 39.47 14.97 31.61
C GLY B 642 39.89 13.59 32.12
N THR B 643 39.55 13.29 33.37
CA THR B 643 39.76 11.97 33.96
C THR B 643 38.39 11.30 34.01
N TRP B 644 38.33 10.03 33.65
CA TRP B 644 37.07 9.27 33.51
C TRP B 644 37.20 7.98 34.32
N ILE B 645 36.15 7.62 35.06
CA ILE B 645 36.14 6.42 35.90
C ILE B 645 35.10 5.46 35.33
N ASP B 646 35.50 4.21 35.13
CA ASP B 646 34.63 3.17 34.60
C ASP B 646 33.59 2.89 35.67
N TYR B 647 32.33 3.13 35.36
CA TYR B 647 31.21 3.01 36.35
C TYR B 647 31.07 1.61 36.87
N HIS B 648 31.28 0.60 36.01
CA HIS B 648 31.06 -0.78 36.44
C HIS B 648 32.36 -1.47 36.84
N ARG B 649 33.52 -1.03 36.35
CA ARG B 649 34.82 -1.71 36.63
C ARG B 649 35.80 -0.96 37.55
N GLY B 650 35.61 0.35 37.70
CA GLY B 650 36.32 1.10 38.72
C GLY B 650 37.62 1.72 38.31
N GLN B 651 38.26 1.28 37.22
CA GLN B 651 39.57 1.81 36.83
C GLN B 651 39.43 3.20 36.20
N THR B 652 40.44 4.05 36.37
CA THR B 652 40.47 5.34 35.70
C THR B 652 41.20 5.33 34.36
N TYR B 653 40.81 6.29 33.54
CA TYR B 653 41.38 6.57 32.23
C TYR B 653 41.57 8.07 32.15
N SER B 654 42.69 8.49 31.57
CA SER B 654 42.84 9.89 31.17
C SER B 654 42.27 10.08 29.77
N GLY B 655 41.67 11.23 29.56
CA GLY B 655 40.98 11.51 28.30
C GLY B 655 41.87 12.02 27.21
N GLY B 656 41.25 12.50 26.17
CA GLY B 656 41.96 12.94 25.00
C GLY B 656 42.54 11.80 24.18
N GLN B 657 41.94 10.61 24.29
CA GLN B 657 42.36 9.44 23.48
C GLN B 657 41.19 8.48 23.23
N THR B 658 41.39 7.62 22.24
CA THR B 658 40.47 6.55 21.98
C THR B 658 41.03 5.34 22.70
N ILE B 659 40.25 4.77 23.65
CA ILE B 659 40.65 3.61 24.46
C ILE B 659 40.19 2.28 23.88
N HIS B 660 40.91 1.23 24.23
CA HIS B 660 40.51 -0.13 23.90
C HIS B 660 39.76 -0.70 25.12
N TYR B 661 38.51 -1.08 24.89
CA TYR B 661 37.59 -1.47 25.96
C TYR B 661 37.06 -2.87 25.71
N PRO B 662 37.59 -3.84 26.45
CA PRO B 662 37.19 -5.23 26.17
C PRO B 662 35.79 -5.49 26.70
N VAL B 663 35.01 -6.29 25.98
CA VAL B 663 33.64 -6.65 26.40
C VAL B 663 33.42 -8.14 26.24
N ASN B 664 32.60 -8.65 27.14
CA ASN B 664 32.30 -10.06 27.15
C ASN B 664 31.16 -10.35 26.16
N ALA B 665 31.53 -10.86 25.00
CA ALA B 665 30.54 -11.25 24.01
C ALA B 665 29.70 -12.46 24.41
N ASP B 666 30.14 -13.22 25.43
CA ASP B 666 29.38 -14.38 25.82
C ASP B 666 28.23 -14.01 26.77
N THR B 667 28.46 -13.04 27.64
CA THR B 667 27.46 -12.67 28.64
C THR B 667 26.53 -11.54 28.27
N TRP B 668 27.00 -10.66 27.40
CA TRP B 668 26.26 -9.43 27.02
C TRP B 668 25.90 -8.57 28.23
N THR B 669 26.72 -8.60 29.27
CA THR B 669 26.37 -7.90 30.50
C THR B 669 26.96 -6.51 30.56
N ASP B 670 27.84 -6.18 29.61
CA ASP B 670 28.51 -4.88 29.57
C ASP B 670 27.68 -3.75 28.90
N VAL B 671 27.53 -2.63 29.61
CA VAL B 671 27.15 -1.34 29.04
C VAL B 671 28.25 -0.34 29.37
N PRO B 672 29.08 0.02 28.39
CA PRO B 672 30.22 0.81 28.78
C PRO B 672 29.83 2.19 29.21
N LEU B 673 30.10 2.51 30.48
CA LEU B 673 29.65 3.76 31.09
C LEU B 673 30.80 4.32 31.89
N PHE B 674 31.00 5.64 31.81
CA PHE B 674 32.17 6.32 32.39
C PHE B 674 31.73 7.57 33.14
N VAL B 675 32.21 7.69 34.37
CA VAL B 675 31.96 8.85 35.23
C VAL B 675 32.95 9.99 34.88
N LYS B 676 32.41 11.18 34.59
CA LYS B 676 33.23 12.36 34.38
C LYS B 676 33.69 12.78 35.76
N GLN B 677 35.00 12.91 35.96
CA GLN B 677 35.48 13.37 37.26
C GLN B 677 34.93 14.74 37.56
N GLY B 678 34.51 14.97 38.81
CA GLY B 678 33.68 16.13 39.20
C GLY B 678 32.24 15.73 39.51
N ALA B 679 31.89 14.50 39.13
CA ALA B 679 30.53 14.01 39.12
C ALA B 679 29.90 14.08 40.50
N ILE B 680 28.60 14.38 40.51
CA ILE B 680 27.76 14.40 41.63
C ILE B 680 26.44 13.80 41.11
N ILE B 681 26.11 12.58 41.52
CA ILE B 681 25.05 11.81 40.89
C ILE B 681 24.08 11.37 41.97
N PRO B 682 22.94 12.07 42.10
CA PRO B 682 21.96 11.56 43.03
C PRO B 682 21.36 10.28 42.50
N ASN B 683 21.11 9.31 43.37
CA ASN B 683 20.50 8.05 42.98
C ASN B 683 19.80 7.43 44.15
N GLN B 684 18.98 6.44 43.84
CA GLN B 684 18.07 5.89 44.84
C GLN B 684 17.80 4.43 44.60
N GLN B 685 17.13 3.82 45.57
CA GLN B 685 16.66 2.42 45.41
C GLN B 685 15.81 2.23 44.13
N VAL B 686 15.85 1.04 43.59
CA VAL B 686 15.07 0.73 42.40
C VAL B 686 13.59 0.53 42.78
N LEU B 687 12.71 1.28 42.13
CA LEU B 687 11.25 1.07 42.24
C LEU B 687 10.75 0.37 40.98
N ASP B 688 9.66 -0.41 41.11
CA ASP B 688 8.99 -0.98 39.93
C ASP B 688 8.41 0.14 39.04
N TYR B 689 8.08 1.29 39.64
CA TYR B 689 7.55 2.44 38.90
C TYR B 689 7.71 3.70 39.74
N VAL B 690 7.57 4.86 39.11
CA VAL B 690 8.15 6.05 39.71
C VAL B 690 7.53 6.55 41.00
N ASP B 691 6.27 6.25 41.26
CA ASP B 691 5.68 6.68 42.57
C ASP B 691 5.22 5.45 43.36
N GLN B 692 5.94 4.34 43.23
CA GLN B 692 5.64 3.15 43.99
C GLN B 692 5.64 3.47 45.49
N GLN B 693 6.67 4.16 45.96
CA GLN B 693 6.71 4.60 47.35
C GLN B 693 7.48 5.89 47.44
N SER B 694 7.33 6.50 48.58
CA SER B 694 8.06 7.68 48.92
C SER B 694 9.55 7.29 49.16
N VAL B 695 10.47 8.14 48.75
CA VAL B 695 11.88 7.84 48.85
C VAL B 695 12.46 8.87 49.82
N THR B 696 12.86 8.36 50.98
CA THR B 696 13.33 9.19 52.10
C THR B 696 14.85 9.33 52.14
N THR B 697 15.58 8.31 51.63
CA THR B 697 17.03 8.39 51.48
C THR B 697 17.42 8.39 50.00
N VAL B 698 18.23 9.37 49.66
CA VAL B 698 18.82 9.58 48.37
C VAL B 698 20.35 9.54 48.48
N ASN B 699 20.98 8.58 47.80
CA ASN B 699 22.45 8.51 47.71
C ASN B 699 22.94 9.61 46.81
N VAL B 700 24.09 10.18 47.12
CA VAL B 700 24.72 11.17 46.24
C VAL B 700 26.16 10.67 46.00
N ASP B 701 26.40 10.03 44.88
CA ASP B 701 27.76 9.59 44.54
C ASP B 701 28.62 10.77 44.03
N ILE B 702 29.77 10.98 44.68
CA ILE B 702 30.60 12.14 44.43
C ILE B 702 32.03 11.76 44.13
N PHE B 703 32.51 12.15 42.94
CA PHE B 703 33.85 11.84 42.47
C PHE B 703 34.61 13.15 42.35
N PRO B 704 35.19 13.66 43.47
CA PRO B 704 35.73 15.02 43.54
C PRO B 704 36.80 15.36 42.51
N SER B 705 36.61 16.51 41.87
CA SER B 705 37.61 17.15 41.00
C SER B 705 38.34 18.25 41.78
N ALA B 706 39.56 18.55 41.36
CA ALA B 706 40.25 19.74 41.85
C ALA B 706 39.51 21.08 41.60
N SER B 707 38.54 21.17 40.69
CA SER B 707 37.71 22.40 40.60
C SER B 707 36.41 22.10 41.25
N GLU B 708 35.73 23.14 41.73
CA GLU B 708 34.42 22.97 42.34
C GLU B 708 33.48 22.55 41.23
N THR B 709 32.72 21.50 41.49
CA THR B 709 31.60 21.10 40.62
C THR B 709 30.32 21.15 41.44
N SER B 710 29.18 21.37 40.82
CA SER B 710 27.93 21.26 41.56
C SER B 710 26.81 20.54 40.78
N PHE B 711 25.80 20.10 41.53
CA PHE B 711 24.56 19.49 41.02
C PHE B 711 23.39 19.99 41.90
N THR B 712 22.28 20.41 41.29
CA THR B 712 21.16 20.95 42.07
C THR B 712 20.08 19.88 42.13
N TYR B 713 19.91 19.27 43.28
CA TYR B 713 18.91 18.21 43.52
C TYR B 713 17.54 18.86 43.41
N TYR B 714 16.56 18.12 42.87
CA TYR B 714 15.24 18.68 42.55
C TYR B 714 14.12 17.69 42.83
N GLU B 715 13.05 18.21 43.48
CA GLU B 715 11.81 17.49 43.65
C GLU B 715 10.64 18.39 43.38
N ASP B 716 9.52 17.78 43.00
CA ASP B 716 8.21 18.43 42.94
C ASP B 716 7.11 17.33 42.90
N ASP B 717 5.84 17.65 42.61
CA ASP B 717 4.83 16.58 42.62
C ASP B 717 4.94 15.52 41.51
N GLY B 718 5.72 15.81 40.46
CA GLY B 718 5.90 14.85 39.35
C GLY B 718 4.71 14.72 38.39
N SER B 719 3.64 15.48 38.64
CA SER B 719 2.36 15.25 37.96
C SER B 719 1.58 16.49 37.57
N SER B 720 1.89 17.66 38.13
CA SER B 720 1.09 18.88 37.88
C SER B 720 1.96 20.01 37.39
N TYR B 721 1.33 21.08 36.93
CA TYR B 721 2.04 22.33 36.63
C TYR B 721 2.19 23.31 37.85
N ASP B 722 2.09 22.81 39.09
CA ASP B 722 2.32 23.64 40.29
C ASP B 722 3.75 24.11 40.34
N TYR B 723 4.69 23.38 39.72
CA TYR B 723 6.08 23.88 39.61
C TYR B 723 6.17 25.24 38.93
N GLU B 724 5.26 25.55 38.02
CA GLU B 724 5.35 26.85 37.32
C GLU B 724 5.15 28.08 38.24
N SER B 725 4.42 27.90 39.35
CA SER B 725 4.23 28.97 40.37
C SER B 725 5.07 28.75 41.67
N GLY B 726 6.29 28.21 41.53
CA GLY B 726 7.25 28.00 42.63
C GLY B 726 7.12 26.74 43.49
N SER B 727 6.17 25.86 43.15
CA SER B 727 5.93 24.71 44.02
C SER B 727 6.88 23.56 43.65
N SER B 728 8.15 23.77 44.02
CA SER B 728 9.15 22.77 43.87
C SER B 728 10.19 22.90 44.98
N PHE B 729 11.09 21.91 45.04
CA PHE B 729 12.20 21.90 46.01
C PHE B 729 13.53 21.73 45.28
N GLU B 730 14.46 22.63 45.58
CA GLU B 730 15.85 22.39 45.19
C GLU B 730 16.87 22.66 46.27
N GLN B 731 18.03 22.04 46.10
CA GLN B 731 19.07 22.07 47.10
C GLN B 731 20.37 21.83 46.36
N ARG B 732 21.25 22.83 46.37
CA ARG B 732 22.49 22.79 45.58
C ARG B 732 23.60 21.95 46.25
N LEU B 733 24.07 20.89 45.61
CA LEU B 733 25.19 20.11 46.16
C LEU B 733 26.46 20.50 45.40
N ALA B 734 27.53 20.80 46.12
CA ALA B 734 28.78 21.24 45.55
C ALA B 734 29.93 20.52 46.20
N ALA B 735 31.01 20.33 45.47
CA ALA B 735 32.13 19.52 45.97
C ALA B 735 33.41 19.91 45.29
N GLN B 736 34.52 19.66 46.00
CA GLN B 736 35.88 20.03 45.56
C GLN B 736 36.88 19.12 46.28
N ASP B 737 37.90 18.71 45.53
CA ASP B 737 39.05 18.01 46.07
C ASP B 737 40.11 19.08 46.34
N LEU B 738 40.62 19.15 47.56
CA LEU B 738 41.59 20.18 47.96
C LEU B 738 42.87 19.40 48.26
N SER B 739 43.93 20.09 48.60
CA SER B 739 45.27 19.48 48.77
C SER B 739 45.27 18.20 49.61
N SER B 740 44.57 18.25 50.76
CA SER B 740 44.50 17.09 51.65
C SER B 740 43.13 16.90 52.34
N SER B 741 42.06 17.28 51.64
CA SER B 741 40.71 16.96 52.09
C SER B 741 39.74 17.05 50.91
N VAL B 742 38.53 16.55 51.14
CA VAL B 742 37.36 16.85 50.27
C VAL B 742 36.36 17.74 51.07
N ARG B 743 36.00 18.86 50.49
CA ARG B 743 34.96 19.72 50.98
C ARG B 743 33.68 19.46 50.11
N VAL B 744 32.53 19.34 50.77
CA VAL B 744 31.25 19.12 50.10
C VAL B 744 30.20 20.03 50.73
N GLU B 745 29.63 20.92 49.95
CA GLU B 745 28.61 21.82 50.47
C GLU B 745 27.23 21.32 50.10
N VAL B 746 26.33 21.25 51.07
CA VAL B 746 24.92 20.97 50.86
C VAL B 746 24.22 22.26 51.28
N GLY B 747 23.84 23.02 50.26
CA GLY B 747 23.15 24.29 50.43
C GLY B 747 21.84 24.10 51.19
N ALA B 748 21.33 25.24 51.60
CA ALA B 748 20.05 25.35 52.23
C ALA B 748 19.03 24.96 51.19
N GLY B 749 17.95 24.33 51.63
CA GLY B 749 16.78 24.07 50.76
C GLY B 749 16.20 25.36 50.18
N SER B 750 15.54 25.29 49.04
CA SER B 750 14.69 26.40 48.61
C SER B 750 13.43 25.85 47.94
N GLY B 751 12.42 26.72 47.88
CA GLY B 751 11.15 26.44 47.20
C GLY B 751 10.11 25.94 48.20
N SER B 752 8.83 26.04 47.85
CA SER B 752 7.75 25.82 48.80
C SER B 752 7.35 24.36 48.92
N TYR B 753 7.79 23.51 48.00
CA TYR B 753 7.30 22.12 48.02
C TYR B 753 8.03 21.43 49.16
N THR B 754 7.37 20.48 49.81
CA THR B 754 7.97 19.73 50.91
C THR B 754 8.38 18.40 50.33
N PRO B 755 9.70 18.17 50.20
CA PRO B 755 10.17 16.96 49.55
C PRO B 755 10.03 15.74 50.46
N ASP B 756 10.03 14.56 49.84
CA ASP B 756 10.00 13.29 50.54
C ASP B 756 11.35 12.90 51.14
N VAL B 757 12.43 13.35 50.49
CA VAL B 757 13.78 13.12 51.01
C VAL B 757 13.99 13.74 52.41
N GLN B 758 14.36 12.89 53.35
CA GLN B 758 14.78 13.29 54.69
C GLN B 758 16.32 13.27 54.90
N HIS B 759 17.05 12.39 54.21
CA HIS B 759 18.51 12.30 54.36
C HIS B 759 19.21 12.06 53.06
N TYR B 760 20.33 12.75 52.83
CA TYR B 760 21.27 12.34 51.76
C TYR B 760 22.35 11.43 52.36
N VAL B 761 22.71 10.37 51.65
CA VAL B 761 23.92 9.63 51.96
C VAL B 761 24.93 10.02 50.89
N LEU B 762 25.92 10.80 51.29
CA LEU B 762 26.96 11.20 50.38
C LEU B 762 27.88 10.01 50.32
N LYS B 763 28.30 9.61 49.12
CA LYS B 763 29.33 8.60 48.98
C LYS B 763 30.47 9.28 48.24
N ILE B 764 31.48 9.67 49.00
CA ILE B 764 32.54 10.50 48.50
C ILE B 764 33.69 9.56 48.15
N HIS B 765 34.02 9.48 46.86
CA HIS B 765 34.96 8.46 46.36
C HIS B 765 36.32 9.07 46.26
N GLY B 766 37.35 8.21 46.27
CA GLY B 766 38.75 8.63 46.19
C GLY B 766 39.42 8.90 47.53
N ARG B 767 38.70 8.81 48.64
CA ARG B 767 39.28 9.03 49.98
C ARG B 767 38.46 8.28 51.01
N ALA B 768 39.15 7.59 51.91
CA ALA B 768 38.51 6.98 53.06
C ALA B 768 38.99 7.83 54.21
N GLY B 769 38.19 8.83 54.59
CA GLY B 769 38.57 9.78 55.63
C GLY B 769 38.82 9.11 56.96
N SER B 770 39.80 9.64 57.69
CA SER B 770 39.94 9.31 59.10
C SER B 770 39.19 10.34 60.00
N ALA B 771 38.79 11.49 59.46
CA ALA B 771 37.98 12.48 60.21
C ALA B 771 36.97 13.12 59.30
N VAL B 772 35.77 13.33 59.81
CA VAL B 772 34.71 14.00 59.06
C VAL B 772 33.97 14.95 59.97
N THR B 773 33.91 16.20 59.55
CA THR B 773 33.13 17.24 60.20
C THR B 773 32.08 17.86 59.26
N ALA B 774 31.08 18.47 59.90
CA ALA B 774 30.00 19.24 59.28
C ALA B 774 29.95 20.57 60.01
N GLY B 775 30.18 21.67 59.29
CA GLY B 775 30.30 22.98 59.93
C GLY B 775 31.32 22.94 61.07
N GLY B 776 32.38 22.12 60.93
CA GLY B 776 33.48 22.03 61.90
C GLY B 776 33.24 21.12 63.10
N SER B 777 32.04 20.58 63.25
CA SER B 777 31.75 19.65 64.35
C SER B 777 31.92 18.26 63.83
N ALA B 778 32.61 17.38 64.56
CA ALA B 778 32.74 15.99 64.15
C ALA B 778 31.34 15.39 64.05
N LEU B 779 31.09 14.63 62.99
CA LEU B 779 29.91 13.74 62.92
C LEU B 779 30.25 12.41 63.58
N THR B 780 29.23 11.73 64.10
CA THR B 780 29.39 10.47 64.79
C THR B 780 29.88 9.38 63.89
N GLY B 781 30.99 8.73 64.25
CA GLY B 781 31.53 7.61 63.47
C GLY B 781 30.73 6.31 63.59
N TYR B 782 30.49 5.63 62.47
CA TYR B 782 29.90 4.31 62.46
C TYR B 782 30.86 3.41 61.76
N GLY B 783 30.74 2.10 61.98
CA GLY B 783 31.79 1.14 61.57
C GLY B 783 31.72 0.69 60.12
N ASP B 784 30.50 0.73 59.60
CA ASP B 784 30.19 0.35 58.24
C ASP B 784 28.93 1.07 57.77
N LEU B 785 28.70 1.01 56.47
CA LEU B 785 27.56 1.68 55.85
C LEU B 785 26.22 1.29 56.49
N GLN B 786 26.03 -0.01 56.76
CA GLN B 786 24.74 -0.52 57.29
C GLN B 786 24.39 0.15 58.62
N ALA B 787 25.37 0.23 59.51
CA ALA B 787 25.20 0.83 60.82
C ALA B 787 24.75 2.29 60.68
N LEU B 788 25.37 2.95 59.69
CA LEU B 788 25.09 4.33 59.32
C LEU B 788 23.68 4.56 58.79
N GLN B 789 23.21 3.66 57.92
CA GLN B 789 21.84 3.75 57.36
C GLN B 789 20.81 3.53 58.49
N ALA B 790 21.13 2.63 59.41
CA ALA B 790 20.26 2.30 60.54
C ALA B 790 20.16 3.44 61.60
N ALA B 791 21.13 4.34 61.66
CA ALA B 791 21.11 5.41 62.66
C ALA B 791 20.20 6.52 62.17
N SER B 792 19.36 7.04 63.05
CA SER B 792 18.66 8.30 62.78
C SER B 792 19.63 9.46 62.98
N GLY B 793 19.37 10.60 62.35
CA GLY B 793 20.28 11.73 62.50
C GLY B 793 21.62 11.43 61.87
N SER B 794 22.52 12.40 61.93
CA SER B 794 23.67 12.39 61.07
C SER B 794 24.83 11.42 61.49
N GLY B 795 25.82 11.28 60.60
CA GLY B 795 26.92 10.34 60.80
C GLY B 795 27.83 10.16 59.58
N TRP B 796 28.95 9.47 59.79
CA TRP B 796 29.84 9.09 58.70
C TRP B 796 30.34 7.68 58.90
N ALA B 797 30.97 7.15 57.87
CA ALA B 797 31.59 5.81 57.91
C ALA B 797 32.52 5.70 56.71
N SER B 798 33.36 4.68 56.67
CA SER B 798 34.27 4.61 55.54
C SER B 798 34.32 3.19 55.05
N GLY B 799 34.82 3.05 53.83
CA GLY B 799 34.81 1.77 53.18
C GLY B 799 35.69 1.72 51.95
N ARG B 800 35.59 0.57 51.32
CA ARG B 800 36.13 0.29 50.04
C ARG B 800 34.94 -0.09 49.12
N ASP B 801 34.92 0.41 47.89
CA ASP B 801 34.03 -0.11 46.83
C ASP B 801 34.86 -0.35 45.54
N ILE B 802 34.21 -0.66 44.44
CA ILE B 802 34.85 -0.93 43.15
C ILE B 802 35.81 0.18 42.73
N TYR B 803 35.49 1.44 43.09
CA TYR B 803 36.27 2.59 42.69
C TYR B 803 37.47 2.82 43.63
N GLY B 804 37.47 2.20 44.80
CA GLY B 804 38.57 2.32 45.75
C GLY B 804 38.02 2.74 47.09
N ASP B 805 38.74 3.65 47.74
CA ASP B 805 38.40 4.19 49.03
C ASP B 805 37.16 5.08 48.93
N VAL B 806 36.26 4.94 49.89
CA VAL B 806 35.05 5.74 49.93
C VAL B 806 34.77 6.20 51.36
N THR B 807 34.22 7.41 51.48
CA THR B 807 33.70 7.92 52.75
C THR B 807 32.18 8.21 52.59
N TYR B 808 31.40 7.73 53.54
CA TYR B 808 29.95 7.81 53.53
C TYR B 808 29.59 8.85 54.52
N VAL B 809 28.66 9.71 54.19
CA VAL B 809 28.24 10.80 55.09
C VAL B 809 26.73 10.97 54.97
N LYS B 810 26.02 10.72 56.06
CA LYS B 810 24.55 10.79 56.11
C LYS B 810 24.13 12.07 56.83
N LEU B 811 23.44 12.97 56.12
CA LEU B 811 23.09 14.30 56.61
C LEU B 811 21.61 14.49 56.45
N PRO B 812 21.00 15.33 57.30
CA PRO B 812 19.59 15.66 57.06
C PRO B 812 19.44 16.48 55.77
N ALA B 813 18.42 16.15 54.96
CA ALA B 813 18.08 16.93 53.76
C ALA B 813 17.16 18.07 54.13
N ALA B 814 17.00 19.02 53.22
CA ALA B 814 15.99 20.06 53.37
C ALA B 814 16.06 20.83 54.66
N SER B 815 17.28 21.09 55.14
CA SER B 815 17.49 21.99 56.26
C SER B 815 17.44 23.41 55.69
N GLY B 816 17.14 24.39 56.56
CA GLY B 816 17.14 25.80 56.18
C GLY B 816 18.55 26.42 56.18
N SER B 817 19.54 25.63 56.58
CA SER B 817 20.92 26.10 56.61
C SER B 817 21.84 25.20 55.79
N ALA B 818 22.75 25.86 55.08
CA ALA B 818 23.90 25.23 54.48
C ALA B 818 24.70 24.37 55.50
N THR B 819 25.47 23.44 54.97
CA THR B 819 26.34 22.57 55.76
C THR B 819 27.56 22.40 54.90
N VAL B 820 28.74 22.64 55.45
CA VAL B 820 29.98 22.26 54.77
C VAL B 820 30.49 20.94 55.41
N VAL B 821 30.76 19.94 54.58
CA VAL B 821 31.36 18.68 55.01
C VAL B 821 32.83 18.71 54.60
N GLU B 822 33.70 18.33 55.53
CA GLU B 822 35.12 18.31 55.27
C GLU B 822 35.54 16.92 55.67
N VAL B 823 36.05 16.15 54.68
CA VAL B 823 36.57 14.82 54.90
C VAL B 823 38.08 14.91 54.85
N SER B 824 38.77 14.56 55.94
CA SER B 824 40.24 14.67 55.97
C SER B 824 40.87 13.36 56.42
N GLY B 825 42.13 13.20 56.04
CA GLY B 825 42.93 12.07 56.45
C GLY B 825 42.67 10.90 55.53
N SER B 826 43.38 9.82 55.77
CA SER B 826 43.28 8.65 54.94
C SER B 826 43.51 7.46 55.84
N ALA B 827 42.47 6.66 56.08
CA ALA B 827 42.57 5.37 56.78
C ALA B 827 41.89 4.32 55.91
N PRO B 828 42.58 3.89 54.83
CA PRO B 828 41.97 2.87 53.94
C PRO B 828 41.39 1.69 54.73
N SER B 829 40.26 1.14 54.28
CA SER B 829 39.65 0.00 54.93
C SER B 829 40.48 -1.21 54.67
N ALA B 830 40.43 -2.11 55.65
CA ALA B 830 41.11 -3.41 55.59
C ALA B 830 40.19 -4.51 55.02
N ALA B 831 38.91 -4.19 54.86
CA ALA B 831 37.96 -5.19 54.34
C ALA B 831 38.41 -5.82 53.01
N THR B 832 38.26 -7.14 52.88
CA THR B 832 38.58 -7.89 51.65
C THR B 832 37.35 -8.13 50.74
N HIS B 833 36.15 -7.87 51.27
CA HIS B 833 34.88 -8.21 50.64
C HIS B 833 33.91 -7.06 50.70
N ALA B 834 33.20 -6.89 49.60
CA ALA B 834 32.00 -6.11 49.58
C ALA B 834 30.88 -6.96 50.12
N ILE B 835 29.97 -6.31 50.82
CA ILE B 835 28.84 -6.98 51.41
C ILE B 835 27.55 -6.46 50.73
N TYR B 836 26.71 -7.36 50.23
CA TYR B 836 25.44 -7.00 49.70
C TYR B 836 24.30 -7.64 50.52
N GLU B 837 23.58 -6.76 51.21
CA GLU B 837 22.41 -7.17 51.96
C GLU B 837 21.27 -7.57 50.99
N VAL B 838 20.87 -8.85 50.96
CA VAL B 838 19.90 -9.32 49.95
C VAL B 838 18.45 -8.78 50.16
N GLU B 839 18.08 -8.41 51.37
CA GLU B 839 16.82 -7.65 51.57
C GLU B 839 16.73 -6.35 50.76
N ASP B 840 17.87 -5.79 50.37
CA ASP B 840 17.91 -4.64 49.45
C ASP B 840 17.97 -5.00 47.97
N ALA B 841 18.05 -6.26 47.59
CA ALA B 841 18.28 -6.60 46.20
C ALA B 841 16.94 -6.86 45.51
N SER B 842 16.96 -7.47 44.32
CA SER B 842 15.76 -7.64 43.49
C SER B 842 15.12 -9.01 43.74
N ARG B 843 13.90 -8.97 44.24
CA ARG B 843 13.15 -10.16 44.55
C ARG B 843 12.14 -10.44 43.44
N SER B 844 12.05 -11.72 43.04
CA SER B 844 11.20 -12.10 41.94
C SER B 844 10.64 -13.47 42.20
N GLY B 845 9.72 -13.87 41.32
CA GLY B 845 9.15 -15.18 41.31
C GLY B 845 8.26 -15.37 40.09
N ALA B 846 7.51 -16.47 40.10
CA ALA B 846 6.66 -16.83 39.00
C ALA B 846 5.45 -15.90 38.78
N THR B 847 4.92 -15.31 39.83
CA THR B 847 3.78 -14.40 39.70
C THR B 847 4.03 -13.23 40.65
N PRO B 848 3.27 -12.14 40.48
CA PRO B 848 3.42 -10.97 41.36
C PRO B 848 3.30 -11.22 42.89
N THR B 849 2.56 -12.25 43.31
CA THR B 849 2.34 -12.47 44.76
C THR B 849 3.09 -13.68 45.33
N THR B 850 3.84 -14.37 44.45
CA THR B 850 4.74 -15.45 44.85
C THR B 850 6.25 -15.10 44.68
N ARG B 851 6.58 -13.81 44.86
CA ARG B 851 7.97 -13.36 44.85
C ARG B 851 8.59 -13.60 46.22
N ALA B 852 9.90 -13.69 46.23
CA ALA B 852 10.59 -13.75 47.49
C ALA B 852 10.27 -12.54 48.31
N GLY B 853 10.48 -12.66 49.61
CA GLY B 853 10.03 -11.64 50.56
C GLY B 853 11.16 -11.05 51.38
N ILE B 854 10.84 -9.99 52.13
CA ILE B 854 11.70 -9.39 53.16
C ILE B 854 11.09 -9.75 54.51
N ASN B 855 11.95 -9.93 55.52
CA ASN B 855 11.45 -10.20 56.88
C ASN B 855 12.48 -9.97 57.98
N THR B 856 11.96 -10.00 59.20
CA THR B 856 12.73 -9.70 60.39
C THR B 856 12.31 -10.55 61.61
N ASN B 857 11.62 -11.64 61.36
CA ASN B 857 11.00 -12.41 62.43
C ASN B 857 11.87 -13.57 62.97
N HIS B 858 13.17 -13.57 62.65
CA HIS B 858 14.17 -14.38 63.38
C HIS B 858 15.33 -13.44 63.65
N SER B 859 16.08 -13.64 64.71
CA SER B 859 17.22 -12.73 64.99
C SER B 859 18.51 -13.29 64.40
N GLY B 860 19.60 -12.53 64.57
CA GLY B 860 20.92 -12.87 64.06
C GLY B 860 21.24 -12.34 62.66
N TYR B 861 20.32 -11.61 62.05
CA TYR B 861 20.55 -11.09 60.68
C TYR B 861 21.36 -9.80 60.71
N SER B 862 22.18 -9.63 59.69
CA SER B 862 22.88 -8.37 59.40
C SER B 862 21.99 -7.48 58.55
N GLY B 863 22.21 -6.18 58.68
CA GLY B 863 21.41 -5.17 57.98
C GLY B 863 20.02 -4.95 58.57
N SER B 864 19.12 -4.48 57.68
CA SER B 864 17.70 -4.25 57.98
C SER B 864 16.88 -5.53 57.99
N GLY B 865 17.38 -6.60 57.39
CA GLY B 865 16.64 -7.87 57.41
C GLY B 865 17.31 -9.00 56.66
N PHE B 866 16.44 -9.83 56.05
CA PHE B 866 16.81 -11.00 55.27
C PHE B 866 15.67 -11.41 54.31
N VAL B 867 15.96 -12.29 53.39
CA VAL B 867 15.02 -12.66 52.37
C VAL B 867 14.47 -14.01 52.71
N ASP B 868 13.15 -14.13 52.59
CA ASP B 868 12.42 -15.34 52.83
C ASP B 868 11.42 -15.57 51.67
N LYS B 869 10.41 -16.40 51.94
CA LYS B 869 9.50 -16.96 50.94
C LYS B 869 10.27 -17.47 49.75
N LEU B 870 11.43 -18.05 50.00
CA LEU B 870 12.14 -18.79 48.95
C LEU B 870 11.65 -20.26 48.94
N ASP B 871 10.34 -20.41 49.14
CA ASP B 871 9.69 -21.72 49.31
C ASP B 871 8.48 -21.93 48.37
N VAL B 872 8.38 -21.16 47.28
CA VAL B 872 7.44 -21.40 46.17
C VAL B 872 8.31 -21.45 44.93
N PRO B 873 8.12 -22.44 44.06
CA PRO B 873 9.03 -22.59 42.92
C PRO B 873 9.20 -21.31 42.12
N GLY B 874 10.40 -21.11 41.61
CA GLY B 874 10.69 -19.93 40.82
C GLY B 874 11.00 -18.71 41.63
N ALA B 875 10.79 -18.74 42.96
CA ALA B 875 11.13 -17.58 43.79
C ALA B 875 12.65 -17.37 43.81
N ALA B 876 13.08 -16.11 43.80
CA ALA B 876 14.49 -15.76 43.66
C ALA B 876 14.83 -14.35 44.12
N VAL B 877 16.13 -14.14 44.35
CA VAL B 877 16.72 -12.85 44.68
C VAL B 877 18.00 -12.74 43.88
N THR B 878 18.17 -11.55 43.31
CA THR B 878 19.19 -11.24 42.35
C THR B 878 20.03 -10.03 42.80
N VAL B 879 21.35 -10.24 42.90
CA VAL B 879 22.26 -9.18 43.29
C VAL B 879 23.04 -8.74 42.06
N TYR B 880 23.24 -7.41 41.96
CA TYR B 880 24.10 -6.78 40.97
C TYR B 880 25.42 -6.38 41.64
N ALA B 881 26.46 -7.14 41.33
CA ALA B 881 27.76 -6.95 41.92
C ALA B 881 28.79 -6.69 40.84
N ASN B 882 29.59 -5.65 41.07
CA ASN B 882 30.62 -5.23 40.12
C ASN B 882 31.93 -5.92 40.44
N ALA B 883 32.61 -6.42 39.41
CA ALA B 883 33.96 -6.97 39.54
C ALA B 883 34.94 -6.14 38.70
N PRO B 884 36.17 -5.90 39.23
CA PRO B 884 37.14 -5.06 38.47
C PRO B 884 37.73 -5.75 37.25
N VAL B 885 37.83 -7.08 37.32
CA VAL B 885 38.30 -7.94 36.22
C VAL B 885 37.53 -9.25 36.24
N SER B 886 37.69 -10.02 35.16
CA SER B 886 37.03 -11.30 35.06
C SER B 886 37.82 -12.30 35.93
N GLY B 887 37.15 -13.35 36.42
CA GLY B 887 37.85 -14.35 37.18
C GLY B 887 37.06 -15.03 38.27
N ASP B 888 37.79 -15.73 39.13
CA ASP B 888 37.24 -16.59 40.14
C ASP B 888 37.01 -15.72 41.37
N TYR B 889 35.78 -15.57 41.79
CA TYR B 889 35.50 -14.86 43.06
C TYR B 889 34.76 -15.81 44.02
N PRO B 890 35.42 -16.31 45.12
CA PRO B 890 34.65 -17.08 46.12
C PRO B 890 33.68 -16.18 46.83
N VAL B 891 32.39 -16.39 46.59
CA VAL B 891 31.37 -15.51 47.10
C VAL B 891 30.69 -16.22 48.29
N GLU B 892 30.60 -15.51 49.39
CA GLU B 892 30.04 -16.06 50.63
C GLU B 892 28.56 -15.76 50.61
N LEU B 893 27.75 -16.78 50.91
CA LEU B 893 26.31 -16.64 51.02
C LEU B 893 25.97 -16.86 52.48
N ARG B 894 25.36 -15.89 53.10
CA ARG B 894 24.95 -15.98 54.51
C ARG B 894 23.48 -16.36 54.53
N TYR B 895 23.19 -17.48 55.17
CA TYR B 895 21.85 -18.05 55.14
C TYR B 895 21.48 -18.67 56.48
N ALA B 896 20.20 -19.02 56.61
CA ALA B 896 19.66 -19.77 57.77
C ALA B 896 18.78 -20.93 57.30
N ASN B 897 18.88 -22.08 57.97
CA ASN B 897 18.14 -23.27 57.62
C ASN B 897 17.78 -23.99 58.87
N GLY B 898 16.62 -23.62 59.41
CA GLY B 898 16.07 -24.23 60.63
C GLY B 898 15.23 -25.46 60.40
N SER B 899 15.41 -26.15 59.27
CA SER B 899 14.51 -27.25 58.85
C SER B 899 14.92 -28.59 59.45
N GLY B 900 16.17 -28.73 59.89
CA GLY B 900 16.67 -30.01 60.38
C GLY B 900 17.51 -30.79 59.36
N SER B 901 17.40 -30.42 58.09
CA SER B 901 18.17 -31.10 57.05
C SER B 901 18.60 -30.16 55.94
N ALA B 902 19.55 -30.65 55.15
CA ALA B 902 20.06 -29.96 53.99
C ALA B 902 18.92 -29.50 53.08
N LYS B 903 19.04 -28.27 52.58
CA LYS B 903 18.10 -27.70 51.60
C LYS B 903 18.88 -27.19 50.42
N THR B 904 18.31 -27.26 49.22
CA THR B 904 19.01 -26.84 47.98
C THR B 904 18.43 -25.54 47.32
N LEU B 905 19.31 -24.82 46.65
CA LEU B 905 19.02 -23.61 45.93
C LEU B 905 20.02 -23.54 44.75
N SER B 906 19.57 -22.97 43.62
CA SER B 906 20.46 -22.78 42.46
C SER B 906 21.15 -21.44 42.56
N VAL B 907 22.45 -21.38 42.20
CA VAL B 907 23.08 -20.09 41.96
C VAL B 907 23.30 -19.86 40.46
N TYR B 908 22.80 -18.75 39.94
CA TYR B 908 22.98 -18.39 38.52
C TYR B 908 23.88 -17.17 38.45
N VAL B 909 24.83 -17.19 37.54
CA VAL B 909 25.70 -16.06 37.31
C VAL B 909 25.60 -15.72 35.85
N ASN B 910 25.09 -14.52 35.60
CA ASN B 910 24.96 -13.96 34.24
C ASN B 910 24.11 -14.81 33.35
N ALA B 911 22.99 -15.26 33.93
CA ALA B 911 21.99 -16.15 33.30
C ALA B 911 22.43 -17.60 32.96
N ALA B 912 23.61 -18.00 33.43
CA ALA B 912 24.06 -19.40 33.44
C ALA B 912 23.89 -20.02 34.82
N ARG B 913 23.30 -21.21 34.85
CA ARG B 913 23.28 -22.05 36.05
C ARG B 913 24.69 -22.54 36.43
N VAL B 914 25.22 -22.06 37.55
CA VAL B 914 26.60 -22.33 37.96
C VAL B 914 26.65 -23.56 38.87
N GLN B 915 25.75 -23.63 39.82
CA GLN B 915 25.79 -24.69 40.76
C GLN B 915 24.53 -24.77 41.58
N GLN B 916 24.18 -26.00 41.96
CA GLN B 916 23.22 -26.27 43.02
C GLN B 916 23.98 -26.20 44.31
N LEU B 917 23.55 -25.29 45.19
CA LEU B 917 24.12 -25.18 46.54
C LEU B 917 23.46 -26.19 47.47
N SER B 918 24.25 -26.86 48.30
CA SER B 918 23.68 -27.67 49.40
C SER B 918 23.86 -26.91 50.70
N LEU B 919 22.77 -26.46 51.29
CA LEU B 919 22.84 -25.63 52.48
C LEU B 919 22.47 -26.43 53.73
N ALA B 920 23.47 -26.64 54.59
CA ALA B 920 23.34 -27.51 55.74
C ALA B 920 22.47 -26.87 56.81
N ASP B 921 21.89 -27.75 57.62
CA ASP B 921 21.12 -27.39 58.78
C ASP B 921 21.93 -26.40 59.59
N THR B 922 21.31 -25.29 60.01
CA THR B 922 21.95 -24.31 60.90
C THR B 922 21.41 -24.39 62.34
N GLY B 923 20.49 -25.32 62.61
CA GLY B 923 19.99 -25.59 63.96
C GLY B 923 18.71 -24.88 64.29
N ALA B 924 18.56 -23.64 63.82
CA ALA B 924 17.34 -22.84 64.12
C ALA B 924 17.26 -21.73 63.11
N TRP B 925 16.10 -21.17 62.95
CA TRP B 925 15.96 -20.08 62.01
C TRP B 925 16.71 -18.81 62.44
N SER B 926 17.05 -18.70 63.72
CA SER B 926 17.84 -17.57 64.21
C SER B 926 19.33 -17.82 64.28
N GLN B 927 19.81 -18.90 63.65
CA GLN B 927 21.24 -19.21 63.63
C GLN B 927 21.69 -19.27 62.17
N TRP B 928 22.69 -18.50 61.84
CA TRP B 928 23.00 -18.27 60.46
C TRP B 928 24.34 -18.90 60.12
N GLY B 929 24.44 -19.59 58.99
CA GLY B 929 25.70 -20.17 58.52
C GLY B 929 26.21 -19.50 57.25
N THR B 930 27.28 -20.04 56.68
CA THR B 930 27.98 -19.39 55.56
C THR B 930 28.35 -20.47 54.59
N GLN B 931 28.05 -20.28 53.32
CA GLN B 931 28.50 -21.19 52.28
C GLN B 931 29.16 -20.40 51.17
N THR B 932 30.42 -20.70 50.89
CA THR B 932 31.25 -20.04 49.90
C THR B 932 31.35 -20.88 48.62
N THR B 933 31.06 -20.25 47.49
CA THR B 933 31.14 -20.90 46.21
C THR B 933 31.92 -20.02 45.28
N THR B 934 32.86 -20.63 44.58
CA THR B 934 33.60 -19.88 43.60
C THR B 934 32.74 -19.62 42.40
N LEU B 935 32.48 -18.33 42.12
CA LEU B 935 31.65 -17.87 40.98
C LEU B 935 32.49 -17.31 39.78
N PRO B 936 32.10 -17.56 38.52
CA PRO B 936 32.83 -17.00 37.39
C PRO B 936 32.34 -15.63 37.03
N LEU B 937 32.90 -14.61 37.67
CA LEU B 937 32.47 -13.22 37.38
C LEU B 937 33.22 -12.67 36.16
N THR B 938 32.51 -11.83 35.41
CA THR B 938 33.10 -11.08 34.31
C THR B 938 33.43 -9.64 34.75
N ALA B 939 34.43 -9.06 34.09
CA ALA B 939 34.75 -7.63 34.34
C ALA B 939 33.48 -6.72 34.25
N GLY B 940 33.16 -6.02 35.31
CA GLY B 940 32.05 -5.07 35.28
C GLY B 940 30.88 -5.64 36.04
N GLN B 941 29.68 -5.42 35.52
CA GLN B 941 28.50 -5.82 36.24
C GLN B 941 28.29 -7.32 36.11
N ASN B 942 27.95 -7.96 37.24
CA ASN B 942 27.54 -9.37 37.28
C ASN B 942 26.14 -9.47 37.88
N ILE B 943 25.42 -10.47 37.39
CA ILE B 943 24.05 -10.79 37.79
C ILE B 943 24.11 -12.15 38.49
N ILE B 944 24.05 -12.09 39.81
CA ILE B 944 24.16 -13.23 40.70
C ILE B 944 22.77 -13.51 41.29
N THR B 945 22.21 -14.66 40.94
CA THR B 945 20.84 -15.00 41.33
C THR B 945 20.80 -16.30 42.11
N TYR B 946 20.07 -16.26 43.24
CA TYR B 946 19.85 -17.40 44.11
C TYR B 946 18.36 -17.69 44.02
N LYS B 947 18.04 -18.90 43.54
CA LYS B 947 16.69 -19.22 43.09
C LYS B 947 16.29 -20.62 43.53
N TYR B 948 15.01 -20.74 43.87
CA TYR B 948 14.34 -22.01 44.03
C TYR B 948 13.94 -22.49 42.64
N ASP B 949 14.82 -23.30 42.03
CA ASP B 949 14.51 -23.88 40.74
C ASP B 949 13.99 -25.29 40.93
N SER B 950 12.67 -25.41 41.01
CA SER B 950 12.03 -26.70 41.26
C SER B 950 12.38 -27.79 40.21
N ASP B 951 12.42 -27.39 38.95
CA ASP B 951 12.60 -28.35 37.86
C ASP B 951 14.02 -28.90 37.88
N ALA B 952 14.94 -28.11 38.42
CA ALA B 952 16.32 -28.54 38.60
C ALA B 952 16.54 -29.49 39.80
N GLY B 953 15.50 -29.72 40.60
CA GLY B 953 15.60 -30.62 41.76
C GLY B 953 15.92 -29.87 43.04
N ASP B 954 15.75 -28.55 43.05
CA ASP B 954 15.99 -27.73 44.23
C ASP B 954 14.77 -27.94 45.13
N THR B 955 15.01 -27.90 46.43
CA THR B 955 13.95 -27.89 47.46
C THR B 955 13.41 -26.51 47.84
N GLY B 956 14.24 -25.47 47.73
CA GLY B 956 13.97 -24.20 48.39
C GLY B 956 14.02 -24.30 49.90
N GLY B 957 13.47 -23.30 50.58
CA GLY B 957 13.32 -23.34 52.01
C GLY B 957 14.45 -22.95 52.96
N VAL B 958 15.23 -21.94 52.58
CA VAL B 958 16.21 -21.30 53.46
C VAL B 958 15.95 -19.79 53.45
N ASN B 959 16.48 -19.06 54.42
CA ASN B 959 16.44 -17.62 54.35
C ASN B 959 17.84 -17.17 54.04
N LEU B 960 17.97 -16.06 53.32
CA LEU B 960 19.26 -15.51 52.92
C LEU B 960 19.46 -14.13 53.55
N ASP B 961 20.61 -13.91 54.16
CA ASP B 961 20.89 -12.64 54.84
C ASP B 961 21.66 -11.64 53.97
N TYR B 962 22.72 -12.13 53.31
CA TYR B 962 23.64 -11.34 52.51
C TYR B 962 24.63 -12.17 51.69
N ILE B 963 25.34 -11.51 50.78
CA ILE B 963 26.54 -12.10 50.22
C ILE B 963 27.72 -11.20 50.41
N ARG B 964 28.88 -11.84 50.46
CA ARG B 964 30.15 -11.16 50.50
C ARG B 964 30.92 -11.58 49.27
N VAL B 965 31.27 -10.58 48.44
CA VAL B 965 32.00 -10.76 47.21
C VAL B 965 33.34 -10.09 47.43
N PRO B 966 34.43 -10.81 47.19
CA PRO B 966 35.73 -10.23 47.37
C PRO B 966 36.08 -9.15 46.33
N PHE B 967 36.78 -8.10 46.77
CA PHE B 967 37.21 -7.01 45.91
C PHE B 967 38.18 -7.41 44.81
N ALA B 968 38.91 -8.51 45.02
CA ALA B 968 39.86 -9.07 44.05
C ALA B 968 39.55 -10.52 43.92
N PRO B 969 39.74 -11.10 42.74
CA PRO B 969 39.55 -12.54 42.55
C PRO B 969 40.76 -13.34 43.06
N THR B 970 40.60 -14.64 43.31
CA THR B 970 41.77 -15.50 43.65
C THR B 970 42.69 -15.60 42.41
N GLN B 971 42.08 -15.55 41.23
CA GLN B 971 42.80 -15.48 39.97
C GLN B 971 41.95 -14.85 38.87
N ALA B 972 42.63 -14.21 37.92
CA ALA B 972 42.01 -13.39 36.87
C ALA B 972 42.20 -14.01 35.49
N GLU B 973 41.29 -13.64 34.60
CA GLU B 973 41.30 -14.10 33.23
C GLU B 973 40.92 -12.96 32.31
N TYR B 974 41.51 -13.00 31.12
CA TYR B 974 41.40 -11.96 30.10
C TYR B 974 41.24 -12.68 28.77
N ALA B 975 40.10 -12.49 28.09
CA ALA B 975 39.87 -13.20 26.85
C ALA B 975 40.77 -12.63 25.72
N ALA B 976 41.48 -13.51 25.03
CA ALA B 976 42.29 -13.10 23.89
C ALA B 976 41.43 -12.38 22.85
N GLU B 977 40.21 -12.86 22.61
CA GLU B 977 39.35 -12.23 21.62
C GLU B 977 38.92 -10.79 21.93
N SER B 978 39.01 -10.39 23.20
CA SER B 978 38.66 -9.03 23.60
C SER B 978 39.90 -8.15 23.76
N ALA B 979 41.07 -8.72 23.48
CA ALA B 979 42.31 -7.96 23.61
C ALA B 979 42.49 -7.03 22.42
N LYS B 980 43.46 -6.12 22.44
CA LYS B 980 43.78 -5.26 21.22
C LYS B 980 44.60 -6.14 20.22
N LEU B 981 44.10 -6.25 19.01
CA LEU B 981 44.66 -7.07 18.00
C LEU B 981 45.26 -6.17 16.92
N TRP B 982 46.50 -6.45 16.54
CA TRP B 982 47.23 -5.67 15.55
CA TRP B 982 47.22 -5.67 15.54
C TRP B 982 47.88 -6.65 14.60
N GLY B 983 48.35 -6.15 13.47
CA GLY B 983 49.17 -6.91 12.55
C GLY B 983 48.55 -8.11 11.90
N GLY B 984 47.22 -8.15 11.86
CA GLY B 984 46.52 -9.23 11.17
C GLY B 984 45.94 -10.28 12.09
N ALA B 985 46.31 -10.23 13.36
CA ALA B 985 45.62 -10.99 14.38
C ALA B 985 44.12 -10.69 14.34
N GLY B 986 43.28 -11.73 14.42
CA GLY B 986 41.83 -11.55 14.51
C GLY B 986 41.13 -12.65 15.30
N THR B 987 39.80 -12.57 15.38
CA THR B 987 39.02 -13.54 16.12
C THR B 987 38.42 -14.55 15.17
N SER B 988 38.03 -15.70 15.70
CA SER B 988 37.59 -16.80 14.86
C SER B 988 36.85 -17.79 15.70
N GLN B 989 35.96 -18.54 15.09
CA GLN B 989 35.28 -19.65 15.78
C GLN B 989 35.54 -20.94 15.00
N ASP B 990 36.63 -21.03 14.22
CA ASP B 990 36.75 -22.12 13.20
C ASP B 990 37.44 -23.42 13.68
N HIS B 991 37.79 -23.51 14.97
CA HIS B 991 38.32 -24.71 15.62
C HIS B 991 37.55 -24.90 16.93
N TRP B 992 37.62 -26.10 17.50
CA TRP B 992 36.74 -26.47 18.62
C TRP B 992 37.44 -26.28 19.96
N PHE B 993 36.67 -26.27 21.05
CA PHE B 993 37.13 -26.22 22.44
C PHE B 993 37.79 -24.90 22.91
N TYR B 994 37.52 -23.82 22.20
CA TYR B 994 37.92 -22.52 22.74
C TYR B 994 36.97 -22.21 23.94
N LYS B 995 37.40 -21.34 24.84
CA LYS B 995 36.57 -20.77 25.92
C LYS B 995 36.09 -19.43 25.49
N GLY B 996 35.05 -18.92 26.13
CA GLY B 996 34.47 -17.65 25.74
C GLY B 996 33.80 -17.73 24.40
N ALA B 997 33.56 -16.58 23.78
CA ALA B 997 32.81 -16.54 22.53
C ALA B 997 33.67 -16.79 21.31
N ALA B 998 35.00 -16.75 21.47
CA ALA B 998 35.87 -16.99 20.34
C ALA B 998 37.30 -17.21 20.79
N PHE B 999 38.19 -17.31 19.82
CA PHE B 999 39.64 -17.26 20.06
C PHE B 999 40.32 -16.39 19.02
N VAL B 1000 41.64 -16.23 19.13
CA VAL B 1000 42.42 -15.39 18.25
C VAL B 1000 43.32 -16.24 17.33
N ASP B 1001 43.28 -15.94 16.04
CA ASP B 1001 44.16 -16.60 15.06
C ASP B 1001 44.89 -15.57 14.21
N ASN B 1002 45.47 -16.00 13.09
CA ASN B 1002 46.23 -15.16 12.18
C ASN B 1002 47.36 -14.46 12.87
N LEU B 1003 48.06 -15.17 13.74
CA LEU B 1003 49.35 -14.66 14.25
C LEU B 1003 50.47 -15.11 13.27
N THR B 1004 50.26 -14.81 11.99
CA THR B 1004 51.07 -15.29 10.87
C THR B 1004 51.98 -14.16 10.39
N GLY B 1005 51.43 -12.96 10.21
CA GLY B 1005 52.26 -11.83 9.79
C GLY B 1005 53.24 -11.28 10.82
N VAL B 1006 54.25 -10.56 10.33
CA VAL B 1006 55.21 -9.90 11.18
C VAL B 1006 54.53 -8.69 11.80
N GLY B 1007 54.61 -8.59 13.11
CA GLY B 1007 53.87 -7.56 13.86
C GLY B 1007 52.52 -8.03 14.42
N ALA B 1008 52.09 -9.24 14.04
CA ALA B 1008 50.83 -9.81 14.52
C ALA B 1008 50.88 -9.90 16.03
N GLU B 1009 49.83 -9.40 16.71
CA GLU B 1009 49.86 -9.12 18.13
C GLU B 1009 48.48 -9.25 18.82
N ALA B 1010 48.40 -9.89 19.98
CA ALA B 1010 47.27 -9.73 20.88
C ALA B 1010 47.82 -9.05 22.12
N SER B 1011 47.21 -7.94 22.53
CA SER B 1011 47.71 -7.18 23.67
C SER B 1011 46.65 -6.99 24.80
N PHE B 1012 46.97 -7.52 25.97
CA PHE B 1012 46.05 -7.57 27.07
C PHE B 1012 46.34 -6.39 27.99
N ASP B 1013 45.29 -5.88 28.62
CA ASP B 1013 45.41 -4.89 29.64
C ASP B 1013 45.07 -5.61 30.93
N VAL B 1014 46.10 -5.82 31.75
CA VAL B 1014 46.05 -6.63 32.96
C VAL B 1014 46.28 -5.73 34.18
N TYR B 1015 45.46 -5.93 35.20
CA TYR B 1015 45.49 -5.13 36.41
C TYR B 1015 46.17 -5.87 37.56
N ALA B 1016 46.96 -5.13 38.34
CA ALA B 1016 47.57 -5.68 39.54
C ALA B 1016 47.40 -4.75 40.77
N PRO B 1017 47.23 -5.36 41.97
CA PRO B 1017 47.08 -4.57 43.21
C PRO B 1017 48.40 -3.91 43.66
N SER B 1018 49.50 -4.65 43.51
CA SER B 1018 50.84 -4.19 43.91
C SER B 1018 51.92 -4.72 42.96
N ALA B 1019 53.04 -4.01 42.96
CA ALA B 1019 54.17 -4.39 42.15
C ALA B 1019 54.70 -5.68 42.68
N GLY B 1020 55.28 -6.49 41.78
CA GLY B 1020 55.66 -7.85 42.14
C GLY B 1020 55.64 -8.82 40.99
N THR B 1021 56.06 -10.05 41.30
CA THR B 1021 56.06 -11.13 40.37
C THR B 1021 54.71 -11.84 40.40
N TYR B 1022 54.13 -12.06 39.23
CA TYR B 1022 52.80 -12.72 39.08
C TYR B 1022 52.92 -13.88 38.14
N ASN B 1023 52.12 -14.91 38.36
CA ASN B 1023 52.10 -16.04 37.46
C ASN B 1023 51.10 -15.78 36.36
N LEU B 1024 51.53 -16.09 35.13
CA LEU B 1024 50.68 -16.08 33.95
C LEU B 1024 50.48 -17.50 33.48
N SER B 1025 49.33 -17.76 32.87
CA SER B 1025 49.08 -18.99 32.14
C SER B 1025 48.31 -18.63 30.89
N LEU B 1026 48.92 -18.83 29.73
CA LEU B 1026 48.32 -18.49 28.45
C LEU B 1026 47.78 -19.73 27.78
N ARG B 1027 46.49 -19.73 27.41
CA ARG B 1027 45.84 -20.89 26.78
C ARG B 1027 45.99 -20.72 25.30
N TYR B 1028 46.52 -21.74 24.62
CA TYR B 1028 46.89 -21.67 23.19
C TYR B 1028 46.74 -23.03 22.50
N ALA B 1029 46.53 -23.00 21.21
CA ALA B 1029 46.54 -24.20 20.39
C ALA B 1029 47.73 -24.12 19.42
N ASN B 1030 48.34 -25.26 19.12
CA ASN B 1030 49.41 -25.37 18.13
C ASN B 1030 49.28 -26.68 17.41
N GLY B 1031 48.53 -26.65 16.33
CA GLY B 1031 48.33 -27.82 15.46
C GLY B 1031 49.29 -27.94 14.26
N THR B 1032 50.47 -27.33 14.34
CA THR B 1032 51.47 -27.50 13.26
C THR B 1032 52.31 -28.77 13.43
N GLY B 1033 52.32 -29.39 14.59
CA GLY B 1033 53.12 -30.58 14.80
C GLY B 1033 54.58 -30.28 15.13
N SER B 1034 54.95 -29.02 15.27
CA SER B 1034 56.21 -28.72 15.92
C SER B 1034 56.12 -27.40 16.67
N THR B 1035 57.20 -27.11 17.38
CA THR B 1035 57.29 -25.96 18.25
C THR B 1035 57.28 -24.62 17.52
N LYS B 1036 56.48 -23.71 18.03
CA LYS B 1036 56.40 -22.36 17.48
C LYS B 1036 56.70 -21.39 18.56
N THR B 1037 57.12 -20.20 18.16
CA THR B 1037 57.48 -19.12 19.09
C THR B 1037 56.66 -17.83 18.91
N LEU B 1038 56.60 -17.07 19.99
CA LEU B 1038 56.08 -15.70 20.00
C LEU B 1038 56.93 -14.93 20.97
N SER B 1039 56.87 -13.62 20.90
CA SER B 1039 57.52 -12.80 21.91
C SER B 1039 56.51 -12.16 22.88
N ALA B 1040 56.87 -12.18 24.16
CA ALA B 1040 56.16 -11.51 25.25
C ALA B 1040 56.76 -10.13 25.53
N ILE B 1041 55.94 -9.09 25.53
CA ILE B 1041 56.39 -7.73 25.87
C ILE B 1041 55.54 -7.27 27.05
N VAL B 1042 56.21 -7.01 28.18
CA VAL B 1042 55.57 -6.55 29.40
C VAL B 1042 55.87 -5.07 29.62
N ASN B 1043 54.81 -4.27 29.62
CA ASN B 1043 54.89 -2.81 29.80
C ASN B 1043 55.94 -2.16 28.89
N GLY B 1044 55.97 -2.60 27.64
CA GLY B 1044 56.94 -2.11 26.65
C GLY B 1044 58.41 -2.46 26.89
N GLY B 1045 58.69 -3.42 27.76
CA GLY B 1045 60.07 -3.82 28.05
C GLY B 1045 60.65 -4.68 26.94
N ALA B 1046 61.78 -5.31 27.21
CA ALA B 1046 62.45 -6.11 26.20
C ALA B 1046 61.66 -7.38 25.95
N ALA B 1047 61.55 -7.79 24.69
CA ALA B 1047 60.95 -9.09 24.33
C ALA B 1047 61.65 -10.29 25.00
N SER B 1048 60.85 -11.17 25.59
CA SER B 1048 61.31 -12.50 25.98
C SER B 1048 60.64 -13.49 25.02
N THR B 1049 61.31 -14.60 24.73
CA THR B 1049 60.78 -15.59 23.82
C THR B 1049 59.82 -16.56 24.54
N VAL B 1050 58.67 -16.78 23.93
CA VAL B 1050 57.67 -17.70 24.46
C VAL B 1050 57.66 -18.89 23.52
N THR B 1051 58.10 -20.04 24.03
CA THR B 1051 58.27 -21.24 23.22
C THR B 1051 57.10 -22.17 23.44
N LEU B 1052 56.31 -22.42 22.38
CA LEU B 1052 55.02 -23.12 22.47
C LEU B 1052 54.98 -24.43 21.67
N THR B 1053 54.90 -25.52 22.42
CA THR B 1053 54.98 -26.86 21.87
C THR B 1053 53.66 -27.21 21.24
N SER B 1054 53.73 -28.05 20.21
CA SER B 1054 52.56 -28.67 19.56
C SER B 1054 52.30 -30.06 20.12
N PRO B 1055 51.02 -30.39 20.45
CA PRO B 1055 50.74 -31.76 20.89
C PRO B 1055 50.26 -32.66 19.75
N GLY B 1056 50.60 -32.33 18.52
CA GLY B 1056 50.07 -33.06 17.36
C GLY B 1056 49.50 -32.12 16.31
N MET B 1057 48.94 -32.74 15.26
CA MET B 1057 48.40 -32.06 14.09
C MET B 1057 46.92 -31.85 14.31
N ASN B 1058 46.59 -31.08 15.33
CA ASN B 1058 45.23 -30.97 15.77
C ASN B 1058 44.99 -29.63 16.45
N TRP B 1059 44.24 -28.79 15.74
CA TRP B 1059 43.87 -27.47 16.20
C TRP B 1059 42.73 -27.43 17.24
N ASN B 1060 42.09 -28.59 17.52
CA ASN B 1060 41.06 -28.66 18.53
C ASN B 1060 41.56 -29.05 19.93
N LEU B 1061 42.89 -29.09 20.11
CA LEU B 1061 43.58 -29.22 21.40
C LEU B 1061 44.25 -27.93 21.84
N TRP B 1062 44.10 -27.65 23.14
CA TRP B 1062 44.59 -26.44 23.76
C TRP B 1062 45.53 -26.82 24.90
N ASN B 1063 46.54 -26.00 25.19
CA ASN B 1063 47.45 -26.24 26.31
C ASN B 1063 47.69 -24.90 26.96
N GLU B 1064 48.28 -24.95 28.14
CA GLU B 1064 48.65 -23.77 28.90
C GLU B 1064 50.16 -23.52 28.77
N HIS B 1065 50.59 -22.30 28.48
CA HIS B 1065 51.98 -21.93 28.64
C HIS B 1065 52.07 -21.06 29.91
N THR B 1066 52.80 -21.56 30.91
CA THR B 1066 53.06 -20.90 32.19
C THR B 1066 54.35 -20.07 32.17
N MET B 1067 54.30 -18.93 32.82
CA MET B 1067 55.46 -18.05 32.89
C MET B 1067 55.14 -17.07 34.00
N THR B 1068 56.09 -16.18 34.24
CA THR B 1068 55.93 -15.13 35.18
C THR B 1068 56.26 -13.81 34.52
N ALA B 1069 55.87 -12.76 35.22
CA ALA B 1069 56.04 -11.41 34.77
C ALA B 1069 56.01 -10.48 35.98
N THR B 1070 56.82 -9.44 35.87
CA THR B 1070 56.93 -8.41 36.86
C THR B 1070 55.96 -7.31 36.43
N LEU B 1071 54.96 -7.04 37.27
CA LEU B 1071 53.93 -6.05 36.97
C LEU B 1071 54.02 -4.88 37.95
N THR B 1072 53.61 -3.69 37.50
CA THR B 1072 53.40 -2.56 38.43
C THR B 1072 51.96 -2.57 38.99
N ALA B 1073 51.71 -1.68 39.96
CA ALA B 1073 50.35 -1.49 40.53
C ALA B 1073 49.54 -0.78 39.46
N GLY B 1074 48.31 -1.25 39.27
CA GLY B 1074 47.42 -0.74 38.23
C GLY B 1074 47.52 -1.43 36.85
N ARG B 1075 47.37 -0.60 35.81
CA ARG B 1075 47.18 -1.06 34.47
C ARG B 1075 48.54 -1.50 34.00
N ASN B 1076 48.61 -2.69 33.40
CA ASN B 1076 49.83 -3.19 32.77
C ASN B 1076 49.45 -3.59 31.37
N THR B 1077 50.42 -3.64 30.47
CA THR B 1077 50.18 -4.21 29.15
C THR B 1077 51.01 -5.49 29.07
N ILE B 1078 50.40 -6.58 28.64
CA ILE B 1078 51.13 -7.82 28.39
C ILE B 1078 50.79 -8.24 26.99
N SER B 1079 51.81 -8.25 26.13
CA SER B 1079 51.60 -8.40 24.72
C SER B 1079 52.27 -9.64 24.17
N PHE B 1080 51.55 -10.34 23.31
CA PHE B 1080 52.10 -11.50 22.61
C PHE B 1080 52.22 -11.32 21.09
N ARG B 1081 53.45 -11.19 20.58
CA ARG B 1081 53.66 -10.71 19.21
C ARG B 1081 54.56 -11.65 18.38
N ARG B 1082 54.25 -11.80 17.10
CA ARG B 1082 55.19 -12.47 16.19
C ARG B 1082 56.19 -11.43 15.67
N ASN B 1083 57.32 -11.20 16.34
CA ASN B 1083 58.43 -10.40 15.76
C ASN B 1083 59.05 -11.22 14.62
N SER B 1084 59.82 -10.63 13.70
CA SER B 1084 60.31 -11.42 12.54
C SER B 1084 61.16 -12.63 12.93
N GLY B 1085 61.83 -12.59 14.09
CA GLY B 1085 62.53 -13.76 14.64
C GLY B 1085 61.63 -14.95 15.00
N ASN B 1086 60.35 -14.67 15.27
CA ASN B 1086 59.41 -15.70 15.72
C ASN B 1086 58.75 -16.41 14.56
N SER B 1087 58.26 -17.62 14.85
CA SER B 1087 57.55 -18.46 13.88
C SER B 1087 56.02 -18.20 13.86
N GLY B 1088 55.42 -17.85 14.99
CA GLY B 1088 53.99 -17.58 15.06
C GLY B 1088 53.13 -18.82 14.85
N ASN B 1089 52.07 -18.69 14.08
CA ASN B 1089 51.24 -19.85 13.73
C ASN B 1089 50.73 -20.62 14.96
N VAL B 1090 50.24 -19.86 15.93
CA VAL B 1090 49.49 -20.44 17.03
C VAL B 1090 48.22 -19.62 17.17
N ASN B 1091 47.25 -20.20 17.88
CA ASN B 1091 45.95 -19.60 18.20
C ASN B 1091 45.96 -19.32 19.71
N LEU B 1092 45.50 -18.15 20.12
CA LEU B 1092 45.43 -17.77 21.54
C LEU B 1092 43.99 -17.57 22.01
N ASP B 1093 43.74 -18.02 23.22
CA ASP B 1093 42.39 -18.10 23.73
C ASP B 1093 42.17 -17.20 24.93
N ARG B 1094 43.10 -17.24 25.88
CA ARG B 1094 42.90 -16.61 27.20
C ARG B 1094 44.21 -16.48 27.97
N LEU B 1095 44.34 -15.36 28.66
CA LEU B 1095 45.45 -15.14 29.59
C LEU B 1095 44.93 -15.19 31.04
N ALA B 1096 45.46 -16.11 31.83
CA ALA B 1096 45.18 -16.14 33.27
C ALA B 1096 46.30 -15.44 34.03
N VAL B 1097 45.95 -14.84 35.16
CA VAL B 1097 46.92 -14.13 35.99
C VAL B 1097 46.62 -14.37 37.48
N SER B 1098 47.68 -14.60 38.25
CA SER B 1098 47.55 -14.88 39.66
C SER B 1098 48.86 -14.59 40.37
N ALA B 1099 48.77 -14.09 41.60
CA ALA B 1099 49.89 -14.04 42.54
C ALA B 1099 50.24 -15.44 43.07
N SER B 1100 49.29 -16.37 43.02
CA SER B 1100 49.44 -17.76 43.51
C SER B 1100 49.51 -18.66 42.30
N ALA B 1101 49.67 -19.96 42.50
CA ALA B 1101 49.76 -20.84 41.34
C ALA B 1101 48.35 -20.96 40.71
N ILE B 1102 48.31 -20.98 39.39
CA ILE B 1102 47.07 -20.97 38.62
C ILE B 1102 46.41 -22.35 38.49
N THR B 1103 45.14 -22.40 38.84
CA THR B 1103 44.31 -23.61 38.73
C THR B 1103 43.19 -23.39 37.71
N THR B 1104 42.38 -24.42 37.48
CA THR B 1104 41.21 -24.36 36.62
C THR B 1104 40.24 -23.24 37.03
N LEU B 1105 39.88 -22.44 36.04
CA LEU B 1105 39.01 -21.25 36.23
C LEU B 1105 37.59 -21.74 36.27
N ALA B 1106 36.79 -21.13 37.15
CA ALA B 1106 35.41 -21.47 37.27
C ALA B 1106 34.63 -21.25 35.94
N SER B 1107 35.11 -20.38 35.06
CA SER B 1107 34.45 -20.10 33.80
C SER B 1107 34.69 -21.16 32.74
N GLU B 1108 35.62 -22.08 32.98
CA GLU B 1108 36.14 -22.93 31.94
C GLU B 1108 35.93 -24.44 32.20
N ARG B 1109 34.97 -24.76 33.06
CA ARG B 1109 34.72 -26.13 33.54
C ARG B 1109 33.91 -26.98 32.60
N ASN B 1110 33.14 -26.39 31.68
CA ASN B 1110 32.43 -27.19 30.72
C ASN B 1110 33.44 -27.93 29.82
N LEU B 1111 33.31 -29.27 29.73
CA LEU B 1111 34.21 -30.05 28.89
C LEU B 1111 33.62 -30.23 27.52
N LEU B 1112 32.35 -29.81 27.30
CA LEU B 1112 31.75 -29.90 25.96
C LEU B 1112 32.13 -28.70 25.08
N ASP B 1113 32.24 -28.96 23.78
CA ASP B 1113 32.37 -27.96 22.74
C ASP B 1113 31.00 -27.48 22.29
N ASN B 1114 30.85 -26.17 22.14
CA ASN B 1114 29.56 -25.59 21.69
C ASN B 1114 28.36 -26.13 22.42
N GLY B 1115 28.48 -26.27 23.73
CA GLY B 1115 27.38 -26.85 24.53
C GLY B 1115 26.16 -25.97 24.60
N ASP B 1116 26.40 -24.66 24.37
CA ASP B 1116 25.35 -23.65 24.42
C ASP B 1116 24.81 -23.32 23.01
N PHE B 1117 25.38 -23.98 21.99
CA PHE B 1117 25.01 -23.81 20.61
C PHE B 1117 25.17 -22.37 20.07
N GLU B 1118 26.08 -21.59 20.69
CA GLU B 1118 26.25 -20.19 20.38
C GLU B 1118 27.13 -19.90 19.19
N ARG B 1119 27.89 -20.87 18.75
CA ARG B 1119 28.73 -20.70 17.59
C ARG B 1119 27.87 -20.34 16.36
N ASP B 1120 28.46 -19.52 15.51
CA ASP B 1120 27.92 -19.21 14.20
C ASP B 1120 27.78 -20.52 13.43
N THR B 1121 26.59 -20.79 12.94
CA THR B 1121 26.26 -22.05 12.28
C THR B 1121 27.02 -22.32 10.97
N THR B 1122 27.72 -21.32 10.44
CA THR B 1122 28.69 -21.53 9.35
C THR B 1122 29.78 -22.47 9.80
N TYR B 1123 30.09 -22.49 11.09
CA TYR B 1123 31.12 -23.37 11.61
C TYR B 1123 30.55 -24.58 12.33
N ASN B 1124 31.20 -25.71 12.12
CA ASN B 1124 30.84 -26.95 12.80
C ASN B 1124 31.39 -26.98 14.26
N SER B 1125 30.96 -28.01 14.98
CA SER B 1125 31.41 -28.30 16.33
C SER B 1125 31.55 -29.80 16.52
N ASN B 1126 31.98 -30.19 17.72
CA ASN B 1126 32.13 -31.58 18.09
C ASN B 1126 30.81 -32.32 18.29
N TRP B 1127 29.68 -31.62 18.18
CA TRP B 1127 28.38 -32.30 18.03
C TRP B 1127 28.32 -33.08 16.71
N THR B 1128 27.61 -34.19 16.75
CA THR B 1128 27.32 -35.01 15.60
C THR B 1128 25.82 -35.25 15.67
N GLN B 1129 25.25 -35.71 14.57
CA GLN B 1129 23.83 -35.91 14.54
C GLN B 1129 23.52 -37.23 13.86
N TRP B 1130 22.36 -37.79 14.18
CA TRP B 1130 21.92 -39.03 13.57
C TRP B 1130 20.42 -38.94 13.37
N GLN B 1131 19.96 -39.47 12.23
CA GLN B 1131 18.54 -39.72 11.97
C GLN B 1131 18.41 -41.03 11.17
N PRO B 1132 17.22 -41.66 11.13
CA PRO B 1132 17.15 -42.89 10.34
C PRO B 1132 17.56 -42.60 8.89
N SER B 1133 18.13 -43.60 8.21
CA SER B 1133 18.64 -43.38 6.86
C SER B 1133 17.43 -43.11 5.91
N GLY B 1134 17.65 -42.28 4.90
CA GLY B 1134 16.55 -41.73 4.10
C GLY B 1134 15.51 -40.81 4.77
N GLN B 1135 15.71 -40.43 6.04
CA GLN B 1135 14.85 -39.41 6.66
C GLN B 1135 15.62 -38.08 6.71
N PRO B 1136 15.00 -36.98 6.23
CA PRO B 1136 15.69 -35.71 6.43
C PRO B 1136 15.92 -35.38 7.93
N SER B 1137 17.05 -34.73 8.21
CA SER B 1137 17.37 -34.17 9.53
C SER B 1137 16.22 -33.35 10.04
N ALA B 1138 15.86 -33.56 11.31
CA ALA B 1138 14.91 -32.72 12.05
C ALA B 1138 15.62 -31.74 13.00
N PHE B 1139 16.95 -31.70 12.87
CA PHE B 1139 17.83 -30.92 13.77
C PHE B 1139 18.35 -29.63 13.14
N GLY B 1140 18.30 -28.53 13.89
CA GLY B 1140 19.06 -27.34 13.53
C GLY B 1140 19.35 -26.46 14.70
N ILE B 1141 19.96 -25.30 14.44
CA ILE B 1141 20.21 -24.28 15.45
C ILE B 1141 19.86 -22.92 14.87
N ASP B 1142 18.98 -22.18 15.55
CA ASP B 1142 18.82 -20.74 15.31
C ASP B 1142 18.23 -20.12 16.57
N SER B 1143 17.65 -18.91 16.50
CA SER B 1143 17.27 -18.16 17.70
C SER B 1143 15.81 -18.18 18.04
N GLY B 1144 15.01 -18.86 17.21
CA GLY B 1144 13.55 -18.83 17.33
C GLY B 1144 12.87 -17.45 17.32
N ASN B 1145 13.51 -16.46 16.71
CA ASN B 1145 12.99 -15.07 16.71
C ASN B 1145 12.09 -14.82 15.48
N ALA B 1146 12.13 -15.73 14.48
CA ALA B 1146 11.19 -15.71 13.36
C ALA B 1146 9.74 -16.08 13.79
N LEU B 1147 9.57 -16.72 14.92
CA LEU B 1147 8.26 -17.19 15.38
C LEU B 1147 7.56 -16.03 16.10
N HIS B 1148 6.22 -16.07 16.09
CA HIS B 1148 5.35 -15.07 16.76
C HIS B 1148 4.31 -15.81 17.58
N PRO B 1149 4.34 -15.66 18.92
CA PRO B 1149 5.43 -15.04 19.72
C PRO B 1149 6.76 -15.82 19.63
N PRO B 1150 7.88 -15.18 19.98
CA PRO B 1150 9.18 -15.86 19.81
C PRO B 1150 9.40 -17.04 20.77
N GLU B 1151 10.07 -18.10 20.31
CA GLU B 1151 10.43 -19.22 21.16
C GLU B 1151 11.95 -19.20 21.30
N GLY B 1152 12.40 -18.49 22.32
CA GLY B 1152 13.79 -18.08 22.42
C GLY B 1152 14.78 -19.17 22.82
N PRO B 1153 16.02 -18.75 23.12
CA PRO B 1153 17.03 -19.63 23.71
C PRO B 1153 16.91 -19.63 25.21
N ALA B 1154 17.53 -20.59 25.88
CA ALA B 1154 17.63 -20.53 27.36
C ALA B 1154 18.58 -19.41 27.80
N ARG B 1155 19.74 -19.35 27.15
CA ARG B 1155 20.75 -18.34 27.39
C ARG B 1155 21.26 -17.79 26.07
N ARG B 1156 21.59 -16.50 26.10
CA ARG B 1156 22.24 -15.85 24.96
C ARG B 1156 21.38 -15.87 23.69
N ASN B 1157 21.90 -16.34 22.54
CA ASN B 1157 21.31 -16.05 21.22
C ASN B 1157 20.72 -17.25 20.51
N GLN B 1158 21.16 -18.45 20.84
CA GLN B 1158 20.90 -19.62 20.01
C GLN B 1158 20.50 -20.84 20.88
N ARG B 1159 19.70 -21.73 20.29
CA ARG B 1159 19.34 -23.00 20.91
C ARG B 1159 19.11 -24.04 19.83
N ALA B 1160 19.46 -25.30 20.11
CA ALA B 1160 19.21 -26.34 19.11
C ALA B 1160 17.74 -26.66 19.13
N TYR B 1161 17.21 -27.08 18.00
CA TYR B 1161 15.88 -27.63 17.95
C TYR B 1161 15.82 -29.04 17.26
N PHE B 1162 14.84 -29.84 17.69
CA PHE B 1162 14.36 -30.99 16.90
C PHE B 1162 12.94 -30.61 16.52
N HIS B 1163 12.65 -30.67 15.21
CA HIS B 1163 11.28 -30.51 14.73
C HIS B 1163 11.07 -31.04 13.33
N SER B 1164 9.90 -31.66 13.17
CA SER B 1164 9.38 -32.05 11.86
C SER B 1164 7.85 -32.15 11.89
N ASP B 1165 7.24 -31.90 10.74
CA ASP B 1165 5.82 -32.03 10.51
C ASP B 1165 5.45 -33.48 10.17
N ASN B 1166 6.45 -34.31 9.87
CA ASN B 1166 6.28 -35.75 9.76
C ASN B 1166 6.83 -36.44 11.03
N ALA B 1167 6.33 -37.64 11.32
CA ALA B 1167 7.01 -38.57 12.22
C ALA B 1167 8.52 -38.55 11.97
N TYR B 1168 9.28 -38.57 13.06
CA TYR B 1168 10.75 -38.51 12.99
C TYR B 1168 11.44 -39.10 14.21
N GLN B 1169 12.69 -39.48 13.99
CA GLN B 1169 13.61 -39.82 15.06
C GLN B 1169 14.83 -38.92 14.87
N GLN B 1170 15.46 -38.50 15.95
CA GLN B 1170 16.59 -37.60 15.81
C GLN B 1170 17.37 -37.65 17.07
N SER B 1171 18.67 -37.56 16.92
CA SER B 1171 19.56 -37.41 18.06
C SER B 1171 20.66 -36.47 17.67
N ILE B 1172 21.27 -35.90 18.69
CA ILE B 1172 22.61 -35.35 18.61
C ILE B 1172 23.47 -35.99 19.69
N HIS B 1173 24.76 -36.04 19.44
CA HIS B 1173 25.70 -36.68 20.37
C HIS B 1173 26.99 -35.88 20.40
N GLN B 1174 27.70 -35.93 21.51
CA GLN B 1174 29.01 -35.36 21.57
C GLN B 1174 29.85 -36.26 22.47
N VAL B 1175 31.01 -36.71 21.98
CA VAL B 1175 31.91 -37.54 22.77
C VAL B 1175 33.14 -36.75 23.11
N VAL B 1176 33.49 -36.70 24.40
CA VAL B 1176 34.72 -36.08 24.86
C VAL B 1176 35.55 -37.03 25.76
N ASP B 1177 36.88 -36.95 25.62
CA ASP B 1177 37.83 -37.50 26.59
C ASP B 1177 37.83 -36.58 27.81
N VAL B 1178 37.56 -37.14 28.98
CA VAL B 1178 37.58 -36.41 30.23
C VAL B 1178 39.03 -36.16 30.64
N PRO B 1179 39.27 -35.07 31.40
CA PRO B 1179 40.64 -34.78 31.85
C PRO B 1179 41.13 -35.71 33.00
N VAL B 1180 40.25 -36.18 33.88
CA VAL B 1180 40.64 -37.12 34.94
C VAL B 1180 39.76 -38.38 34.89
N ASN B 1181 40.34 -39.49 34.43
CA ASN B 1181 39.63 -40.78 34.44
C ASN B 1181 39.46 -41.29 35.86
N ASN B 1182 38.56 -42.25 36.08
CA ASN B 1182 38.23 -42.79 37.42
C ASN B 1182 37.70 -41.72 38.34
N ALA B 1183 36.80 -40.90 37.82
CA ALA B 1183 36.25 -39.81 38.60
C ALA B 1183 34.81 -39.58 38.17
N THR B 1184 34.09 -38.86 39.01
CA THR B 1184 32.69 -38.58 38.80
C THR B 1184 32.45 -37.29 38.01
N TYR B 1185 31.46 -37.35 37.09
CA TYR B 1185 31.06 -36.24 36.24
C TYR B 1185 29.52 -36.01 36.27
N ARG B 1186 29.10 -34.90 35.66
CA ARG B 1186 27.76 -34.42 35.81
C ARG B 1186 27.37 -33.76 34.50
N LEU B 1187 26.16 -34.09 34.04
CA LEU B 1187 25.63 -33.56 32.79
C LEU B 1187 24.47 -32.72 33.20
N GLU B 1188 24.37 -31.54 32.59
CA GLU B 1188 23.29 -30.58 32.92
C GLU B 1188 22.87 -29.89 31.62
N ALA B 1189 21.58 -29.64 31.46
CA ALA B 1189 21.10 -28.94 30.27
C ALA B 1189 19.79 -28.31 30.53
N LYS B 1190 19.43 -27.40 29.63
CA LYS B 1190 18.12 -26.82 29.58
C LYS B 1190 17.33 -27.46 28.47
N VAL B 1191 16.10 -27.88 28.76
CA VAL B 1191 15.27 -28.46 27.71
C VAL B 1191 13.85 -27.90 27.74
N ARG B 1192 13.28 -27.75 26.53
CA ARG B 1192 11.90 -27.34 26.41
C ARG B 1192 11.22 -28.13 25.34
N MET B 1193 10.06 -28.65 25.67
CA MET B 1193 9.27 -29.45 24.71
C MET B 1193 7.87 -28.87 24.57
N LYS B 1194 7.37 -28.76 23.33
CA LYS B 1194 5.96 -28.43 23.09
C LYS B 1194 5.33 -29.25 21.95
N ASN B 1195 4.00 -29.10 21.81
CA ASN B 1195 3.22 -29.71 20.74
C ASN B 1195 3.09 -31.21 21.06
N THR B 1196 3.21 -32.08 20.09
CA THR B 1196 2.70 -33.44 20.24
C THR B 1196 3.61 -34.26 21.17
N THR B 1197 3.03 -34.94 22.14
CA THR B 1197 3.81 -35.80 23.02
C THR B 1197 4.53 -36.89 22.20
N PRO B 1198 5.86 -36.97 22.31
CA PRO B 1198 6.60 -37.91 21.54
C PRO B 1198 6.53 -39.31 22.17
N THR B 1199 6.88 -40.34 21.39
CA THR B 1199 6.97 -41.73 21.88
C THR B 1199 8.09 -41.87 22.96
N THR B 1200 9.24 -41.28 22.67
CA THR B 1200 10.39 -41.27 23.55
C THR B 1200 11.17 -39.99 23.35
N ALA B 1201 11.69 -39.45 24.47
CA ALA B 1201 12.46 -38.19 24.46
C ALA B 1201 13.23 -38.07 25.76
N ARG B 1202 14.54 -37.93 25.61
CA ARG B 1202 15.43 -38.04 26.77
C ARG B 1202 16.81 -37.49 26.51
N ALA B 1203 17.47 -37.11 27.60
CA ALA B 1203 18.93 -36.93 27.64
C ALA B 1203 19.64 -38.29 27.86
N GLU B 1204 20.86 -38.44 27.37
CA GLU B 1204 21.56 -39.75 27.42
C GLU B 1204 23.02 -39.59 27.79
N VAL B 1205 23.50 -40.35 28.77
CA VAL B 1205 24.94 -40.49 29.02
C VAL B 1205 25.41 -41.93 28.76
N GLN B 1206 26.51 -42.07 28.02
CA GLN B 1206 27.02 -43.40 27.64
C GLN B 1206 28.48 -43.44 27.23
N GLY B 1207 29.04 -44.66 27.16
CA GLY B 1207 30.40 -44.89 26.73
C GLY B 1207 31.37 -44.60 27.86
N HIS B 1208 30.81 -44.47 29.06
CA HIS B 1208 31.57 -44.00 30.20
C HIS B 1208 32.20 -45.13 31.01
N GLY B 1209 31.88 -46.40 30.67
CA GLY B 1209 32.32 -47.55 31.45
C GLY B 1209 31.17 -48.29 32.08
N GLY B 1210 30.04 -47.61 32.25
CA GLY B 1210 28.85 -48.19 32.83
C GLY B 1210 27.80 -48.30 31.75
N SER B 1211 26.63 -48.78 32.16
CA SER B 1211 25.48 -48.85 31.25
C SER B 1211 24.88 -47.42 31.08
N PRO B 1212 24.17 -47.20 29.94
CA PRO B 1212 23.58 -45.87 29.65
C PRO B 1212 22.63 -45.31 30.73
N ILE B 1213 22.75 -44.02 30.97
CA ILE B 1213 21.88 -43.30 31.91
C ILE B 1213 20.98 -42.38 31.06
N TYR B 1214 19.69 -42.45 31.35
CA TYR B 1214 18.66 -41.77 30.60
C TYR B 1214 17.90 -40.85 31.56
N ALA B 1215 17.54 -39.64 31.11
CA ALA B 1215 16.65 -38.71 31.87
C ALA B 1215 15.56 -38.27 30.90
N ASN B 1216 14.34 -38.73 31.16
CA ASN B 1216 13.25 -38.50 30.24
C ASN B 1216 12.83 -37.05 30.31
N ILE B 1217 12.42 -36.53 29.17
CA ILE B 1217 12.02 -35.15 29.05
C ILE B 1217 10.55 -35.21 28.78
N SER B 1218 9.74 -34.51 29.57
CA SER B 1218 8.28 -34.60 29.47
C SER B 1218 7.68 -33.27 29.00
N ASN B 1219 6.48 -33.35 28.44
CA ASN B 1219 5.93 -32.28 27.60
C ASN B 1219 5.35 -31.16 28.45
N ASP B 1220 5.99 -29.99 28.44
CA ASP B 1220 5.52 -28.90 29.30
C ASP B 1220 5.15 -27.58 28.65
N GLY B 1221 5.88 -27.14 27.63
CA GLY B 1221 5.70 -25.79 27.04
C GLY B 1221 6.90 -24.91 27.37
N VAL B 1222 7.68 -25.29 28.39
CA VAL B 1222 8.62 -24.39 29.07
C VAL B 1222 10.01 -24.97 29.30
N TRP B 1223 10.96 -24.07 29.56
CA TRP B 1223 12.35 -24.41 29.81
C TRP B 1223 12.45 -25.11 31.14
N LYS B 1224 13.13 -26.25 31.15
CA LYS B 1224 13.39 -27.04 32.33
C LYS B 1224 14.85 -27.42 32.38
N THR B 1225 15.40 -27.48 33.59
CA THR B 1225 16.76 -27.99 33.77
C THR B 1225 16.68 -29.51 33.89
N ILE B 1226 17.65 -30.18 33.30
CA ILE B 1226 17.75 -31.63 33.36
C ILE B 1226 19.13 -32.02 33.86
N VAL B 1227 19.19 -32.93 34.83
CA VAL B 1227 20.44 -33.34 35.41
C VAL B 1227 20.67 -34.88 35.34
N ILE B 1228 21.90 -35.27 35.04
CA ILE B 1228 22.38 -36.63 35.24
C ILE B 1228 23.72 -36.47 35.98
N ASP B 1229 23.66 -36.79 37.29
CA ASP B 1229 24.77 -36.72 38.24
C ASP B 1229 25.43 -38.12 38.40
N ASN B 1230 26.49 -38.15 39.20
CA ASN B 1230 27.19 -39.39 39.58
C ASN B 1230 27.51 -40.24 38.35
N ILE B 1231 28.15 -39.64 37.36
CA ILE B 1231 28.58 -40.39 36.20
C ILE B 1231 29.98 -40.91 36.55
N ASN B 1232 30.08 -42.21 36.79
CA ASN B 1232 31.36 -42.78 37.19
C ASN B 1232 32.17 -43.23 35.99
N VAL B 1233 33.04 -42.34 35.55
CA VAL B 1233 33.77 -42.54 34.32
C VAL B 1233 34.99 -43.38 34.62
N THR B 1234 35.10 -44.48 33.86
CA THR B 1234 36.26 -45.37 33.92
C THR B 1234 36.85 -45.66 32.57
N SER B 1235 36.10 -45.46 31.48
CA SER B 1235 36.67 -45.62 30.14
C SER B 1235 37.54 -44.45 29.71
N GLY B 1236 37.60 -43.39 30.50
CA GLY B 1236 38.34 -42.19 30.08
C GLY B 1236 37.65 -41.30 29.04
N SER B 1237 36.35 -41.52 28.79
CA SER B 1237 35.58 -40.63 27.90
C SER B 1237 34.03 -40.70 28.12
N VAL B 1238 33.27 -39.69 27.66
CA VAL B 1238 31.79 -39.67 27.83
C VAL B 1238 31.15 -39.21 26.54
N ASP B 1239 30.03 -39.87 26.18
CA ASP B 1239 29.13 -39.50 25.09
C ASP B 1239 27.87 -38.92 25.76
N VAL B 1240 27.58 -37.65 25.47
CA VAL B 1240 26.32 -37.03 25.92
C VAL B 1240 25.48 -36.78 24.70
N GLY B 1241 24.17 -36.88 24.88
CA GLY B 1241 23.27 -36.83 23.76
C GLY B 1241 21.82 -36.61 24.11
N PHE B 1242 21.03 -36.33 23.08
CA PHE B 1242 19.59 -36.19 23.21
C PHE B 1242 18.92 -36.93 22.08
N TYR B 1243 17.78 -37.57 22.38
CA TYR B 1243 17.09 -38.44 21.41
C TYR B 1243 15.60 -38.21 21.45
N VAL B 1244 14.98 -38.05 20.27
CA VAL B 1244 13.51 -37.97 20.17
C VAL B 1244 13.01 -38.96 19.14
N ASP B 1245 11.95 -39.69 19.52
CA ASP B 1245 11.17 -40.56 18.65
C ASP B 1245 9.76 -39.96 18.75
N SER B 1246 9.27 -39.38 17.64
CA SER B 1246 8.00 -38.60 17.62
C SER B 1246 7.07 -39.05 16.49
N PRO B 1247 5.74 -39.07 16.72
CA PRO B 1247 4.83 -39.31 15.61
C PRO B 1247 4.65 -38.12 14.67
N GLY B 1248 5.18 -36.94 15.03
CA GLY B 1248 5.22 -35.77 14.17
C GLY B 1248 4.77 -34.56 14.94
N TYR B 1249 5.28 -33.40 14.52
CA TYR B 1249 5.01 -32.13 15.19
C TYR B 1249 5.46 -32.08 16.67
N THR B 1250 6.43 -32.92 17.10
CA THR B 1250 7.09 -32.71 18.39
C THR B 1250 8.23 -31.71 18.17
N THR B 1251 8.27 -30.71 19.03
CA THR B 1251 9.34 -29.75 19.08
C THR B 1251 10.12 -29.88 20.39
N LEU B 1252 11.44 -30.07 20.26
CA LEU B 1252 12.36 -30.08 21.38
C LEU B 1252 13.38 -28.97 21.15
N HIS B 1253 13.59 -28.15 22.18
CA HIS B 1253 14.69 -27.20 22.24
C HIS B 1253 15.65 -27.67 23.32
N ILE B 1254 16.93 -27.58 23.00
CA ILE B 1254 17.97 -27.94 23.88
C ILE B 1254 18.95 -26.76 23.92
N ASP B 1255 19.38 -26.41 25.11
CA ASP B 1255 20.37 -25.36 25.30
C ASP B 1255 21.26 -25.53 26.58
N GLU B 1256 22.43 -24.91 26.56
CA GLU B 1256 23.29 -24.76 27.76
C GLU B 1256 23.68 -26.10 28.35
N VAL B 1257 24.15 -26.98 27.47
CA VAL B 1257 24.51 -28.31 27.88
C VAL B 1257 25.88 -28.17 28.49
N THR B 1258 26.08 -28.75 29.67
CA THR B 1258 27.40 -28.73 30.30
C THR B 1258 27.70 -30.08 30.86
N LEU B 1259 28.95 -30.49 30.65
CA LEU B 1259 29.59 -31.63 31.29
C LEU B 1259 30.73 -31.14 32.15
N THR B 1260 30.64 -31.45 33.43
CA THR B 1260 31.60 -30.97 34.43
C THR B 1260 31.95 -32.06 35.45
N ARG B 1261 33.20 -31.98 35.95
CA ARG B 1261 33.69 -32.74 37.09
C ARG B 1261 32.75 -32.55 38.30
N ALA B 1262 32.30 -33.64 38.93
CA ALA B 1262 31.18 -33.58 39.90
C ALA B 1262 31.61 -32.73 41.08
N PRO B 1263 30.90 -31.57 41.34
CA PRO B 1263 31.31 -30.75 42.50
C PRO B 1263 31.05 -31.47 43.82
#